data_5XIH
#
_entry.id   5XIH
#
_cell.length_a   76.710
_cell.length_b   90.763
_cell.length_c   93.034
_cell.angle_alpha   89.710
_cell.angle_beta   80.580
_cell.angle_gamma   75.770
#
_symmetry.space_group_name_H-M   'P 1'
#
loop_
_entity.id
_entity.type
_entity.pdbx_description
1 polymer 'Prolyl-tRNA synthetase (ProRS)'
2 non-polymer 'PHOSPHOAMINOPHOSPHONIC ACID-ADENYLATE ESTER'
3 non-polymer 'MAGNESIUM ION'
4 non-polymer 6,7-bis(fluoranyl)-3-[3-[(2R)-3-oxidanylidenepiperidin-2-yl]propyl]quinazolin-4-one
5 non-polymer 'CHLORIDE ION'
6 water water
#
_entity_poly.entity_id   1
_entity_poly.type   'polypeptide(L)'
_entity_poly.pdbx_seq_one_letter_code
;GAMVTAKKDENFSEWYTQAIVRSEMIEYYDISGCYIMRPWAFHIWEKVQRFFDDEIKKMGVENSYFPMFVSRHKLEKEKD
HVEGFSPEVAWVTHYGDSPLPEKIAIRPTSETIMYPAYAKWIRSHRDLPLKLNQWCSVVRWEFKQPTPFLRTREFLWQEG
HTAHATEEEAWELVLDILELYRRWYEECLAVPVIKGEKSEGEKFAGGKKTTTVEAFIPENGRGIQAATSHLLGTNFAKMF
EIEFEDEEGHKRLVHQTSWGCTTRSLGVMIMTHGDDKGLVIPPRVASVQVVIIPILFKDENTGEILGKCRELKTMLEKAD
IRVRIDDRSNYTPGWKYNHWEVKGVPLRLELGPKDLAKGTARVVRRDTGEAYQISWADLAPKLLELMEGIQRSLFEKAKA
RLHEGIEKISTFDEVMPALNRKHLVLAPWCEDPESEEQIKKETQKLSEIQAIEAGDSEQVMTGAMKTLCIPFDQPPMPEG
TKCFYTGKPAKRWTLWGRSY
;
_entity_poly.pdbx_strand_id   A,B,C,D
#
# COMPACT_ATOMS: atom_id res chain seq x y z
N MET A 3 19.18 -41.58 5.49
CA MET A 3 20.41 -41.04 6.19
C MET A 3 20.80 -39.59 5.81
N VAL A 4 21.34 -38.83 6.78
CA VAL A 4 21.98 -37.53 6.49
C VAL A 4 23.43 -37.78 6.01
N THR A 5 23.84 -37.21 4.87
CA THR A 5 25.19 -37.46 4.29
C THR A 5 26.05 -36.19 4.26
N ALA A 6 25.45 -35.00 4.18
CA ALA A 6 26.24 -33.78 4.21
C ALA A 6 26.80 -33.66 5.62
N LYS A 7 28.09 -33.37 5.76
CA LYS A 7 28.69 -33.18 7.10
C LYS A 7 28.33 -31.80 7.67
N LYS A 8 27.94 -31.76 8.94
CA LYS A 8 27.51 -30.49 9.56
C LYS A 8 28.59 -29.38 9.53
N ASP A 9 29.84 -29.73 9.85
CA ASP A 9 30.93 -28.74 9.76
C ASP A 9 31.35 -28.34 8.33
N GLU A 10 31.36 -29.28 7.38
CA GLU A 10 31.85 -29.04 6.01
C GLU A 10 30.83 -28.45 5.02
N ASN A 11 29.59 -28.94 5.04
CA ASN A 11 28.57 -28.34 4.18
C ASN A 11 27.29 -28.06 5.01
N PHE A 12 27.37 -27.03 5.83
CA PHE A 12 26.36 -26.73 6.85
C PHE A 12 24.97 -26.49 6.24
N SER A 13 24.92 -25.71 5.17
CA SER A 13 23.63 -25.40 4.50
C SER A 13 22.91 -26.63 4.01
N GLU A 14 23.65 -27.59 3.45
CA GLU A 14 23.00 -28.80 2.94
C GLU A 14 22.68 -29.76 4.10
N TRP A 15 23.55 -29.77 5.11
CA TRP A 15 23.25 -30.52 6.32
C TRP A 15 21.89 -30.05 6.88
N TYR A 16 21.70 -28.74 6.99
CA TYR A 16 20.46 -28.19 7.58
C TYR A 16 19.25 -28.65 6.80
N THR A 17 19.29 -28.44 5.48
CA THR A 17 18.18 -28.84 4.61
C THR A 17 17.89 -30.33 4.77
N GLN A 18 18.94 -31.14 4.72
CA GLN A 18 18.77 -32.59 4.88
C GLN A 18 18.16 -32.95 6.24
N ALA A 19 18.66 -32.33 7.30
CA ALA A 19 18.20 -32.71 8.64
C ALA A 19 16.70 -32.38 8.78
N ILE A 20 16.27 -31.21 8.33
CA ILE A 20 14.85 -30.83 8.56
C ILE A 20 13.88 -31.58 7.64
N VAL A 21 14.33 -31.93 6.45
CA VAL A 21 13.46 -32.70 5.53
C VAL A 21 13.44 -34.17 5.87
N ARG A 22 14.59 -34.76 6.17
CA ARG A 22 14.64 -36.23 6.37
C ARG A 22 14.13 -36.66 7.75
N SER A 23 14.15 -35.74 8.70
CA SER A 23 13.48 -35.93 9.99
C SER A 23 11.98 -35.77 9.90
N GLU A 24 11.50 -35.34 8.72
CA GLU A 24 10.06 -35.06 8.52
C GLU A 24 9.55 -33.88 9.39
N MET A 25 10.37 -32.85 9.59
CA MET A 25 9.95 -31.64 10.26
C MET A 25 9.28 -30.67 9.30
N ILE A 26 9.85 -30.54 8.11
CA ILE A 26 9.55 -29.52 7.14
C ILE A 26 9.22 -30.13 5.78
N GLU A 27 8.16 -29.65 5.13
CA GLU A 27 7.89 -29.99 3.74
C GLU A 27 7.95 -28.74 2.90
N TYR A 28 8.64 -28.88 1.78
CA TYR A 28 8.86 -27.72 0.93
C TYR A 28 7.58 -27.33 0.20
N TYR A 29 7.55 -26.14 -0.35
CA TYR A 29 6.28 -25.57 -0.75
C TYR A 29 6.50 -24.57 -1.86
N ASP A 30 5.47 -24.37 -2.70
CA ASP A 30 5.73 -23.70 -3.96
C ASP A 30 5.78 -22.19 -3.80
N ILE A 31 5.28 -21.66 -2.69
CA ILE A 31 5.40 -20.21 -2.45
C ILE A 31 6.68 -19.91 -1.68
N SER A 32 7.49 -19.05 -2.24
CA SER A 32 8.81 -18.81 -1.72
C SER A 32 8.79 -18.26 -0.28
N GLY A 33 9.71 -18.78 0.54
CA GLY A 33 9.84 -18.40 1.95
C GLY A 33 8.74 -18.95 2.86
N CYS A 34 7.90 -19.84 2.32
CA CYS A 34 6.85 -20.51 3.10
C CYS A 34 7.12 -22.03 3.10
N TYR A 35 6.94 -22.68 4.26
CA TYR A 35 7.29 -24.09 4.42
C TYR A 35 6.20 -24.72 5.23
N ILE A 36 5.89 -25.97 4.96
CA ILE A 36 4.97 -26.71 5.81
C ILE A 36 5.69 -27.18 7.06
N MET A 37 5.06 -26.98 8.22
CA MET A 37 5.58 -27.55 9.44
C MET A 37 4.80 -28.79 9.78
N ARG A 38 5.46 -29.92 9.67
CA ARG A 38 4.87 -31.22 10.00
C ARG A 38 4.96 -31.42 11.51
N PRO A 39 4.21 -32.41 12.05
CA PRO A 39 4.06 -32.63 13.48
C PRO A 39 5.38 -32.72 14.21
N TRP A 40 6.42 -33.34 13.61
CA TRP A 40 7.68 -33.51 14.29
C TRP A 40 8.27 -32.14 14.66
N ALA A 41 8.09 -31.14 13.82
CA ALA A 41 8.52 -29.80 14.19
C ALA A 41 7.41 -29.12 15.01
N PHE A 42 6.17 -29.23 14.55
CA PHE A 42 5.09 -28.48 15.17
C PHE A 42 4.93 -28.81 16.67
N HIS A 43 5.17 -30.07 17.05
CA HIS A 43 5.03 -30.47 18.46
C HIS A 43 5.93 -29.63 19.36
N ILE A 44 7.11 -29.33 18.86
CA ILE A 44 8.07 -28.54 19.61
C ILE A 44 7.58 -27.11 19.82
N TRP A 45 6.99 -26.54 18.76
CA TRP A 45 6.29 -25.27 18.86
C TRP A 45 5.19 -25.30 19.91
N GLU A 46 4.35 -26.34 19.94
CA GLU A 46 3.30 -26.42 20.97
C GLU A 46 3.95 -26.46 22.37
N LYS A 47 5.10 -27.13 22.48
CA LYS A 47 5.76 -27.21 23.78
C LYS A 47 6.25 -25.84 24.30
N VAL A 48 6.99 -25.08 23.47
CA VAL A 48 7.47 -23.78 23.92
C VAL A 48 6.30 -22.76 24.09
N GLN A 49 5.29 -22.89 23.24
CA GLN A 49 4.11 -22.07 23.37
C GLN A 49 3.39 -22.31 24.72
N ARG A 50 3.19 -23.57 25.09
CA ARG A 50 2.55 -23.90 26.34
C ARG A 50 3.40 -23.35 27.48
N PHE A 51 4.71 -23.55 27.43
CA PHE A 51 5.58 -22.97 28.44
C PHE A 51 5.47 -21.43 28.54
N PHE A 52 5.63 -20.72 27.41
CA PHE A 52 5.67 -19.26 27.48
C PHE A 52 4.30 -18.70 27.91
N ASP A 53 3.25 -19.33 27.40
CA ASP A 53 1.89 -18.91 27.67
C ASP A 53 1.51 -19.06 29.19
N ASP A 54 1.80 -20.25 29.75
CA ASP A 54 1.65 -20.47 31.19
C ASP A 54 2.39 -19.40 31.99
N GLU A 55 3.63 -19.09 31.62
CA GLU A 55 4.38 -18.06 32.32
C GLU A 55 3.80 -16.63 32.23
N ILE A 56 3.40 -16.20 31.03
CA ILE A 56 2.87 -14.84 30.95
C ILE A 56 1.52 -14.76 31.62
N LYS A 57 0.77 -15.87 31.63
CA LYS A 57 -0.49 -15.83 32.35
C LYS A 57 -0.24 -15.60 33.84
N LYS A 58 0.86 -16.14 34.39
CA LYS A 58 1.20 -15.89 35.83
C LYS A 58 1.42 -14.40 36.04
N MET A 59 1.92 -13.70 35.03
CA MET A 59 2.16 -12.25 35.18
C MET A 59 0.89 -11.41 34.99
N GLY A 60 -0.25 -12.04 34.72
CA GLY A 60 -1.50 -11.32 34.41
C GLY A 60 -1.65 -10.90 32.94
N VAL A 61 -0.84 -11.45 32.06
CA VAL A 61 -1.00 -11.11 30.64
C VAL A 61 -2.16 -11.93 30.11
N GLU A 62 -3.02 -11.35 29.30
CA GLU A 62 -4.15 -12.10 28.79
C GLU A 62 -4.09 -12.15 27.29
N ASN A 63 -4.53 -13.27 26.75
CA ASN A 63 -4.54 -13.53 25.34
C ASN A 63 -5.77 -12.92 24.65
N SER A 64 -5.62 -12.63 23.35
CA SER A 64 -6.63 -11.96 22.55
C SER A 64 -6.37 -12.36 21.12
N TYR A 65 -7.23 -11.93 20.21
CA TYR A 65 -6.95 -12.13 18.81
C TYR A 65 -7.42 -10.92 18.03
N PHE A 66 -6.47 -10.15 17.50
CA PHE A 66 -6.78 -9.01 16.65
C PHE A 66 -6.73 -9.46 15.18
N PRO A 67 -7.44 -8.76 14.30
CA PRO A 67 -7.53 -9.21 12.89
C PRO A 67 -6.19 -9.17 12.15
N MET A 68 -6.05 -10.09 11.23
CA MET A 68 -4.86 -10.11 10.41
C MET A 68 -4.87 -8.98 9.34
N PHE A 69 -5.97 -8.26 9.18
CA PHE A 69 -6.01 -7.23 8.14
C PHE A 69 -5.95 -5.87 8.76
N VAL A 70 -5.18 -4.99 8.14
CA VAL A 70 -5.15 -3.61 8.55
C VAL A 70 -5.31 -2.75 7.28
N SER A 71 -6.19 -1.75 7.37
CA SER A 71 -6.42 -0.83 6.27
C SER A 71 -5.15 -0.04 5.99
N ARG A 72 -5.00 0.37 4.73
CA ARG A 72 -3.86 1.13 4.28
C ARG A 72 -3.70 2.38 5.12
N HIS A 73 -4.81 3.10 5.34
CA HIS A 73 -4.81 4.34 6.12
C HIS A 73 -4.24 4.08 7.54
N LYS A 74 -4.70 3.01 8.20
CA LYS A 74 -4.20 2.74 9.56
C LYS A 74 -2.76 2.30 9.57
N LEU A 75 -2.37 1.45 8.62
CA LEU A 75 -1.01 0.94 8.61
C LEU A 75 0.01 2.03 8.34
N GLU A 76 -0.38 3.06 7.60
CA GLU A 76 0.58 4.04 7.10
C GLU A 76 0.53 5.35 7.89
N LYS A 77 -0.22 5.33 8.99
CA LYS A 77 -0.18 6.35 10.02
C LYS A 77 0.74 7.54 9.71
N GLY A 84 10.67 2.67 5.76
CA GLY A 84 11.67 1.60 5.81
C GLY A 84 11.12 0.20 5.53
N PHE A 85 9.91 -0.06 6.03
CA PHE A 85 9.31 -1.41 6.04
C PHE A 85 8.36 -1.71 4.89
N SER A 86 7.92 -0.64 4.26
CA SER A 86 6.99 -0.66 3.14
C SER A 86 7.16 -1.75 2.10
N PRO A 87 8.43 -2.03 1.62
CA PRO A 87 8.54 -3.09 0.59
C PRO A 87 8.16 -4.49 1.08
N GLU A 88 8.10 -4.70 2.41
CA GLU A 88 7.76 -6.03 2.97
C GLU A 88 6.27 -6.31 3.12
N VAL A 89 5.44 -5.28 2.97
CA VAL A 89 4.00 -5.46 3.24
C VAL A 89 3.24 -6.14 2.08
N ALA A 90 2.51 -7.22 2.37
CA ALA A 90 1.65 -7.90 1.41
C ALA A 90 0.26 -7.28 1.40
N TRP A 91 -0.22 -6.95 0.20
CA TRP A 91 -1.43 -6.17 0.01
C TRP A 91 -2.49 -7.00 -0.72
N VAL A 92 -3.67 -7.05 -0.13
CA VAL A 92 -4.84 -7.67 -0.73
C VAL A 92 -5.56 -6.54 -1.43
N THR A 93 -5.87 -6.72 -2.71
CA THR A 93 -6.60 -5.68 -3.52
C THR A 93 -7.94 -6.18 -4.09
N HIS A 94 -8.23 -7.48 -4.02
CA HIS A 94 -9.43 -8.01 -4.67
C HIS A 94 -10.03 -9.09 -3.81
N TYR A 95 -11.35 -9.22 -3.88
CA TYR A 95 -12.01 -10.45 -3.40
C TYR A 95 -12.73 -11.03 -4.61
N GLY A 96 -12.41 -12.28 -4.93
CA GLY A 96 -12.82 -12.91 -6.21
C GLY A 96 -12.35 -12.02 -7.35
N ASP A 97 -13.27 -11.62 -8.24
CA ASP A 97 -12.94 -10.65 -9.30
C ASP A 97 -13.22 -9.18 -8.93
N SER A 98 -13.71 -8.91 -7.73
CA SER A 98 -14.05 -7.53 -7.34
C SER A 98 -12.92 -6.75 -6.67
N PRO A 99 -12.64 -5.51 -7.14
CA PRO A 99 -11.61 -4.69 -6.46
C PRO A 99 -12.11 -4.11 -5.15
N LEU A 100 -11.26 -4.12 -4.12
CA LEU A 100 -11.61 -3.45 -2.87
C LEU A 100 -11.62 -1.92 -3.07
N PRO A 101 -12.40 -1.18 -2.24
CA PRO A 101 -12.29 0.29 -2.27
C PRO A 101 -10.88 0.81 -1.95
N GLU A 102 -10.19 0.16 -1.04
CA GLU A 102 -8.76 0.39 -0.82
C GLU A 102 -8.05 -0.89 -0.50
N LYS A 103 -6.80 -1.02 -0.92
CA LYS A 103 -6.02 -2.15 -0.57
C LYS A 103 -5.96 -2.35 1.00
N ILE A 104 -5.79 -3.60 1.39
CA ILE A 104 -5.71 -3.98 2.78
C ILE A 104 -4.48 -4.85 2.96
N ALA A 105 -3.73 -4.58 4.04
CA ALA A 105 -2.45 -5.23 4.33
C ALA A 105 -2.65 -6.46 5.22
N ILE A 106 -1.86 -7.51 4.99
CA ILE A 106 -1.76 -8.59 5.96
C ILE A 106 -0.79 -8.14 7.07
N ARG A 107 -1.17 -8.30 8.33
CA ARG A 107 -0.32 -7.85 9.44
C ARG A 107 1.15 -8.31 9.46
N PRO A 108 2.10 -7.37 9.35
CA PRO A 108 3.49 -7.73 9.47
C PRO A 108 3.93 -7.63 10.94
N THR A 109 3.01 -7.10 11.76
CA THR A 109 3.15 -6.81 13.21
C THR A 109 1.91 -5.99 13.54
N SER A 110 1.48 -5.99 14.79
CA SER A 110 0.12 -5.54 15.09
C SER A 110 -0.07 -4.17 15.77
N GLU A 111 1.00 -3.39 15.89
CA GLU A 111 0.89 -2.07 16.51
C GLU A 111 -0.29 -1.19 16.00
N THR A 112 -0.41 -1.12 14.67
CA THR A 112 -1.34 -0.21 13.99
C THR A 112 -2.74 -0.75 14.08
N ILE A 113 -2.86 -2.03 14.41
CA ILE A 113 -4.17 -2.69 14.66
C ILE A 113 -4.54 -2.56 16.15
N MET A 114 -3.58 -2.76 17.04
CA MET A 114 -3.88 -2.80 18.48
C MET A 114 -3.94 -1.42 19.12
N TYR A 115 -2.98 -0.57 18.78
CA TYR A 115 -2.87 0.68 19.54
C TYR A 115 -4.06 1.64 19.39
N PRO A 116 -4.76 1.68 18.21
CA PRO A 116 -6.01 2.48 18.23
C PRO A 116 -7.02 1.89 19.22
N ALA A 117 -7.10 0.56 19.34
CA ALA A 117 -8.00 -0.03 20.35
C ALA A 117 -7.58 0.35 21.79
N TYR A 118 -6.28 0.30 22.07
CA TYR A 118 -5.74 0.75 23.36
C TYR A 118 -6.11 2.22 23.70
N ALA A 119 -6.04 3.12 22.69
CA ALA A 119 -6.42 4.55 22.88
C ALA A 119 -7.88 4.64 23.32
N LYS A 120 -8.73 3.76 22.80
CA LYS A 120 -10.14 3.74 23.25
C LYS A 120 -10.34 3.15 24.65
N TRP A 121 -9.68 2.03 24.94
CA TRP A 121 -9.93 1.29 26.18
C TRP A 121 -9.30 1.96 27.41
N ILE A 122 -8.21 2.71 27.19
CA ILE A 122 -7.53 3.32 28.31
C ILE A 122 -8.02 4.78 28.51
N ARG A 123 -8.69 5.02 29.63
CA ARG A 123 -9.22 6.35 29.95
C ARG A 123 -8.70 6.87 31.26
N SER A 124 -8.33 5.97 32.17
CA SER A 124 -8.09 6.32 33.57
C SER A 124 -6.94 5.47 34.13
N HIS A 125 -6.29 5.92 35.21
CA HIS A 125 -5.24 5.12 35.86
C HIS A 125 -5.76 3.73 36.27
N ARG A 126 -7.06 3.61 36.47
CA ARG A 126 -7.58 2.34 36.95
C ARG A 126 -7.70 1.33 35.81
N ASP A 127 -7.54 1.78 34.55
CA ASP A 127 -7.49 0.86 33.38
C ASP A 127 -6.11 0.25 33.21
N LEU A 128 -5.18 0.61 34.09
CA LEU A 128 -3.79 0.27 33.88
C LEU A 128 -3.33 -0.62 35.03
N PRO A 129 -2.42 -1.59 34.77
CA PRO A 129 -1.73 -1.75 33.48
C PRO A 129 -2.60 -2.57 32.55
N LEU A 130 -2.46 -2.37 31.25
CA LEU A 130 -3.16 -3.23 30.29
C LEU A 130 -2.11 -4.17 29.63
N LYS A 131 -2.36 -5.49 29.68
CA LYS A 131 -1.35 -6.46 29.27
C LYS A 131 -1.94 -7.51 28.35
N LEU A 132 -1.67 -7.37 27.06
CA LEU A 132 -2.21 -8.30 26.10
C LEU A 132 -1.13 -9.05 25.33
N ASN A 133 -1.49 -10.23 24.84
CA ASN A 133 -0.61 -10.99 23.99
C ASN A 133 -1.46 -11.63 22.91
N GLN A 134 -0.85 -11.92 21.78
CA GLN A 134 -1.55 -12.84 20.86
C GLN A 134 -0.56 -13.79 20.21
N TRP A 135 -1.00 -15.03 19.99
CA TRP A 135 -0.35 -16.03 19.12
C TRP A 135 -1.01 -15.94 17.74
N CYS A 136 -0.20 -15.78 16.70
CA CYS A 136 -0.74 -15.69 15.35
C CYS A 136 0.40 -15.85 14.38
N SER A 137 0.09 -15.76 13.09
CA SER A 137 1.17 -15.66 12.13
C SER A 137 1.23 -14.23 11.62
N VAL A 138 2.41 -13.83 11.18
CA VAL A 138 2.58 -12.60 10.48
C VAL A 138 3.28 -12.86 9.16
N VAL A 139 3.13 -11.90 8.24
CA VAL A 139 3.71 -11.99 6.90
C VAL A 139 4.57 -10.78 6.59
N ARG A 140 5.77 -11.07 6.10
CA ARG A 140 6.71 -10.06 5.69
C ARG A 140 7.38 -10.63 4.42
N TRP A 141 7.33 -9.86 3.35
CA TRP A 141 7.95 -10.24 2.07
C TRP A 141 9.46 -9.94 2.19
N GLU A 142 10.15 -10.78 2.98
CA GLU A 142 11.55 -10.60 3.28
C GLU A 142 12.32 -10.57 1.98
N PHE A 143 13.22 -9.60 1.89
CA PHE A 143 14.17 -9.47 0.79
C PHE A 143 15.31 -10.46 0.90
N LYS A 144 15.77 -10.74 2.12
CA LYS A 144 16.88 -11.72 2.29
C LYS A 144 16.42 -13.12 1.91
N GLN A 145 17.40 -13.94 1.53
CA GLN A 145 17.20 -15.35 1.21
CA GLN A 145 17.12 -15.29 1.17
C GLN A 145 16.39 -16.03 2.32
N PRO A 146 15.34 -16.76 1.96
CA PRO A 146 14.51 -17.41 2.99
C PRO A 146 15.24 -18.60 3.60
N THR A 147 15.01 -18.86 4.88
CA THR A 147 15.60 -20.01 5.54
C THR A 147 14.51 -20.63 6.43
N PRO A 148 14.21 -21.92 6.23
CA PRO A 148 13.19 -22.56 7.10
C PRO A 148 13.48 -22.24 8.58
N PHE A 149 12.41 -21.87 9.29
CA PHE A 149 12.41 -21.40 10.70
C PHE A 149 13.03 -20.01 10.91
N LEU A 150 14.28 -19.84 10.49
CA LEU A 150 15.06 -18.64 10.78
C LEU A 150 14.59 -17.40 10.12
N ARG A 151 14.18 -17.50 8.86
CA ARG A 151 13.69 -16.34 8.14
C ARG A 151 12.70 -16.82 7.11
N THR A 152 11.42 -16.69 7.44
CA THR A 152 10.39 -17.16 6.55
C THR A 152 9.45 -15.98 6.21
N ARG A 153 8.70 -16.07 5.12
CA ARG A 153 7.80 -15.00 4.71
C ARG A 153 6.48 -15.03 5.43
N GLU A 154 6.03 -16.23 5.79
CA GLU A 154 5.06 -16.35 6.87
C GLU A 154 5.75 -16.97 8.08
N PHE A 155 5.56 -16.39 9.27
CA PHE A 155 6.06 -17.04 10.48
C PHE A 155 5.03 -17.00 11.60
N LEU A 156 5.12 -17.99 12.48
CA LEU A 156 4.29 -18.03 13.66
C LEU A 156 5.04 -17.34 14.77
N TRP A 157 4.32 -16.62 15.61
CA TRP A 157 4.95 -15.94 16.77
C TRP A 157 3.94 -15.67 17.85
N GLN A 158 4.41 -15.11 18.97
CA GLN A 158 3.49 -14.35 19.82
C GLN A 158 4.03 -12.92 19.78
N GLU A 159 3.13 -11.96 19.99
CA GLU A 159 3.53 -10.57 20.22
C GLU A 159 2.77 -10.09 21.45
N GLY A 160 3.50 -9.52 22.43
CA GLY A 160 2.91 -8.98 23.64
C GLY A 160 3.06 -7.48 23.55
N HIS A 161 2.04 -6.75 23.97
CA HIS A 161 1.97 -5.29 23.94
C HIS A 161 1.31 -4.89 25.24
N THR A 162 2.01 -4.16 26.06
CA THR A 162 1.46 -3.74 27.33
C THR A 162 1.55 -2.19 27.50
N ALA A 163 0.74 -1.66 28.43
CA ALA A 163 0.72 -0.22 28.74
C ALA A 163 0.66 -0.04 30.24
N HIS A 164 1.51 0.84 30.75
CA HIS A 164 1.63 1.03 32.21
C HIS A 164 1.51 2.50 32.58
N ALA A 165 1.21 2.78 33.86
CA ALA A 165 1.15 4.19 34.35
C ALA A 165 2.53 4.78 34.48
N THR A 166 3.56 3.94 34.58
CA THR A 166 4.92 4.50 34.80
C THR A 166 5.99 3.75 34.04
N GLU A 167 7.14 4.40 33.82
CA GLU A 167 8.23 3.77 33.11
C GLU A 167 8.81 2.63 33.94
N GLU A 168 8.86 2.81 35.26
CA GLU A 168 9.45 1.84 36.14
C GLU A 168 8.73 0.48 35.99
N GLU A 169 7.40 0.50 36.01
CA GLU A 169 6.65 -0.74 35.92
C GLU A 169 6.76 -1.38 34.50
N ALA A 170 6.83 -0.52 33.47
CA ALA A 170 7.04 -0.97 32.09
C ALA A 170 8.38 -1.71 31.96
N TRP A 171 9.44 -1.10 32.52
CA TRP A 171 10.80 -1.65 32.51
C TRP A 171 10.90 -2.98 33.26
N GLU A 172 10.27 -3.05 34.44
CA GLU A 172 10.13 -4.31 35.19
CA GLU A 172 10.21 -4.30 35.17
C GLU A 172 9.57 -5.40 34.26
N LEU A 173 8.55 -5.05 33.48
CA LEU A 173 7.92 -6.06 32.62
C LEU A 173 8.86 -6.45 31.45
N VAL A 174 9.51 -5.45 30.87
CA VAL A 174 10.45 -5.69 29.80
C VAL A 174 11.46 -6.76 30.20
N LEU A 175 12.02 -6.61 31.41
CA LEU A 175 13.00 -7.54 31.96
C LEU A 175 12.44 -8.90 32.32
N ASP A 176 11.25 -8.96 32.94
CA ASP A 176 10.60 -10.24 33.21
C ASP A 176 10.34 -11.03 31.90
N ILE A 177 9.93 -10.34 30.84
CA ILE A 177 9.62 -11.02 29.58
C ILE A 177 10.97 -11.53 29.01
N LEU A 178 12.00 -10.68 29.05
CA LEU A 178 13.30 -11.11 28.53
C LEU A 178 13.83 -12.34 29.30
N GLU A 179 13.58 -12.39 30.59
CA GLU A 179 14.00 -13.55 31.37
C GLU A 179 13.19 -14.76 30.91
N LEU A 180 11.94 -14.57 30.57
CA LEU A 180 11.16 -15.69 30.02
C LEU A 180 11.68 -16.19 28.66
N TYR A 181 12.17 -15.29 27.82
CA TYR A 181 12.80 -15.73 26.54
C TYR A 181 14.10 -16.50 26.82
N ARG A 182 14.83 -16.09 27.85
CA ARG A 182 16.04 -16.81 28.21
C ARG A 182 15.58 -18.21 28.58
N ARG A 183 14.52 -18.31 29.38
CA ARG A 183 14.00 -19.61 29.80
C ARG A 183 13.53 -20.44 28.58
N TRP A 184 12.73 -19.84 27.70
CA TRP A 184 12.28 -20.50 26.45
C TRP A 184 13.49 -21.18 25.74
N TYR A 185 14.56 -20.43 25.54
CA TYR A 185 15.74 -21.01 24.89
C TYR A 185 16.54 -21.97 25.76
N GLU A 186 16.89 -21.54 26.96
CA GLU A 186 17.85 -22.26 27.73
C GLU A 186 17.20 -23.44 28.41
N GLU A 187 16.00 -23.25 28.95
CA GLU A 187 15.32 -24.33 29.70
C GLU A 187 14.55 -25.30 28.81
N CYS A 188 13.84 -24.80 27.79
CA CYS A 188 13.07 -25.70 26.93
C CYS A 188 14.00 -26.23 25.85
N LEU A 189 14.69 -25.35 25.14
CA LEU A 189 15.44 -25.73 23.95
C LEU A 189 16.90 -26.11 24.20
N ALA A 190 17.36 -25.94 25.44
CA ALA A 190 18.76 -26.09 25.82
C ALA A 190 19.71 -25.27 24.97
N VAL A 191 19.25 -24.12 24.50
CA VAL A 191 20.13 -23.22 23.70
C VAL A 191 20.60 -22.03 24.55
N PRO A 192 21.92 -21.84 24.73
CA PRO A 192 22.37 -20.72 25.57
C PRO A 192 22.21 -19.40 24.85
N VAL A 193 21.80 -18.36 25.56
CA VAL A 193 21.66 -17.04 24.94
C VAL A 193 22.30 -15.94 25.78
N ILE A 194 22.48 -14.75 25.20
CA ILE A 194 23.15 -13.67 25.89
C ILE A 194 22.16 -12.52 25.96
N LYS A 195 21.75 -12.11 27.18
CA LYS A 195 20.91 -10.94 27.33
C LYS A 195 21.74 -9.69 27.08
N GLY A 196 21.13 -8.68 26.45
CA GLY A 196 21.81 -7.46 26.11
C GLY A 196 20.86 -6.36 25.67
N GLU A 197 21.44 -5.18 25.48
CA GLU A 197 20.71 -4.01 25.03
C GLU A 197 21.17 -3.79 23.59
N LYS A 198 20.24 -3.53 22.68
CA LYS A 198 20.62 -3.19 21.31
C LYS A 198 21.25 -1.81 21.28
N SER A 199 22.17 -1.62 20.35
CA SER A 199 22.75 -0.31 20.04
C SER A 199 21.65 0.60 19.52
N GLU A 200 21.92 1.90 19.50
CA GLU A 200 21.03 2.88 18.87
C GLU A 200 20.66 2.55 17.44
N GLY A 201 21.63 2.04 16.67
CA GLY A 201 21.42 1.67 15.27
C GLY A 201 20.53 0.44 15.13
N GLU A 202 20.59 -0.47 16.09
CA GLU A 202 19.90 -1.76 15.91
C GLU A 202 18.55 -1.83 16.62
N LYS A 203 18.28 -0.89 17.53
CA LYS A 203 17.05 -0.97 18.34
C LYS A 203 15.78 -0.67 17.49
N PHE A 204 14.61 -1.01 18.01
CA PHE A 204 13.37 -0.69 17.34
C PHE A 204 13.25 0.82 17.39
N ALA A 205 13.18 1.45 16.22
CA ALA A 205 13.23 2.92 16.12
C ALA A 205 11.97 3.48 16.74
N GLY A 206 10.88 2.70 16.74
CA GLY A 206 9.67 3.16 17.43
C GLY A 206 9.73 3.11 18.96
N GLY A 207 10.85 2.67 19.55
CA GLY A 207 10.94 2.59 21.02
C GLY A 207 12.10 3.38 21.62
N LYS A 208 12.25 3.30 22.93
CA LYS A 208 13.26 4.01 23.70
C LYS A 208 14.48 3.12 23.90
N LYS A 209 14.24 1.85 24.25
CA LYS A 209 15.33 0.91 24.46
C LYS A 209 14.88 -0.48 24.11
N THR A 210 15.70 -1.21 23.39
CA THR A 210 15.34 -2.58 23.01
C THR A 210 16.28 -3.50 23.73
N THR A 211 15.72 -4.51 24.40
CA THR A 211 16.58 -5.59 24.96
C THR A 211 16.43 -6.85 24.09
N THR A 212 17.39 -7.73 24.16
CA THR A 212 17.44 -8.86 23.28
C THR A 212 18.11 -10.05 23.98
N VAL A 213 17.79 -11.23 23.49
CA VAL A 213 18.59 -12.41 23.76
C VAL A 213 19.24 -12.81 22.42
N GLU A 214 20.58 -12.92 22.44
CA GLU A 214 21.34 -13.24 21.22
C GLU A 214 21.89 -14.66 21.29
N ALA A 215 21.81 -15.37 20.17
CA ALA A 215 22.40 -16.70 20.09
C ALA A 215 23.53 -16.75 19.05
N PHE A 216 24.31 -17.83 19.07
CA PHE A 216 25.45 -17.96 18.12
C PHE A 216 25.39 -19.29 17.37
N ILE A 217 25.59 -19.27 16.06
CA ILE A 217 25.70 -20.52 15.25
C ILE A 217 27.18 -20.79 14.86
N PRO A 218 27.88 -21.70 15.59
CA PRO A 218 29.33 -21.89 15.35
C PRO A 218 29.69 -22.27 13.89
N GLU A 219 28.86 -23.11 13.26
CA GLU A 219 29.16 -23.61 11.89
C GLU A 219 29.26 -22.55 10.83
N ASN A 220 28.60 -21.42 10.99
CA ASN A 220 28.79 -20.33 10.03
C ASN A 220 29.26 -19.06 10.71
N GLY A 221 29.56 -19.13 12.01
CA GLY A 221 30.07 -17.94 12.78
C GLY A 221 29.15 -16.73 12.88
N ARG A 222 27.84 -16.97 12.78
CA ARG A 222 26.85 -15.89 12.81
C ARG A 222 25.98 -15.72 14.04
N GLY A 223 26.00 -14.51 14.59
CA GLY A 223 25.07 -14.22 15.68
C GLY A 223 23.66 -14.18 15.12
N ILE A 224 22.67 -14.46 15.97
CA ILE A 224 21.28 -14.41 15.54
C ILE A 224 20.41 -13.93 16.70
N GLN A 225 19.56 -12.93 16.45
CA GLN A 225 18.66 -12.46 17.50
C GLN A 225 17.59 -13.50 17.78
N ALA A 226 17.57 -13.94 19.04
CA ALA A 226 16.68 -15.01 19.43
C ALA A 226 15.24 -14.55 19.81
N ALA A 227 15.10 -13.35 20.35
CA ALA A 227 13.79 -12.79 20.74
C ALA A 227 14.08 -11.37 21.16
N THR A 228 13.04 -10.60 21.41
CA THR A 228 13.23 -9.19 21.59
C THR A 228 12.20 -8.64 22.56
N SER A 229 12.59 -7.66 23.35
CA SER A 229 11.69 -7.09 24.35
C SER A 229 11.95 -5.58 24.49
N HIS A 230 10.95 -4.76 24.16
CA HIS A 230 11.23 -3.30 24.01
C HIS A 230 10.59 -2.50 25.14
N LEU A 231 11.33 -1.56 25.74
CA LEU A 231 10.72 -0.46 26.48
C LEU A 231 10.31 0.56 25.45
N LEU A 232 9.02 0.74 25.20
CA LEU A 232 8.68 1.64 24.11
C LEU A 232 8.68 3.12 24.52
N GLY A 233 8.69 3.40 25.82
CA GLY A 233 8.57 4.76 26.32
C GLY A 233 7.18 5.26 26.02
N THR A 234 7.03 6.55 25.80
CA THR A 234 5.74 7.15 25.59
C THR A 234 5.57 7.56 24.13
N ASN A 235 6.44 7.17 23.22
CA ASN A 235 6.20 7.70 21.87
C ASN A 235 5.03 7.17 21.08
N PHE A 236 4.73 5.87 21.21
CA PHE A 236 3.50 5.34 20.61
C PHE A 236 2.25 5.91 21.30
N ALA A 237 2.34 6.15 22.61
CA ALA A 237 1.22 6.76 23.31
C ALA A 237 0.96 8.18 22.75
N LYS A 238 2.00 8.97 22.48
CA LYS A 238 1.84 10.28 21.76
C LYS A 238 1.19 10.07 20.40
N MET A 239 1.80 9.18 19.60
CA MET A 239 1.32 8.88 18.26
C MET A 239 -0.13 8.43 18.21
N PHE A 240 -0.52 7.46 19.04
CA PHE A 240 -1.90 6.97 18.95
C PHE A 240 -2.88 7.64 19.88
N GLU A 241 -2.40 8.61 20.65
CA GLU A 241 -3.20 9.28 21.69
C GLU A 241 -3.69 8.31 22.75
N ILE A 242 -2.76 7.55 23.32
CA ILE A 242 -3.12 6.64 24.40
C ILE A 242 -2.78 7.38 25.67
N GLU A 243 -3.84 7.93 26.26
CA GLU A 243 -3.74 8.71 27.49
C GLU A 243 -4.73 8.28 28.55
N PHE A 244 -4.38 8.61 29.78
CA PHE A 244 -5.24 8.36 30.93
C PHE A 244 -5.18 9.57 31.89
N GLU A 245 -6.30 9.78 32.56
CA GLU A 245 -6.35 10.68 33.70
C GLU A 245 -5.73 10.00 34.89
N ASP A 246 -4.73 10.65 35.51
CA ASP A 246 -4.15 10.07 36.74
C ASP A 246 -5.07 10.39 37.91
N GLU A 247 -4.62 10.03 39.11
CA GLU A 247 -5.42 10.15 40.35
C GLU A 247 -5.86 11.57 40.71
N GLU A 248 -5.21 12.57 40.13
CA GLU A 248 -5.49 13.98 40.35
C GLU A 248 -6.23 14.59 39.17
N GLY A 249 -6.67 13.76 38.23
CA GLY A 249 -7.38 14.32 37.07
C GLY A 249 -6.51 14.82 35.93
N HIS A 250 -5.19 14.62 36.03
CA HIS A 250 -4.30 15.06 34.96
C HIS A 250 -4.13 14.01 33.86
N LYS A 251 -4.17 14.44 32.62
CA LYS A 251 -3.92 13.58 31.46
C LYS A 251 -2.45 13.22 31.41
N ARG A 252 -2.17 11.91 31.44
CA ARG A 252 -0.82 11.38 31.22
C ARG A 252 -0.69 10.39 30.03
N LEU A 253 0.53 10.25 29.52
CA LEU A 253 0.80 9.31 28.45
C LEU A 253 1.12 7.94 29.07
N VAL A 254 0.60 6.86 28.50
CA VAL A 254 1.03 5.54 29.01
C VAL A 254 2.47 5.22 28.58
N HIS A 255 3.12 4.35 29.35
CA HIS A 255 4.46 3.83 29.12
C HIS A 255 4.25 2.41 28.60
N GLN A 256 4.85 2.09 27.48
CA GLN A 256 4.48 0.87 26.77
C GLN A 256 5.65 -0.09 26.62
N THR A 257 5.33 -1.38 26.41
CA THR A 257 6.33 -2.39 26.06
C THR A 257 5.74 -3.21 24.90
N SER A 258 6.60 -3.87 24.13
CA SER A 258 6.14 -4.93 23.25
C SER A 258 7.29 -5.91 23.12
N TRP A 259 6.96 -7.13 22.70
CA TRP A 259 7.95 -8.21 22.75
C TRP A 259 7.47 -9.32 21.84
N GLY A 260 8.38 -10.04 21.20
CA GLY A 260 7.95 -11.12 20.33
C GLY A 260 9.04 -12.14 20.15
N CYS A 261 8.64 -13.36 19.85
CA CYS A 261 9.58 -14.45 19.65
C CYS A 261 8.86 -15.40 18.69
N THR A 262 9.60 -16.02 17.77
CA THR A 262 8.96 -16.76 16.66
C THR A 262 9.43 -18.21 16.55
N THR A 263 8.90 -18.91 15.53
CA THR A 263 9.36 -20.27 15.16
C THR A 263 10.84 -20.30 14.77
N ARG A 264 11.46 -19.14 14.58
CA ARG A 264 12.94 -19.07 14.51
C ARG A 264 13.64 -19.88 15.64
N SER A 265 13.07 -19.85 16.84
CA SER A 265 13.62 -20.59 17.98
C SER A 265 13.78 -22.09 17.61
N LEU A 266 12.83 -22.66 16.86
CA LEU A 266 13.01 -24.08 16.47
C LEU A 266 14.28 -24.30 15.64
N GLY A 267 14.57 -23.38 14.70
CA GLY A 267 15.73 -23.53 13.84
C GLY A 267 17.05 -23.36 14.63
N VAL A 268 17.07 -22.38 15.54
CA VAL A 268 18.22 -22.22 16.43
C VAL A 268 18.51 -23.51 17.23
N MET A 269 17.47 -24.13 17.82
CA MET A 269 17.62 -25.40 18.51
C MET A 269 18.18 -26.53 17.58
N ILE A 270 17.61 -26.68 16.38
CA ILE A 270 18.07 -27.69 15.41
C ILE A 270 19.58 -27.55 15.14
N MET A 271 19.99 -26.33 14.86
CA MET A 271 21.37 -26.07 14.48
C MET A 271 22.33 -26.27 15.65
N THR A 272 21.89 -25.89 16.85
CA THR A 272 22.72 -25.95 18.05
C THR A 272 23.07 -27.43 18.37
N HIS A 273 22.07 -28.31 18.37
CA HIS A 273 22.29 -29.64 18.87
C HIS A 273 22.56 -30.72 17.80
N GLY A 274 22.28 -30.43 16.54
CA GLY A 274 22.41 -31.48 15.51
C GLY A 274 23.87 -31.94 15.34
N ASP A 275 24.01 -33.14 14.78
CA ASP A 275 25.35 -33.69 14.45
C ASP A 275 25.27 -34.33 13.06
N ASP A 276 26.33 -35.05 12.69
CA ASP A 276 26.42 -35.70 11.36
C ASP A 276 25.29 -36.67 11.13
N LYS A 277 24.80 -37.36 12.15
CA LYS A 277 23.67 -38.26 11.89
C LYS A 277 22.32 -37.52 11.74
N GLY A 278 22.26 -36.24 12.07
CA GLY A 278 20.96 -35.56 12.00
C GLY A 278 20.61 -34.78 13.25
N LEU A 279 19.32 -34.78 13.60
CA LEU A 279 18.81 -33.97 14.69
C LEU A 279 19.13 -34.64 16.03
N VAL A 280 19.25 -33.81 17.05
CA VAL A 280 19.21 -34.23 18.45
C VAL A 280 18.19 -33.31 19.11
N ILE A 281 17.08 -33.87 19.61
CA ILE A 281 16.04 -33.01 20.20
C ILE A 281 16.12 -33.12 21.73
N PRO A 282 16.22 -31.98 22.43
CA PRO A 282 16.22 -31.97 23.90
C PRO A 282 14.95 -32.66 24.44
N PRO A 283 15.09 -33.57 25.42
CA PRO A 283 13.96 -34.30 25.97
C PRO A 283 12.77 -33.43 26.40
N ARG A 284 13.01 -32.18 26.82
CA ARG A 284 11.89 -31.39 27.32
C ARG A 284 10.92 -31.01 26.22
N VAL A 285 11.36 -31.03 24.96
CA VAL A 285 10.45 -30.64 23.87
C VAL A 285 10.21 -31.70 22.83
N ALA A 286 10.91 -32.84 22.88
CA ALA A 286 10.73 -33.92 21.86
C ALA A 286 9.32 -34.52 21.83
N SER A 287 8.71 -34.67 20.64
CA SER A 287 7.37 -35.35 20.57
C SER A 287 7.46 -36.73 21.18
N VAL A 288 8.53 -37.44 20.82
CA VAL A 288 8.82 -38.77 21.40
C VAL A 288 10.16 -38.67 22.16
N GLN A 289 10.12 -39.02 23.43
CA GLN A 289 11.34 -39.01 24.26
C GLN A 289 12.04 -40.35 24.21
N VAL A 290 11.25 -41.42 24.15
CA VAL A 290 11.77 -42.78 24.17
C VAL A 290 11.13 -43.57 23.06
N VAL A 291 11.88 -43.96 22.05
CA VAL A 291 11.34 -44.86 21.03
C VAL A 291 11.71 -46.28 21.41
N ILE A 292 10.70 -47.15 21.45
CA ILE A 292 10.90 -48.57 21.77
C ILE A 292 11.00 -49.31 20.44
N ILE A 293 12.16 -49.94 20.21
CA ILE A 293 12.44 -50.73 19.01
C ILE A 293 12.60 -52.23 19.30
N PRO A 294 11.62 -52.99 18.87
CA PRO A 294 11.65 -54.42 19.12
C PRO A 294 12.62 -55.06 18.12
N ILE A 295 13.45 -56.00 18.57
CA ILE A 295 14.38 -56.61 17.62
C ILE A 295 13.65 -57.75 16.93
N LEU A 296 13.05 -57.44 15.77
CA LEU A 296 12.26 -58.39 14.97
C LEU A 296 12.60 -58.28 13.48
N PHE A 297 12.55 -59.41 12.78
CA PHE A 297 12.95 -59.44 11.37
C PHE A 297 11.87 -59.89 10.38
N ASN A 301 6.01 -61.73 14.18
CA ASN A 301 5.28 -61.71 15.45
C ASN A 301 4.86 -63.09 15.95
N THR A 302 5.00 -63.30 17.26
CA THR A 302 4.36 -64.40 17.97
C THR A 302 3.51 -63.74 19.05
N GLY A 303 3.92 -62.51 19.42
CA GLY A 303 3.27 -61.70 20.46
C GLY A 303 4.11 -61.48 21.70
N GLU A 304 5.22 -62.21 21.83
CA GLU A 304 6.07 -62.16 23.03
C GLU A 304 6.81 -60.82 23.19
N ILE A 305 7.34 -60.30 22.09
CA ILE A 305 8.18 -59.11 22.15
C ILE A 305 7.33 -57.84 22.15
N LEU A 306 6.44 -57.73 21.16
CA LEU A 306 5.45 -56.65 21.15
C LEU A 306 4.67 -56.58 22.47
N GLY A 307 4.18 -57.72 22.94
CA GLY A 307 3.48 -57.78 24.21
C GLY A 307 4.30 -57.08 25.28
N LYS A 308 5.58 -57.40 25.37
CA LYS A 308 6.42 -56.74 26.35
C LYS A 308 6.60 -55.24 26.06
N CYS A 309 6.74 -54.87 24.79
CA CYS A 309 6.92 -53.45 24.44
C CYS A 309 5.73 -52.60 24.93
N ARG A 310 4.51 -53.08 24.64
CA ARG A 310 3.29 -52.48 25.17
C ARG A 310 3.31 -52.34 26.70
N GLU A 311 3.71 -53.39 27.41
CA GLU A 311 3.80 -53.27 28.86
C GLU A 311 4.81 -52.20 29.29
N LEU A 312 5.94 -52.13 28.60
CA LEU A 312 6.96 -51.15 28.93
C LEU A 312 6.44 -49.72 28.67
N LYS A 313 5.77 -49.55 27.53
CA LYS A 313 5.20 -48.27 27.14
C LYS A 313 4.26 -47.73 28.23
N THR A 314 3.30 -48.58 28.60
CA THR A 314 2.31 -48.30 29.64
C THR A 314 2.99 -47.87 30.91
N MET A 315 4.00 -48.62 31.33
CA MET A 315 4.77 -48.31 32.54
C MET A 315 5.56 -46.98 32.45
N LEU A 316 6.09 -46.68 31.27
CA LEU A 316 6.79 -45.39 31.07
C LEU A 316 5.79 -44.22 30.97
N GLU A 317 4.66 -44.45 30.31
CA GLU A 317 3.64 -43.40 30.23
C GLU A 317 3.09 -43.00 31.61
N LYS A 318 3.13 -43.93 32.57
CA LYS A 318 2.79 -43.63 33.96
C LYS A 318 3.72 -42.56 34.54
N ALA A 319 4.96 -42.52 34.07
CA ALA A 319 5.91 -41.50 34.55
C ALA A 319 5.92 -40.23 33.72
N ASP A 320 4.88 -40.02 32.90
CA ASP A 320 4.78 -38.90 31.91
C ASP A 320 5.88 -38.85 30.81
N ILE A 321 6.51 -40.00 30.57
CA ILE A 321 7.43 -40.18 29.44
C ILE A 321 6.66 -40.41 28.14
N ARG A 322 7.01 -39.66 27.08
CA ARG A 322 6.35 -39.76 25.79
C ARG A 322 7.05 -40.85 24.95
N VAL A 323 6.28 -41.89 24.61
CA VAL A 323 6.85 -43.13 24.09
C VAL A 323 6.20 -43.42 22.77
N ARG A 324 6.97 -43.94 21.82
CA ARG A 324 6.37 -44.61 20.68
C ARG A 324 7.05 -45.98 20.49
N ILE A 325 6.26 -47.00 20.14
CA ILE A 325 6.82 -48.31 19.74
C ILE A 325 6.88 -48.36 18.24
N ASP A 326 8.07 -48.52 17.68
CA ASP A 326 8.15 -48.67 16.23
C ASP A 326 7.96 -50.15 15.85
N ASP A 327 6.71 -50.56 15.69
CA ASP A 327 6.38 -51.94 15.30
C ASP A 327 6.17 -52.14 13.79
N ARG A 328 6.78 -51.30 12.96
CA ARG A 328 6.64 -51.45 11.52
C ARG A 328 7.27 -52.74 10.96
N SER A 329 6.54 -53.33 10.00
CA SER A 329 6.79 -54.68 9.52
C SER A 329 7.99 -54.81 8.62
N ASN A 330 8.12 -53.84 7.72
CA ASN A 330 9.01 -53.93 6.56
C ASN A 330 10.48 -53.53 6.79
N TYR A 331 10.86 -53.24 8.03
CA TYR A 331 12.13 -52.57 8.29
C TYR A 331 12.93 -53.35 9.30
N THR A 332 14.24 -53.40 9.08
CA THR A 332 15.12 -54.05 10.03
C THR A 332 15.34 -53.11 11.23
N PRO A 333 15.74 -53.68 12.39
CA PRO A 333 16.09 -52.86 13.54
C PRO A 333 17.10 -51.78 13.23
N GLY A 334 18.12 -52.12 12.44
CA GLY A 334 19.18 -51.17 12.11
C GLY A 334 18.70 -49.99 11.28
N TRP A 335 17.78 -50.26 10.35
CA TRP A 335 17.09 -49.20 9.61
C TRP A 335 16.31 -48.27 10.58
N LYS A 336 15.55 -48.87 11.50
CA LYS A 336 14.84 -48.12 12.53
C LYS A 336 15.76 -47.28 13.43
N TYR A 337 16.89 -47.86 13.87
CA TYR A 337 17.82 -47.12 14.72
C TYR A 337 18.15 -45.79 14.01
N ASN A 338 18.58 -45.91 12.76
CA ASN A 338 18.97 -44.72 11.96
C ASN A 338 17.81 -43.75 11.77
N HIS A 339 16.65 -44.27 11.39
CA HIS A 339 15.45 -43.45 11.23
C HIS A 339 15.19 -42.55 12.46
N TRP A 340 15.20 -43.13 13.65
CA TRP A 340 14.89 -42.36 14.85
C TRP A 340 16.08 -41.49 15.28
N GLU A 341 17.28 -41.87 14.86
CA GLU A 341 18.44 -41.01 15.07
C GLU A 341 18.38 -39.75 14.26
N VAL A 342 17.93 -39.85 13.01
CA VAL A 342 17.88 -38.71 12.10
C VAL A 342 16.82 -37.76 12.65
N LYS A 343 15.75 -38.33 13.19
CA LYS A 343 14.69 -37.56 13.83
C LYS A 343 15.11 -36.97 15.18
N GLY A 344 16.18 -37.49 15.79
CA GLY A 344 16.69 -36.92 17.07
C GLY A 344 15.97 -37.31 18.35
N VAL A 345 15.26 -38.43 18.34
CA VAL A 345 14.67 -38.97 19.57
C VAL A 345 15.80 -39.16 20.59
N PRO A 346 15.64 -38.61 21.80
CA PRO A 346 16.81 -38.61 22.66
C PRO A 346 17.20 -39.96 23.18
N LEU A 347 16.25 -40.88 23.30
CA LEU A 347 16.48 -42.19 23.86
C LEU A 347 15.85 -43.28 23.03
N ARG A 348 16.63 -44.32 22.73
CA ARG A 348 16.11 -45.52 22.05
C ARG A 348 16.15 -46.67 23.03
N LEU A 349 15.04 -47.41 23.16
CA LEU A 349 15.01 -48.58 23.99
C LEU A 349 14.93 -49.81 23.08
N GLU A 350 15.95 -50.66 23.12
CA GLU A 350 15.98 -51.87 22.28
C GLU A 350 15.50 -53.07 23.11
N LEU A 351 14.62 -53.87 22.53
CA LEU A 351 14.14 -55.06 23.23
C LEU A 351 14.12 -56.20 22.24
N GLY A 352 15.04 -57.14 22.41
CA GLY A 352 15.04 -58.34 21.57
C GLY A 352 14.87 -59.60 22.41
N PRO A 353 14.98 -60.78 21.76
CA PRO A 353 14.80 -62.04 22.49
C PRO A 353 15.73 -62.20 23.67
N LYS A 354 17.01 -61.82 23.53
CA LYS A 354 17.97 -61.91 24.65
C LYS A 354 17.56 -61.04 25.86
N ASP A 355 17.02 -59.86 25.56
CA ASP A 355 16.54 -58.93 26.59
C ASP A 355 15.31 -59.50 27.29
N LEU A 356 14.36 -59.98 26.50
CA LEU A 356 13.18 -60.63 27.03
C LEU A 356 13.60 -61.77 27.97
N ALA A 357 14.53 -62.59 27.50
CA ALA A 357 15.13 -63.69 28.27
C ALA A 357 15.75 -63.27 29.61
N LYS A 358 16.27 -62.04 29.71
CA LYS A 358 17.04 -61.62 30.89
C LYS A 358 16.31 -60.59 31.80
N GLY A 359 15.11 -60.16 31.39
CA GLY A 359 14.36 -59.14 32.13
C GLY A 359 14.94 -57.72 32.03
N THR A 360 15.71 -57.46 30.99
CA THR A 360 16.37 -56.17 30.83
C THR A 360 16.04 -55.59 29.46
N ALA A 361 16.49 -54.35 29.25
CA ALA A 361 16.37 -53.66 27.99
C ALA A 361 17.63 -52.87 27.84
N ARG A 362 18.03 -52.66 26.59
CA ARG A 362 19.23 -51.87 26.29
C ARG A 362 18.81 -50.46 25.85
N VAL A 363 19.37 -49.43 26.50
CA VAL A 363 19.00 -48.04 26.16
C VAL A 363 20.17 -47.26 25.63
N VAL A 364 19.98 -46.54 24.53
CA VAL A 364 21.06 -45.85 23.91
C VAL A 364 20.63 -44.40 23.83
N ARG A 365 21.48 -43.47 24.30
CA ARG A 365 21.18 -42.05 24.24
C ARG A 365 21.76 -41.44 22.98
N ARG A 366 20.97 -40.58 22.36
CA ARG A 366 21.25 -40.04 21.03
C ARG A 366 22.43 -39.08 21.01
N ASP A 367 22.57 -38.30 22.08
CA ASP A 367 23.62 -37.26 22.10
C ASP A 367 25.05 -37.82 22.07
N THR A 368 25.31 -38.87 22.84
CA THR A 368 26.67 -39.46 22.94
C THR A 368 26.78 -40.91 22.39
N GLY A 369 25.66 -41.59 22.23
CA GLY A 369 25.63 -43.01 21.82
C GLY A 369 25.94 -43.97 22.96
N GLU A 370 26.08 -43.47 24.19
CA GLU A 370 26.32 -44.37 25.34
C GLU A 370 25.13 -45.30 25.52
N ALA A 371 25.43 -46.57 25.81
CA ALA A 371 24.42 -47.60 25.97
C ALA A 371 24.29 -48.00 27.42
N TYR A 372 23.09 -48.39 27.85
CA TYR A 372 22.87 -48.77 29.25
C TYR A 372 22.03 -50.04 29.29
N GLN A 373 22.42 -50.96 30.14
CA GLN A 373 21.66 -52.16 30.44
C GLN A 373 20.81 -51.90 31.67
N ILE A 374 19.49 -52.01 31.53
CA ILE A 374 18.58 -51.59 32.63
C ILE A 374 17.52 -52.63 32.86
N SER A 375 17.34 -53.00 34.11
CA SER A 375 16.27 -53.96 34.42
C SER A 375 14.93 -53.26 34.24
N TRP A 376 13.94 -54.04 33.82
CA TRP A 376 12.60 -53.51 33.57
C TRP A 376 12.06 -52.67 34.72
N ALA A 377 12.25 -53.16 35.93
CA ALA A 377 11.75 -52.48 37.11
C ALA A 377 12.33 -51.05 37.18
N ASP A 378 13.63 -50.94 36.92
CA ASP A 378 14.36 -49.69 37.00
C ASP A 378 14.12 -48.69 35.85
N LEU A 379 13.40 -49.08 34.80
CA LEU A 379 13.34 -48.26 33.59
C LEU A 379 12.82 -46.84 33.81
N ALA A 380 11.64 -46.69 34.39
CA ALA A 380 11.09 -45.37 34.63
C ALA A 380 12.06 -44.41 35.36
N PRO A 381 12.54 -44.79 36.58
CA PRO A 381 13.50 -43.88 37.20
C PRO A 381 14.79 -43.61 36.45
N LYS A 382 15.35 -44.63 35.78
CA LYS A 382 16.63 -44.45 35.09
C LYS A 382 16.47 -43.57 33.83
N LEU A 383 15.34 -43.69 33.14
CA LEU A 383 15.09 -42.94 31.93
C LEU A 383 14.82 -41.47 32.21
N LEU A 384 14.08 -41.18 33.30
CA LEU A 384 13.92 -39.82 33.82
C LEU A 384 15.26 -39.21 34.13
N GLU A 385 16.12 -39.98 34.80
CA GLU A 385 17.42 -39.48 35.13
C GLU A 385 18.26 -39.24 33.85
N LEU A 386 18.19 -40.17 32.85
CA LEU A 386 18.96 -39.98 31.60
C LEU A 386 18.52 -38.72 30.83
N MET A 387 17.23 -38.47 30.82
CA MET A 387 16.62 -37.33 30.13
C MET A 387 17.10 -36.03 30.73
N GLU A 388 17.05 -35.91 32.07
CA GLU A 388 17.65 -34.76 32.75
C GLU A 388 19.13 -34.62 32.39
N GLY A 389 19.88 -35.74 32.39
CA GLY A 389 21.32 -35.68 32.04
C GLY A 389 21.54 -35.21 30.58
N ILE A 390 20.73 -35.73 29.66
CA ILE A 390 20.84 -35.33 28.26
C ILE A 390 20.52 -33.85 28.09
N GLN A 391 19.38 -33.43 28.65
CA GLN A 391 18.92 -32.04 28.57
C GLN A 391 20.05 -31.13 29.07
N ARG A 392 20.58 -31.42 30.25
CA ARG A 392 21.63 -30.59 30.84
C ARG A 392 22.95 -30.63 30.04
N SER A 393 23.33 -31.81 29.61
CA SER A 393 24.56 -31.97 28.85
C SER A 393 24.49 -31.27 27.45
N LEU A 394 23.34 -31.34 26.79
CA LEU A 394 23.12 -30.51 25.57
C LEU A 394 23.38 -29.01 25.80
N PHE A 395 22.77 -28.48 26.87
CA PHE A 395 22.93 -27.09 27.22
C PHE A 395 24.37 -26.72 27.52
N GLU A 396 25.00 -27.47 28.41
CA GLU A 396 26.38 -27.15 28.82
CA GLU A 396 26.42 -27.28 28.84
C GLU A 396 27.40 -27.27 27.68
N LYS A 397 27.29 -28.27 26.81
CA LYS A 397 28.17 -28.30 25.62
C LYS A 397 27.88 -27.15 24.67
N ALA A 398 26.61 -26.83 24.45
CA ALA A 398 26.32 -25.65 23.60
C ALA A 398 26.85 -24.38 24.30
N LYS A 399 26.67 -24.26 25.61
CA LYS A 399 27.24 -23.10 26.31
C LYS A 399 28.76 -22.92 26.13
N ALA A 400 29.52 -24.00 26.29
CA ALA A 400 30.96 -23.94 26.08
C ALA A 400 31.30 -23.61 24.63
N ARG A 401 30.56 -24.15 23.65
CA ARG A 401 30.79 -23.77 22.26
C ARG A 401 30.48 -22.26 21.99
N LEU A 402 29.46 -21.73 22.66
CA LEU A 402 29.17 -20.30 22.54
C LEU A 402 30.37 -19.48 23.00
N HIS A 403 30.92 -19.84 24.16
CA HIS A 403 32.01 -19.06 24.73
C HIS A 403 33.35 -19.28 24.04
N GLU A 404 33.55 -20.48 23.50
CA GLU A 404 34.68 -20.69 22.58
C GLU A 404 34.51 -19.89 21.28
N GLY A 405 33.30 -19.36 21.02
CA GLY A 405 33.05 -18.64 19.77
C GLY A 405 33.18 -17.14 19.90
N ILE A 406 33.56 -16.68 21.08
CA ILE A 406 33.64 -15.24 21.30
C ILE A 406 35.07 -14.85 21.69
N GLU A 407 35.64 -13.91 20.94
CA GLU A 407 36.99 -13.42 21.19
C GLU A 407 36.90 -12.03 21.76
N LYS A 408 37.44 -11.84 22.96
CA LYS A 408 37.70 -10.51 23.53
C LYS A 408 38.90 -9.84 22.83
N ILE A 409 38.70 -8.64 22.31
CA ILE A 409 39.75 -7.92 21.58
C ILE A 409 39.79 -6.47 22.07
N SER A 410 40.83 -5.75 21.62
CA SER A 410 41.19 -4.40 22.09
C SER A 410 41.20 -3.40 20.99
N THR A 411 41.51 -3.86 19.76
CA THR A 411 41.78 -2.96 18.62
C THR A 411 41.15 -3.44 17.32
N PHE A 412 40.88 -2.49 16.43
CA PHE A 412 40.22 -2.84 15.16
C PHE A 412 40.95 -3.87 14.27
N ASP A 413 42.28 -3.92 14.34
CA ASP A 413 43.09 -4.92 13.63
C ASP A 413 42.86 -6.35 14.06
N GLU A 414 42.30 -6.53 15.26
CA GLU A 414 42.02 -7.89 15.73
C GLU A 414 40.73 -8.45 15.09
N VAL A 415 39.97 -7.58 14.43
CA VAL A 415 38.61 -7.90 13.96
C VAL A 415 38.57 -8.94 12.83
N MET A 416 39.16 -8.62 11.67
CA MET A 416 39.05 -9.51 10.51
C MET A 416 39.60 -10.89 10.80
N PRO A 417 40.73 -11.00 11.53
CA PRO A 417 41.14 -12.36 11.87
C PRO A 417 40.09 -13.11 12.72
N ALA A 418 39.44 -12.39 13.64
CA ALA A 418 38.37 -12.98 14.47
C ALA A 418 37.18 -13.39 13.59
N LEU A 419 36.76 -12.51 12.67
CA LEU A 419 35.61 -12.86 11.82
C LEU A 419 35.91 -14.07 10.92
N ASN A 420 37.16 -14.17 10.44
CA ASN A 420 37.56 -15.27 9.56
C ASN A 420 37.63 -16.59 10.28
N ARG A 421 37.84 -16.53 11.59
CA ARG A 421 37.71 -17.73 12.43
C ARG A 421 36.23 -18.05 12.79
N LYS A 422 35.28 -17.38 12.14
CA LYS A 422 33.83 -17.64 12.37
C LYS A 422 33.53 -17.46 13.87
N HIS A 423 34.06 -16.37 14.39
CA HIS A 423 33.92 -16.02 15.79
C HIS A 423 33.24 -14.68 15.90
N LEU A 424 32.61 -14.44 17.05
CA LEU A 424 32.07 -13.11 17.34
C LEU A 424 33.16 -12.32 18.03
N VAL A 425 33.02 -11.00 18.09
CA VAL A 425 33.97 -10.24 18.91
C VAL A 425 33.33 -9.41 20.02
N LEU A 426 34.01 -9.38 21.14
CA LEU A 426 33.61 -8.60 22.28
C LEU A 426 34.66 -7.51 22.41
N ALA A 427 34.25 -6.26 22.24
CA ALA A 427 35.20 -5.13 22.21
C ALA A 427 34.69 -3.93 22.96
N PRO A 428 35.61 -3.16 23.57
CA PRO A 428 35.15 -1.96 24.23
C PRO A 428 34.73 -0.98 23.17
N TRP A 429 33.58 -0.35 23.33
CA TRP A 429 33.05 0.52 22.28
C TRP A 429 32.51 1.80 22.87
N CYS A 430 32.77 2.94 22.21
CA CYS A 430 32.36 4.25 22.74
C CYS A 430 30.89 4.52 22.50
N GLU A 431 30.24 3.63 21.73
CA GLU A 431 28.81 3.73 21.42
C GLU A 431 28.36 5.02 20.75
N ASP A 432 29.24 5.76 20.09
CA ASP A 432 28.75 6.93 19.36
C ASP A 432 27.98 6.50 18.11
N PRO A 433 26.95 7.28 17.71
CA PRO A 433 26.08 6.81 16.60
C PRO A 433 26.82 6.44 15.28
N GLU A 434 27.79 7.26 14.86
CA GLU A 434 28.43 7.15 13.52
C GLU A 434 29.36 5.98 13.38
N SER A 435 30.08 5.63 14.46
CA SER A 435 31.07 4.57 14.39
C SER A 435 30.47 3.22 13.99
N GLU A 436 29.25 2.90 14.48
CA GLU A 436 28.64 1.62 14.09
C GLU A 436 28.52 1.53 12.57
N GLU A 437 27.90 2.52 11.95
CA GLU A 437 27.82 2.54 10.47
C GLU A 437 29.18 2.42 9.79
N GLN A 438 30.15 3.16 10.30
CA GLN A 438 31.52 3.08 9.78
C GLN A 438 32.12 1.68 9.89
N ILE A 439 31.96 1.05 11.06
CA ILE A 439 32.44 -0.31 11.26
C ILE A 439 31.73 -1.29 10.32
N LYS A 440 30.40 -1.17 10.21
CA LYS A 440 29.64 -1.91 9.21
C LYS A 440 30.26 -1.80 7.80
N LYS A 441 30.37 -0.57 7.27
CA LYS A 441 30.97 -0.33 5.95
C LYS A 441 32.38 -0.89 5.82
N GLU A 442 33.23 -0.61 6.81
CA GLU A 442 34.63 -1.01 6.72
C GLU A 442 34.81 -2.53 6.75
N THR A 443 34.02 -3.23 7.56
CA THR A 443 34.12 -4.70 7.62
C THR A 443 33.52 -5.35 6.36
N GLN A 444 32.44 -4.75 5.87
CA GLN A 444 31.86 -5.10 4.59
C GLN A 444 32.95 -5.06 3.49
N LYS A 445 33.49 -3.85 3.22
CA LYS A 445 34.51 -3.67 2.18
C LYS A 445 35.70 -4.62 2.36
N LEU A 446 36.17 -4.80 3.59
CA LEU A 446 37.29 -5.72 3.80
C LEU A 446 36.91 -7.16 3.49
N SER A 447 35.67 -7.53 3.79
CA SER A 447 35.15 -8.88 3.51
C SER A 447 35.08 -9.15 2.01
N GLU A 448 34.61 -8.15 1.26
CA GLU A 448 34.48 -8.19 -0.19
C GLU A 448 35.84 -8.44 -0.83
N ILE A 449 36.90 -7.99 -0.20
CA ILE A 449 38.23 -8.23 -0.67
C ILE A 449 38.63 -9.61 -0.20
N THR A 462 26.31 -9.46 3.44
CA THR A 462 26.31 -10.28 4.64
C THR A 462 27.72 -10.49 5.21
N GLY A 463 28.74 -9.85 4.62
CA GLY A 463 30.10 -9.89 5.19
C GLY A 463 30.25 -8.87 6.33
N ALA A 464 29.35 -7.87 6.35
CA ALA A 464 29.38 -6.79 7.34
C ALA A 464 29.31 -7.30 8.80
N MET A 465 30.12 -6.71 9.66
CA MET A 465 30.06 -6.97 11.08
C MET A 465 29.18 -5.90 11.71
N LYS A 466 28.12 -6.33 12.38
CA LYS A 466 27.29 -5.36 13.11
C LYS A 466 27.27 -5.65 14.62
N THR A 467 26.73 -4.73 15.41
CA THR A 467 26.55 -5.01 16.83
C THR A 467 25.45 -6.03 16.95
N LEU A 468 25.61 -6.93 17.89
CA LEU A 468 24.58 -7.90 18.25
C LEU A 468 23.84 -7.39 19.49
N CYS A 469 24.58 -7.10 20.57
CA CYS A 469 24.01 -6.47 21.75
C CYS A 469 25.10 -5.90 22.66
N ILE A 470 24.70 -5.01 23.57
CA ILE A 470 25.61 -4.59 24.64
C ILE A 470 25.25 -5.49 25.85
N PRO A 471 26.06 -6.52 26.16
CA PRO A 471 25.56 -7.51 27.17
C PRO A 471 25.36 -6.97 28.60
N PHE A 472 24.29 -7.43 29.26
CA PHE A 472 24.04 -7.16 30.68
C PHE A 472 25.24 -7.67 31.48
N ASP A 473 25.77 -8.83 31.10
CA ASP A 473 26.95 -9.42 31.70
C ASP A 473 28.23 -8.76 31.20
N GLN A 474 28.62 -7.63 31.79
CA GLN A 474 29.79 -6.90 31.36
C GLN A 474 31.11 -7.41 31.93
N PRO A 475 32.05 -7.84 31.07
CA PRO A 475 33.37 -8.21 31.58
C PRO A 475 34.02 -6.98 32.22
N PRO A 476 35.05 -7.19 33.04
CA PRO A 476 35.71 -6.03 33.69
C PRO A 476 36.21 -5.01 32.65
N MET A 477 36.09 -3.73 32.96
CA MET A 477 36.52 -2.67 32.05
C MET A 477 37.61 -1.87 32.78
N PRO A 478 38.88 -2.23 32.57
CA PRO A 478 40.00 -1.48 33.23
C PRO A 478 39.88 0.02 32.97
N GLU A 479 40.23 0.80 33.98
CA GLU A 479 40.17 2.24 33.89
C GLU A 479 40.99 2.73 32.70
N GLY A 480 40.48 3.75 31.99
CA GLY A 480 41.18 4.29 30.81
C GLY A 480 41.17 3.40 29.56
N THR A 481 40.27 2.43 29.50
CA THR A 481 40.18 1.59 28.30
C THR A 481 39.64 2.42 27.15
N LYS A 482 40.23 2.24 25.97
CA LYS A 482 39.81 2.93 24.75
C LYS A 482 38.85 2.09 23.89
N CYS A 483 37.95 2.78 23.18
CA CYS A 483 37.15 2.21 22.09
C CYS A 483 38.07 1.52 21.06
N PHE A 484 37.79 0.26 20.76
CA PHE A 484 38.53 -0.53 19.78
C PHE A 484 38.64 0.14 18.40
N TYR A 485 37.73 1.06 18.10
CA TYR A 485 37.65 1.61 16.78
C TYR A 485 37.97 3.08 16.74
N THR A 486 37.32 3.90 17.55
CA THR A 486 37.51 5.34 17.46
C THR A 486 38.70 5.76 18.29
N GLY A 487 39.08 4.93 19.26
CA GLY A 487 40.08 5.36 20.23
C GLY A 487 39.58 6.32 21.31
N LYS A 488 38.32 6.77 21.24
CA LYS A 488 37.77 7.60 22.32
C LYS A 488 37.59 6.77 23.62
N PRO A 489 37.25 7.43 24.74
CA PRO A 489 37.03 6.60 25.93
C PRO A 489 35.87 5.57 25.73
N ALA A 490 36.10 4.34 26.19
CA ALA A 490 35.16 3.24 25.98
C ALA A 490 34.23 3.14 27.17
N LYS A 491 32.94 3.14 26.86
CA LYS A 491 31.90 2.95 27.87
C LYS A 491 31.87 1.49 28.36
N ARG A 492 31.34 0.63 27.51
CA ARG A 492 30.96 -0.72 27.84
C ARG A 492 31.54 -1.66 26.78
N TRP A 493 31.51 -2.95 27.07
CA TRP A 493 31.81 -3.96 26.09
C TRP A 493 30.60 -4.18 25.21
N THR A 494 30.85 -4.20 23.91
CA THR A 494 29.83 -4.55 22.95
C THR A 494 30.15 -5.89 22.22
N LEU A 495 29.13 -6.71 22.01
CA LEU A 495 29.28 -7.94 21.24
C LEU A 495 28.90 -7.68 19.76
N TRP A 496 29.79 -8.04 18.82
CA TRP A 496 29.67 -7.78 17.37
C TRP A 496 29.82 -9.09 16.64
N GLY A 497 29.28 -9.18 15.43
CA GLY A 497 29.57 -10.30 14.55
C GLY A 497 28.84 -10.17 13.21
N ARG A 498 29.16 -11.08 12.31
CA ARG A 498 28.28 -11.35 11.17
C ARG A 498 26.97 -11.89 11.79
N SER A 499 25.84 -11.65 11.14
CA SER A 499 24.57 -12.09 11.71
C SER A 499 23.56 -12.50 10.66
N TYR A 500 22.41 -12.99 11.10
CA TYR A 500 21.31 -13.29 10.22
C TYR A 500 20.48 -12.04 9.99
N MET B 3 -23.77 -1.53 31.40
CA MET B 3 -25.03 -2.29 31.67
C MET B 3 -25.89 -2.49 30.41
N VAL B 4 -26.47 -3.68 30.27
CA VAL B 4 -27.31 -4.05 29.10
C VAL B 4 -28.76 -3.53 29.28
N THR B 5 -29.30 -2.82 28.27
CA THR B 5 -30.65 -2.22 28.28
C THR B 5 -31.61 -2.75 27.21
N ALA B 6 -31.09 -3.20 26.07
CA ALA B 6 -32.00 -3.83 25.10
C ALA B 6 -32.47 -5.16 25.69
N LYS B 7 -33.72 -5.53 25.43
CA LYS B 7 -34.28 -6.78 25.96
C LYS B 7 -34.10 -7.87 24.93
N LYS B 8 -33.63 -9.02 25.38
CA LYS B 8 -33.33 -10.15 24.49
C LYS B 8 -34.52 -10.54 23.61
N ASP B 9 -35.73 -10.45 24.17
CA ASP B 9 -36.99 -10.86 23.50
C ASP B 9 -37.62 -9.78 22.63
N GLU B 10 -37.04 -8.59 22.61
CA GLU B 10 -37.51 -7.52 21.73
C GLU B 10 -36.61 -7.38 20.51
N ASN B 11 -35.67 -6.44 20.50
CA ASN B 11 -34.73 -6.35 19.38
C ASN B 11 -33.51 -7.27 19.63
N PHE B 12 -33.51 -8.44 18.98
CA PHE B 12 -32.52 -9.46 19.25
C PHE B 12 -31.10 -9.03 18.88
N SER B 13 -30.95 -8.55 17.65
CA SER B 13 -29.65 -8.10 17.15
C SER B 13 -29.03 -6.99 17.99
N GLU B 14 -29.86 -6.06 18.50
CA GLU B 14 -29.36 -4.99 19.36
C GLU B 14 -29.01 -5.56 20.73
N TRP B 15 -29.80 -6.54 21.18
CA TRP B 15 -29.42 -7.24 22.41
C TRP B 15 -28.03 -7.92 22.26
N TYR B 16 -27.79 -8.61 21.15
CA TYR B 16 -26.55 -9.38 20.97
C TYR B 16 -25.36 -8.46 20.93
N THR B 17 -25.45 -7.43 20.10
CA THR B 17 -24.45 -6.36 20.05
C THR B 17 -24.09 -5.79 21.42
N GLN B 18 -25.09 -5.37 22.18
CA GLN B 18 -24.86 -4.89 23.54
C GLN B 18 -24.21 -5.93 24.43
N ALA B 19 -24.65 -7.19 24.32
CA ALA B 19 -24.12 -8.21 25.24
C ALA B 19 -22.61 -8.41 24.99
N ILE B 20 -22.23 -8.48 23.73
CA ILE B 20 -20.84 -8.79 23.42
C ILE B 20 -19.92 -7.57 23.62
N VAL B 21 -20.46 -6.36 23.48
CA VAL B 21 -19.63 -5.17 23.63
C VAL B 21 -19.45 -4.87 25.13
N ARG B 22 -20.56 -4.82 25.85
CA ARG B 22 -20.52 -4.37 27.25
C ARG B 22 -19.90 -5.41 28.16
N SER B 23 -19.94 -6.69 27.76
CA SER B 23 -19.20 -7.74 28.51
C SER B 23 -17.71 -7.71 28.19
N GLU B 24 -17.33 -6.84 27.24
CA GLU B 24 -15.96 -6.72 26.73
C GLU B 24 -15.45 -7.96 25.98
N MET B 25 -16.32 -8.62 25.24
CA MET B 25 -15.92 -9.74 24.42
C MET B 25 -15.37 -9.32 23.06
N ILE B 26 -15.96 -8.28 22.50
CA ILE B 26 -15.77 -7.90 21.11
C ILE B 26 -15.56 -6.39 21.03
N GLU B 27 -14.60 -5.98 20.23
CA GLU B 27 -14.43 -4.58 19.87
C GLU B 27 -14.57 -4.49 18.37
N TYR B 28 -15.29 -3.46 17.90
CA TYR B 28 -15.61 -3.32 16.46
C TYR B 28 -14.39 -2.77 15.73
N TYR B 29 -14.39 -2.89 14.41
CA TYR B 29 -13.16 -2.73 13.69
C TYR B 29 -13.50 -2.14 12.35
N ASP B 30 -12.54 -1.50 11.70
CA ASP B 30 -12.92 -0.69 10.52
C ASP B 30 -13.01 -1.55 9.27
N ILE B 31 -12.38 -2.72 9.28
CA ILE B 31 -12.54 -3.63 8.16
C ILE B 31 -13.78 -4.48 8.37
N SER B 32 -14.76 -4.24 7.51
CA SER B 32 -16.08 -4.84 7.55
C SER B 32 -16.05 -6.40 7.64
N GLY B 33 -16.82 -6.98 8.57
CA GLY B 33 -16.88 -8.44 8.75
C GLY B 33 -15.78 -8.98 9.66
N CYS B 34 -14.91 -8.10 10.17
CA CYS B 34 -13.83 -8.50 11.10
C CYS B 34 -13.99 -7.79 12.43
N TYR B 35 -13.70 -8.49 13.53
CA TYR B 35 -13.86 -7.94 14.88
C TYR B 35 -12.70 -8.40 15.76
N ILE B 36 -12.37 -7.57 16.72
CA ILE B 36 -11.36 -7.88 17.72
C ILE B 36 -12.00 -8.78 18.77
N MET B 37 -11.34 -9.91 19.03
CA MET B 37 -11.70 -10.78 20.16
C MET B 37 -10.89 -10.34 21.37
N ARG B 38 -11.54 -9.75 22.34
CA ARG B 38 -10.87 -9.26 23.55
C ARG B 38 -10.69 -10.46 24.46
N PRO B 39 -9.89 -10.33 25.55
CA PRO B 39 -9.58 -11.49 26.40
C PRO B 39 -10.76 -12.20 26.98
N TRP B 40 -11.81 -11.45 27.37
CA TRP B 40 -12.95 -12.14 27.98
C TRP B 40 -13.56 -13.17 27.00
N ALA B 41 -13.63 -12.86 25.70
CA ALA B 41 -14.06 -13.92 24.73
C ALA B 41 -12.92 -14.93 24.45
N PHE B 42 -11.69 -14.43 24.34
CA PHE B 42 -10.58 -15.34 23.99
C PHE B 42 -10.38 -16.49 25.03
N HIS B 43 -10.53 -16.18 26.33
CA HIS B 43 -10.39 -17.20 27.38
C HIS B 43 -11.36 -18.36 27.15
N ILE B 44 -12.56 -18.06 26.69
CA ILE B 44 -13.56 -19.07 26.37
C ILE B 44 -13.15 -19.97 25.20
N TRP B 45 -12.60 -19.35 24.16
CA TRP B 45 -12.06 -20.06 23.01
C TRP B 45 -10.92 -20.97 23.43
N GLU B 46 -10.06 -20.49 24.33
CA GLU B 46 -9.00 -21.32 24.92
C GLU B 46 -9.53 -22.55 25.65
N LYS B 47 -10.61 -22.43 26.39
CA LYS B 47 -11.21 -23.58 27.04
C LYS B 47 -11.71 -24.67 26.05
N VAL B 48 -12.45 -24.26 25.02
CA VAL B 48 -13.03 -25.26 24.13
C VAL B 48 -11.95 -25.83 23.23
N GLN B 49 -10.99 -24.94 22.92
CA GLN B 49 -9.83 -25.32 22.14
CA GLN B 49 -9.83 -25.34 22.13
C GLN B 49 -9.02 -26.39 22.86
N ARG B 50 -8.80 -26.21 24.16
CA ARG B 50 -7.98 -27.16 24.95
C ARG B 50 -8.73 -28.49 25.04
N PHE B 51 -10.04 -28.40 25.25
CA PHE B 51 -10.89 -29.59 25.26
C PHE B 51 -10.81 -30.42 23.96
N PHE B 52 -11.13 -29.81 22.83
CA PHE B 52 -11.13 -30.51 21.55
C PHE B 52 -9.76 -31.05 21.22
N ASP B 53 -8.74 -30.24 21.49
CA ASP B 53 -7.38 -30.60 21.16
C ASP B 53 -6.89 -31.82 21.97
N ASP B 54 -7.06 -31.79 23.29
CA ASP B 54 -6.81 -32.94 24.15
C ASP B 54 -7.47 -34.21 23.57
N GLU B 55 -8.74 -34.08 23.15
CA GLU B 55 -9.52 -35.23 22.72
C GLU B 55 -9.02 -35.79 21.39
N ILE B 56 -8.71 -34.93 20.43
CA ILE B 56 -8.24 -35.47 19.15
C ILE B 56 -6.83 -36.09 19.29
N LYS B 57 -5.98 -35.53 20.15
CA LYS B 57 -4.72 -36.17 20.51
C LYS B 57 -4.90 -37.62 21.06
N LYS B 58 -5.96 -37.92 21.82
CA LYS B 58 -6.22 -39.32 22.23
C LYS B 58 -6.56 -40.22 21.03
N MET B 59 -7.08 -39.61 19.96
CA MET B 59 -7.35 -40.37 18.74
C MET B 59 -6.09 -40.57 17.88
N GLY B 60 -4.94 -40.06 18.30
CA GLY B 60 -3.76 -40.07 17.42
C GLY B 60 -3.69 -38.94 16.37
N VAL B 61 -4.57 -37.96 16.45
CA VAL B 61 -4.49 -36.81 15.55
C VAL B 61 -3.35 -35.89 16.00
N GLU B 62 -2.48 -35.55 15.05
CA GLU B 62 -1.38 -34.63 15.34
C GLU B 62 -1.60 -33.25 14.74
N ASN B 63 -1.19 -32.24 15.47
CA ASN B 63 -1.23 -30.88 14.97
C ASN B 63 -0.07 -30.57 14.04
N SER B 64 -0.33 -29.64 13.13
CA SER B 64 0.66 -29.19 12.17
C SER B 64 0.38 -27.74 11.85
N TYR B 65 1.17 -27.19 10.95
CA TYR B 65 0.86 -25.89 10.39
C TYR B 65 1.27 -25.76 8.92
N PHE B 66 0.27 -25.62 8.05
CA PHE B 66 0.43 -25.38 6.64
C PHE B 66 0.29 -23.86 6.31
N PRO B 67 0.89 -23.42 5.19
CA PRO B 67 0.88 -21.99 4.89
C PRO B 67 -0.54 -21.41 4.68
N MET B 68 -0.67 -20.12 4.97
CA MET B 68 -1.92 -19.38 4.75
C MET B 68 -2.10 -18.92 3.28
N PHE B 69 -1.06 -19.09 2.46
CA PHE B 69 -1.13 -18.75 1.02
C PHE B 69 -1.21 -19.98 0.17
N VAL B 70 -1.96 -19.85 -0.93
CA VAL B 70 -1.99 -20.87 -1.96
C VAL B 70 -1.96 -20.17 -3.34
N SER B 71 -1.15 -20.74 -4.24
CA SER B 71 -0.94 -20.16 -5.55
C SER B 71 -2.23 -20.23 -6.38
N ARG B 72 -2.38 -19.27 -7.28
CA ARG B 72 -3.58 -19.18 -8.12
C ARG B 72 -3.90 -20.52 -8.73
N HIS B 73 -2.92 -21.12 -9.38
CA HIS B 73 -3.21 -22.28 -10.20
C HIS B 73 -3.58 -23.52 -9.35
N LYS B 74 -3.02 -23.66 -8.15
CA LYS B 74 -3.38 -24.78 -7.26
C LYS B 74 -4.79 -24.57 -6.72
N LEU B 75 -5.07 -23.36 -6.28
CA LEU B 75 -6.41 -23.08 -5.79
C LEU B 75 -7.41 -23.27 -6.91
N GLU B 76 -7.08 -22.84 -8.12
CA GLU B 76 -8.07 -22.80 -9.23
C GLU B 76 -8.15 -24.05 -10.12
N LYS B 77 -7.52 -25.14 -9.69
CA LYS B 77 -7.72 -26.48 -10.28
C LYS B 77 -9.10 -27.06 -9.90
N GLY B 84 -19.14 -21.58 -6.80
CA GLY B 84 -19.74 -20.47 -6.05
C GLY B 84 -18.88 -20.01 -4.88
N PHE B 85 -17.62 -20.48 -4.88
CA PHE B 85 -16.68 -20.15 -3.81
C PHE B 85 -15.75 -19.02 -4.24
N SER B 86 -15.43 -18.99 -5.55
CA SER B 86 -14.58 -17.97 -6.14
C SER B 86 -14.83 -16.53 -5.65
N PRO B 87 -16.09 -16.09 -5.51
CA PRO B 87 -16.23 -14.66 -5.12
C PRO B 87 -15.72 -14.36 -3.71
N GLU B 88 -15.55 -15.40 -2.88
CA GLU B 88 -15.13 -15.24 -1.46
C GLU B 88 -13.61 -15.15 -1.23
N VAL B 89 -12.83 -15.48 -2.25
CA VAL B 89 -11.37 -15.59 -2.10
C VAL B 89 -10.65 -14.25 -2.07
N ALA B 90 -9.88 -14.02 -1.00
CA ALA B 90 -9.03 -12.84 -0.86
C ALA B 90 -7.72 -13.04 -1.64
N TRP B 91 -7.38 -12.08 -2.50
CA TRP B 91 -6.18 -12.18 -3.33
C TRP B 91 -5.15 -11.14 -2.99
N VAL B 92 -3.94 -11.62 -2.73
CA VAL B 92 -2.77 -10.80 -2.55
C VAL B 92 -2.17 -10.62 -3.93
N THR B 93 -1.94 -9.38 -4.33
CA THR B 93 -1.51 -9.09 -5.70
C THR B 93 -0.19 -8.32 -5.70
N HIS B 94 0.16 -7.71 -4.56
CA HIS B 94 1.33 -6.83 -4.46
C HIS B 94 2.15 -7.06 -3.17
N TYR B 95 3.46 -6.86 -3.24
CA TYR B 95 4.29 -6.71 -2.02
C TYR B 95 4.93 -5.35 -2.14
N GLY B 96 4.70 -4.49 -1.16
CA GLY B 96 5.05 -3.07 -1.29
C GLY B 96 4.38 -2.51 -2.52
N ASP B 97 5.14 -1.85 -3.39
CA ASP B 97 4.57 -1.33 -4.66
C ASP B 97 4.71 -2.33 -5.80
N SER B 98 5.42 -3.44 -5.57
CA SER B 98 5.69 -4.37 -6.64
C SER B 98 4.55 -5.34 -6.82
N PRO B 99 4.13 -5.57 -8.10
CA PRO B 99 3.12 -6.58 -8.35
C PRO B 99 3.75 -7.97 -8.25
N LEU B 100 3.04 -8.92 -7.64
CA LEU B 100 3.49 -10.30 -7.67
C LEU B 100 3.46 -10.80 -9.13
N PRO B 101 4.49 -11.56 -9.56
CA PRO B 101 4.41 -12.25 -10.88
C PRO B 101 3.08 -12.99 -11.06
N GLU B 102 2.66 -13.73 -10.05
CA GLU B 102 1.31 -14.30 -10.03
C GLU B 102 0.64 -14.00 -8.68
N LYS B 103 -0.61 -13.58 -8.73
CA LYS B 103 -1.33 -13.24 -7.52
C LYS B 103 -1.46 -14.52 -6.68
N ILE B 104 -1.66 -14.34 -5.38
CA ILE B 104 -1.69 -15.46 -4.45
C ILE B 104 -2.90 -15.36 -3.53
N ALA B 105 -3.56 -16.47 -3.23
CA ALA B 105 -4.75 -16.42 -2.39
C ALA B 105 -4.47 -16.71 -0.90
N ILE B 106 -5.17 -16.00 -0.02
CA ILE B 106 -5.22 -16.38 1.37
C ILE B 106 -6.17 -17.60 1.54
N ARG B 107 -5.76 -18.59 2.32
CA ARG B 107 -6.56 -19.82 2.52
C ARG B 107 -8.02 -19.71 3.02
N PRO B 108 -9.01 -20.01 2.17
CA PRO B 108 -10.38 -20.06 2.65
C PRO B 108 -10.68 -21.37 3.39
N THR B 109 -9.76 -22.32 3.24
CA THR B 109 -9.83 -23.72 3.65
C THR B 109 -8.60 -24.36 2.97
N SER B 110 -8.14 -25.53 3.44
CA SER B 110 -6.75 -25.90 3.10
C SER B 110 -6.54 -27.16 2.23
N GLU B 111 -7.64 -27.73 1.74
CA GLU B 111 -7.57 -28.89 0.84
C GLU B 111 -6.49 -28.67 -0.21
N THR B 112 -6.47 -27.53 -0.89
CA THR B 112 -5.56 -27.38 -2.02
C THR B 112 -4.10 -27.19 -1.55
N ILE B 113 -3.92 -26.96 -0.24
CA ILE B 113 -2.60 -26.69 0.35
C ILE B 113 -2.10 -28.01 0.94
N MET B 114 -3.01 -28.77 1.52
CA MET B 114 -2.59 -30.01 2.21
C MET B 114 -2.52 -31.21 1.29
N TYR B 115 -3.49 -31.32 0.37
CA TYR B 115 -3.61 -32.60 -0.39
C TYR B 115 -2.45 -32.94 -1.31
N PRO B 116 -1.80 -31.94 -1.92
CA PRO B 116 -0.57 -32.33 -2.64
C PRO B 116 0.49 -32.93 -1.77
N ALA B 117 0.67 -32.42 -0.54
CA ALA B 117 1.63 -33.03 0.38
C ALA B 117 1.22 -34.48 0.76
N TYR B 118 -0.07 -34.66 0.99
CA TYR B 118 -0.62 -35.98 1.30
C TYR B 118 -0.25 -37.00 0.19
N ALA B 119 -0.40 -36.61 -1.07
CA ALA B 119 0.00 -37.45 -2.22
C ALA B 119 1.46 -37.87 -2.11
N LYS B 120 2.32 -36.94 -1.69
CA LYS B 120 3.74 -37.21 -1.53
C LYS B 120 4.07 -38.12 -0.34
N TRP B 121 3.44 -37.86 0.81
CA TRP B 121 3.74 -38.55 2.05
C TRP B 121 3.20 -39.97 2.10
N ILE B 122 2.10 -40.23 1.40
CA ILE B 122 1.47 -41.56 1.46
C ILE B 122 1.95 -42.50 0.31
N ARG B 123 2.64 -43.56 0.68
CA ARG B 123 3.16 -44.51 -0.30
C ARG B 123 2.60 -45.92 -0.07
N SER B 124 2.48 -46.33 1.20
CA SER B 124 1.86 -47.62 1.54
C SER B 124 1.00 -47.62 2.80
N HIS B 125 0.33 -48.76 3.01
CA HIS B 125 -0.53 -48.99 4.17
C HIS B 125 0.19 -48.68 5.47
N ARG B 126 1.52 -48.78 5.43
CA ARG B 126 2.36 -48.43 6.56
C ARG B 126 2.23 -46.94 6.91
N ASP B 127 1.80 -46.15 5.93
CA ASP B 127 1.68 -44.69 6.06
C ASP B 127 0.32 -44.23 6.54
N LEU B 128 -0.60 -45.19 6.74
CA LEU B 128 -1.98 -44.90 7.10
C LEU B 128 -2.35 -45.53 8.45
N PRO B 129 -3.37 -44.98 9.14
CA PRO B 129 -4.06 -43.73 8.78
C PRO B 129 -3.15 -42.49 8.96
N LEU B 130 -3.26 -41.51 8.06
CA LEU B 130 -2.63 -40.22 8.29
C LEU B 130 -3.68 -39.28 8.92
N LYS B 131 -3.38 -38.76 10.11
CA LYS B 131 -4.33 -37.91 10.84
C LYS B 131 -3.68 -36.59 11.25
N LEU B 132 -4.08 -35.52 10.56
CA LEU B 132 -3.57 -34.17 10.87
C LEU B 132 -4.67 -33.17 11.16
N ASN B 133 -4.34 -32.20 12.02
CA ASN B 133 -5.20 -31.07 12.29
C ASN B 133 -4.35 -29.77 12.27
N GLN B 134 -5.01 -28.63 12.05
CA GLN B 134 -4.39 -27.34 12.42
C GLN B 134 -5.40 -26.35 12.98
N TRP B 135 -4.96 -25.55 13.95
CA TRP B 135 -5.69 -24.41 14.51
C TRP B 135 -5.16 -23.23 13.74
N CYS B 136 -6.03 -22.42 13.12
CA CYS B 136 -5.51 -21.29 12.33
C CYS B 136 -6.66 -20.39 12.04
N SER B 137 -6.40 -19.31 11.31
CA SER B 137 -7.52 -18.53 10.80
C SER B 137 -7.70 -18.71 9.32
N VAL B 138 -8.94 -18.54 8.86
CA VAL B 138 -9.22 -18.56 7.43
C VAL B 138 -9.97 -17.29 7.06
N VAL B 139 -9.88 -16.95 5.77
CA VAL B 139 -10.47 -15.73 5.27
C VAL B 139 -11.45 -16.07 4.16
N ARG B 140 -12.67 -15.59 4.33
CA ARG B 140 -13.68 -15.73 3.27
C ARG B 140 -14.43 -14.38 3.15
N TRP B 141 -14.54 -13.83 1.93
CA TRP B 141 -15.20 -12.50 1.80
C TRP B 141 -16.69 -12.74 1.71
N GLU B 142 -17.24 -13.14 2.85
CA GLU B 142 -18.66 -13.45 3.01
C GLU B 142 -19.57 -12.39 2.40
N PHE B 143 -20.55 -12.86 1.64
CA PHE B 143 -21.52 -11.95 1.05
C PHE B 143 -22.70 -11.74 1.98
N LYS B 144 -23.04 -12.73 2.79
CA LYS B 144 -24.11 -12.50 3.79
C LYS B 144 -23.68 -11.45 4.78
N GLN B 145 -24.68 -10.81 5.38
CA GLN B 145 -24.51 -9.87 6.45
C GLN B 145 -23.53 -10.46 7.49
N PRO B 146 -22.46 -9.73 7.83
CA PRO B 146 -21.60 -10.36 8.84
C PRO B 146 -22.19 -10.21 10.25
N THR B 147 -21.77 -11.08 11.17
CA THR B 147 -22.18 -11.01 12.58
C THR B 147 -20.99 -11.49 13.40
N PRO B 148 -20.62 -10.76 14.46
CA PRO B 148 -19.51 -11.26 15.28
C PRO B 148 -19.67 -12.75 15.69
N PHE B 149 -18.54 -13.46 15.65
CA PHE B 149 -18.47 -14.92 15.91
C PHE B 149 -19.17 -15.76 14.84
N LEU B 150 -20.46 -15.52 14.63
CA LEU B 150 -21.29 -16.41 13.78
C LEU B 150 -20.92 -16.42 12.31
N ARG B 151 -20.66 -15.24 11.76
CA ARG B 151 -20.24 -15.14 10.35
C ARG B 151 -19.30 -13.98 10.14
N THR B 152 -18.01 -14.28 10.08
CA THR B 152 -17.00 -13.23 10.02
C THR B 152 -16.13 -13.49 8.83
N ARG B 153 -15.49 -12.46 8.30
CA ARG B 153 -14.66 -12.65 7.10
C ARG B 153 -13.28 -13.22 7.37
N GLU B 154 -12.76 -13.01 8.57
CA GLU B 154 -11.68 -13.82 9.09
C GLU B 154 -12.24 -14.52 10.31
N PHE B 155 -12.09 -15.84 10.38
CA PHE B 155 -12.46 -16.56 11.60
C PHE B 155 -11.39 -17.56 12.04
N LEU B 156 -11.34 -17.85 13.34
CA LEU B 156 -10.46 -18.87 13.87
C LEU B 156 -11.23 -20.18 13.81
N TRP B 157 -10.50 -21.23 13.51
CA TRP B 157 -11.06 -22.58 13.49
C TRP B 157 -9.95 -23.60 13.73
N GLN B 158 -10.34 -24.86 13.79
CA GLN B 158 -9.41 -25.94 13.45
C GLN B 158 -10.02 -26.62 12.21
N GLU B 159 -9.18 -27.21 11.39
CA GLU B 159 -9.64 -28.12 10.33
C GLU B 159 -8.80 -29.39 10.46
N GLY B 160 -9.47 -30.53 10.52
CA GLY B 160 -8.81 -31.82 10.61
C GLY B 160 -9.00 -32.45 9.26
N HIS B 161 -8.00 -33.18 8.79
CA HIS B 161 -8.03 -33.82 7.49
C HIS B 161 -7.31 -35.14 7.68
N THR B 162 -8.00 -36.24 7.43
CA THR B 162 -7.44 -37.58 7.65
C THR B 162 -7.56 -38.42 6.38
N ALA B 163 -6.73 -39.47 6.29
CA ALA B 163 -6.69 -40.35 5.15
C ALA B 163 -6.56 -41.76 5.69
N HIS B 164 -7.37 -42.66 5.16
CA HIS B 164 -7.45 -44.04 5.62
C HIS B 164 -7.41 -45.07 4.49
N ALA B 165 -7.05 -46.30 4.85
CA ALA B 165 -7.03 -47.46 3.92
C ALA B 165 -8.42 -47.86 3.46
N THR B 166 -9.42 -47.73 4.35
CA THR B 166 -10.77 -48.21 4.05
C THR B 166 -11.80 -47.19 4.43
N GLU B 167 -12.96 -47.28 3.79
CA GLU B 167 -14.11 -46.44 4.10
C GLU B 167 -14.64 -46.62 5.53
N GLU B 168 -14.75 -47.87 5.98
CA GLU B 168 -15.21 -48.17 7.34
C GLU B 168 -14.39 -47.39 8.41
N GLU B 169 -13.07 -47.38 8.25
CA GLU B 169 -12.23 -46.70 9.24
C GLU B 169 -12.45 -45.17 9.16
N ALA B 170 -12.54 -44.68 7.94
CA ALA B 170 -12.69 -43.27 7.69
C ALA B 170 -14.01 -42.81 8.31
N TRP B 171 -15.07 -43.58 8.02
CA TRP B 171 -16.41 -43.27 8.51
C TRP B 171 -16.47 -43.33 10.02
N GLU B 172 -15.77 -44.30 10.62
CA GLU B 172 -15.72 -44.38 12.08
C GLU B 172 -15.10 -43.10 12.69
N LEU B 173 -14.07 -42.55 12.01
CA LEU B 173 -13.44 -41.28 12.47
C LEU B 173 -14.42 -40.09 12.33
N VAL B 174 -15.06 -40.00 11.19
CA VAL B 174 -16.13 -39.02 10.96
C VAL B 174 -17.08 -38.93 12.15
N LEU B 175 -17.56 -40.08 12.62
CA LEU B 175 -18.54 -40.09 13.70
C LEU B 175 -17.90 -39.82 15.02
N ASP B 176 -16.68 -40.32 15.23
CA ASP B 176 -15.96 -39.96 16.45
C ASP B 176 -15.80 -38.41 16.60
N ILE B 177 -15.39 -37.76 15.50
CA ILE B 177 -15.19 -36.31 15.51
C ILE B 177 -16.54 -35.67 15.77
N LEU B 178 -17.59 -36.14 15.07
CA LEU B 178 -18.91 -35.56 15.29
C LEU B 178 -19.33 -35.64 16.77
N GLU B 179 -19.00 -36.74 17.42
CA GLU B 179 -19.33 -36.88 18.82
C GLU B 179 -18.53 -35.85 19.68
N LEU B 180 -17.27 -35.59 19.29
CA LEU B 180 -16.47 -34.55 19.96
C LEU B 180 -17.10 -33.18 19.80
N TYR B 181 -17.68 -32.91 18.63
CA TYR B 181 -18.34 -31.62 18.43
C TYR B 181 -19.60 -31.55 19.29
N ARG B 182 -20.34 -32.67 19.39
CA ARG B 182 -21.50 -32.70 20.32
C ARG B 182 -21.00 -32.35 21.71
N ARG B 183 -19.86 -32.89 22.12
CA ARG B 183 -19.35 -32.66 23.45
C ARG B 183 -18.85 -31.21 23.67
N TRP B 184 -18.21 -30.64 22.65
CA TRP B 184 -17.82 -29.20 22.64
C TRP B 184 -19.06 -28.35 22.93
N TYR B 185 -20.13 -28.55 22.18
CA TYR B 185 -21.30 -27.72 22.40
C TYR B 185 -22.07 -28.10 23.68
N GLU B 186 -22.35 -29.40 23.80
CA GLU B 186 -23.25 -29.85 24.86
C GLU B 186 -22.58 -29.90 26.19
N GLU B 187 -21.36 -30.42 26.25
CA GLU B 187 -20.67 -30.60 27.53
C GLU B 187 -19.87 -29.38 27.99
N CYS B 188 -19.22 -28.67 27.08
CA CYS B 188 -18.53 -27.43 27.46
C CYS B 188 -19.48 -26.22 27.50
N LEU B 189 -20.18 -25.98 26.40
CA LEU B 189 -20.97 -24.76 26.22
C LEU B 189 -22.47 -24.88 26.64
N ALA B 190 -22.90 -26.07 27.06
CA ALA B 190 -24.29 -26.30 27.54
C ALA B 190 -25.29 -25.91 26.48
N VAL B 191 -24.89 -26.11 25.22
CA VAL B 191 -25.73 -25.85 24.08
C VAL B 191 -26.08 -27.17 23.43
N PRO B 192 -27.39 -27.47 23.31
CA PRO B 192 -27.85 -28.70 22.68
C PRO B 192 -27.79 -28.63 21.16
N VAL B 193 -27.49 -29.77 20.55
CA VAL B 193 -27.28 -29.86 19.10
C VAL B 193 -27.93 -31.12 18.61
N ILE B 194 -28.36 -31.10 17.35
CA ILE B 194 -28.85 -32.30 16.70
C ILE B 194 -27.84 -32.84 15.68
N LYS B 195 -27.40 -34.09 15.87
CA LYS B 195 -26.58 -34.76 14.88
C LYS B 195 -27.44 -35.16 13.70
N GLY B 196 -26.90 -35.02 12.50
CA GLY B 196 -27.60 -35.48 11.32
C GLY B 196 -26.75 -35.47 10.09
N GLU B 197 -27.35 -35.77 8.95
CA GLU B 197 -26.62 -35.77 7.72
C GLU B 197 -27.21 -34.67 6.85
N LYS B 198 -26.36 -34.02 6.07
CA LYS B 198 -26.84 -32.98 5.17
C LYS B 198 -27.57 -33.64 3.99
N SER B 199 -28.57 -32.96 3.47
CA SER B 199 -29.17 -33.33 2.17
C SER B 199 -28.14 -33.22 1.05
N GLU B 200 -28.45 -33.81 -0.11
CA GLU B 200 -27.58 -33.74 -1.27
C GLU B 200 -27.31 -32.29 -1.69
N GLY B 201 -28.29 -31.40 -1.49
CA GLY B 201 -28.17 -29.98 -1.81
C GLY B 201 -27.25 -29.17 -0.90
N GLU B 202 -27.13 -29.62 0.36
CA GLU B 202 -26.38 -28.91 1.39
C GLU B 202 -25.01 -29.53 1.72
N LYS B 203 -24.74 -30.73 1.26
CA LYS B 203 -23.50 -31.37 1.64
C LYS B 203 -22.34 -30.69 0.89
N PHE B 204 -21.13 -30.93 1.39
CA PHE B 204 -19.91 -30.50 0.71
C PHE B 204 -19.80 -31.34 -0.57
N ALA B 205 -19.93 -30.64 -1.70
CA ALA B 205 -19.84 -31.26 -3.04
C ALA B 205 -18.53 -32.07 -3.28
N GLY B 206 -17.45 -31.71 -2.59
CA GLY B 206 -16.22 -32.49 -2.66
C GLY B 206 -16.26 -33.84 -1.95
N GLY B 207 -17.34 -34.11 -1.22
CA GLY B 207 -17.41 -35.30 -0.37
C GLY B 207 -18.52 -36.28 -0.72
N LYS B 208 -18.52 -37.43 -0.07
CA LYS B 208 -19.56 -38.43 -0.26
C LYS B 208 -20.73 -38.11 0.66
N LYS B 209 -20.42 -37.91 1.94
CA LYS B 209 -21.44 -37.66 2.93
C LYS B 209 -20.95 -36.63 3.92
N THR B 210 -21.78 -35.63 4.19
CA THR B 210 -21.49 -34.63 5.20
C THR B 210 -22.37 -34.83 6.42
N THR B 211 -21.77 -35.06 7.59
CA THR B 211 -22.48 -35.04 8.86
C THR B 211 -22.34 -33.69 9.58
N THR B 212 -23.34 -33.35 10.37
CA THR B 212 -23.41 -32.07 11.05
C THR B 212 -24.02 -32.19 12.43
N VAL B 213 -23.73 -31.20 13.26
CA VAL B 213 -24.50 -30.91 14.46
C VAL B 213 -25.12 -29.54 14.23
N GLU B 214 -26.42 -29.45 14.55
CA GLU B 214 -27.21 -28.25 14.24
C GLU B 214 -27.76 -27.71 15.52
N ALA B 215 -27.69 -26.38 15.68
CA ALA B 215 -28.28 -25.69 16.81
C ALA B 215 -29.44 -24.79 16.34
N PHE B 216 -30.10 -24.14 17.29
CA PHE B 216 -31.33 -23.39 17.02
C PHE B 216 -31.35 -22.13 17.84
N ILE B 217 -31.66 -21.02 17.21
CA ILE B 217 -31.81 -19.74 17.93
C ILE B 217 -33.29 -19.33 18.01
N PRO B 218 -33.90 -19.51 19.21
CA PRO B 218 -35.34 -19.29 19.36
C PRO B 218 -35.77 -17.88 18.96
N GLU B 219 -34.94 -16.87 19.26
CA GLU B 219 -35.37 -15.47 19.13
C GLU B 219 -35.61 -15.03 17.71
N ASN B 220 -34.94 -15.66 16.76
CA ASN B 220 -35.18 -15.36 15.35
C ASN B 220 -35.64 -16.61 14.56
N GLY B 221 -35.83 -17.74 15.25
CA GLY B 221 -36.25 -18.97 14.58
C GLY B 221 -35.22 -19.60 13.63
N ARG B 222 -33.96 -19.23 13.79
CA ARG B 222 -32.94 -19.66 12.84
C ARG B 222 -32.20 -20.90 13.30
N GLY B 223 -32.15 -21.90 12.43
CA GLY B 223 -31.25 -23.03 12.58
C GLY B 223 -29.84 -22.54 12.24
N ILE B 224 -28.82 -23.16 12.85
CA ILE B 224 -27.45 -22.77 12.56
C ILE B 224 -26.50 -23.97 12.62
N GLN B 225 -25.69 -24.11 11.58
CA GLN B 225 -24.73 -25.22 11.62
C GLN B 225 -23.61 -24.95 12.62
N ALA B 226 -23.50 -25.84 13.59
CA ALA B 226 -22.56 -25.75 14.71
C ALA B 226 -21.16 -26.27 14.40
N ALA B 227 -21.05 -27.32 13.57
CA ALA B 227 -19.75 -27.88 13.18
C ALA B 227 -20.07 -28.84 12.08
N THR B 228 -19.05 -29.46 11.50
CA THR B 228 -19.25 -30.32 10.33
C THR B 228 -18.16 -31.37 10.24
N SER B 229 -18.49 -32.54 9.69
CA SER B 229 -17.58 -33.66 9.63
C SER B 229 -17.93 -34.50 8.40
N HIS B 230 -16.98 -34.55 7.45
CA HIS B 230 -17.25 -35.10 6.11
C HIS B 230 -16.62 -36.43 5.93
N LEU B 231 -17.41 -37.37 5.42
CA LEU B 231 -16.82 -38.56 4.79
C LEU B 231 -16.51 -38.16 3.36
N LEU B 232 -15.24 -38.11 3.01
CA LEU B 232 -14.92 -37.56 1.71
C LEU B 232 -14.96 -38.60 0.62
N GLY B 233 -14.92 -39.88 1.00
CA GLY B 233 -14.83 -40.95 0.00
C GLY B 233 -13.44 -40.93 -0.60
N THR B 234 -13.39 -41.08 -1.92
CA THR B 234 -12.13 -41.18 -2.63
C THR B 234 -11.97 -40.11 -3.69
N ASN B 235 -12.94 -39.20 -3.84
CA ASN B 235 -12.81 -38.20 -4.91
C ASN B 235 -11.58 -37.29 -4.81
N PHE B 236 -11.25 -36.85 -3.61
CA PHE B 236 -10.05 -36.07 -3.43
C PHE B 236 -8.82 -36.90 -3.70
N ALA B 237 -8.85 -38.16 -3.29
CA ALA B 237 -7.74 -39.06 -3.57
C ALA B 237 -7.54 -39.26 -5.08
N LYS B 238 -8.62 -39.25 -5.85
CA LYS B 238 -8.49 -39.39 -7.30
C LYS B 238 -7.95 -38.06 -7.88
N MET B 239 -8.48 -36.94 -7.40
CA MET B 239 -8.07 -35.62 -7.87
C MET B 239 -6.58 -35.30 -7.56
N PHE B 240 -6.09 -35.75 -6.41
CA PHE B 240 -4.74 -35.35 -5.94
C PHE B 240 -3.71 -36.47 -6.08
N GLU B 241 -4.20 -37.63 -6.55
CA GLU B 241 -3.41 -38.83 -6.73
C GLU B 241 -2.87 -39.25 -5.38
N ILE B 242 -3.76 -39.35 -4.39
CA ILE B 242 -3.35 -39.86 -3.10
C ILE B 242 -3.58 -41.36 -3.09
N GLU B 243 -2.50 -42.11 -3.33
CA GLU B 243 -2.59 -43.56 -3.48
C GLU B 243 -1.61 -44.29 -2.59
N PHE B 244 -1.93 -45.54 -2.31
CA PHE B 244 -1.03 -46.34 -1.52
C PHE B 244 -1.04 -47.78 -2.03
N GLU B 245 -0.04 -48.55 -1.60
CA GLU B 245 -0.01 -49.97 -1.89
C GLU B 245 -0.42 -50.81 -0.69
N ASP B 246 -1.44 -51.65 -0.87
CA ASP B 246 -1.84 -52.66 0.13
C ASP B 246 -0.70 -53.64 0.45
N GLU B 247 -0.90 -54.50 1.46
CA GLU B 247 0.12 -55.49 1.83
C GLU B 247 0.22 -56.65 0.81
N GLU B 248 -0.56 -56.53 -0.28
CA GLU B 248 -0.54 -57.48 -1.39
C GLU B 248 0.12 -56.89 -2.63
N GLY B 249 0.38 -55.59 -2.62
CA GLY B 249 1.17 -54.94 -3.67
C GLY B 249 0.41 -54.10 -4.68
N HIS B 250 -0.91 -53.97 -4.52
CA HIS B 250 -1.75 -53.21 -5.47
C HIS B 250 -1.97 -51.73 -5.07
N LYS B 251 -2.15 -50.87 -6.07
CA LYS B 251 -2.37 -49.43 -5.87
C LYS B 251 -3.83 -49.05 -5.56
N ARG B 252 -4.09 -48.58 -4.34
CA ARG B 252 -5.44 -48.20 -3.92
C ARG B 252 -5.56 -46.71 -3.53
N LEU B 253 -6.70 -46.11 -3.85
CA LEU B 253 -7.02 -44.76 -3.40
C LEU B 253 -7.29 -44.71 -1.90
N VAL B 254 -6.91 -43.61 -1.25
CA VAL B 254 -7.20 -43.47 0.19
C VAL B 254 -8.64 -43.01 0.37
N HIS B 255 -9.20 -43.26 1.55
CA HIS B 255 -10.51 -42.75 1.90
C HIS B 255 -10.29 -41.65 2.95
N GLN B 256 -10.83 -40.46 2.68
CA GLN B 256 -10.47 -39.28 3.44
C GLN B 256 -11.63 -38.71 4.26
N THR B 257 -11.31 -37.90 5.27
CA THR B 257 -12.33 -37.13 6.01
C THR B 257 -11.79 -35.72 6.22
N SER B 258 -12.69 -34.75 6.41
CA SER B 258 -12.27 -33.45 6.93
C SER B 258 -13.37 -32.93 7.87
N TRP B 259 -13.01 -32.02 8.76
CA TRP B 259 -13.93 -31.55 9.81
C TRP B 259 -13.41 -30.23 10.32
N GLY B 260 -14.34 -29.34 10.68
CA GLY B 260 -13.93 -28.06 11.21
C GLY B 260 -15.00 -27.45 12.09
N CYS B 261 -14.57 -26.57 13.00
CA CYS B 261 -15.49 -25.92 13.93
C CYS B 261 -14.82 -24.59 14.27
N THR B 262 -15.61 -23.55 14.49
CA THR B 262 -15.02 -22.21 14.56
C THR B 262 -15.42 -21.47 15.83
N THR B 263 -14.95 -20.22 15.92
CA THR B 263 -15.40 -19.29 16.95
C THR B 263 -16.89 -18.98 16.88
N ARG B 264 -17.58 -19.36 15.82
CA ARG B 264 -19.06 -19.39 15.82
C ARG B 264 -19.65 -20.02 17.09
N SER B 265 -19.00 -21.08 17.57
CA SER B 265 -19.45 -21.78 18.77
C SER B 265 -19.61 -20.79 19.93
N LEU B 266 -18.79 -19.75 19.98
CA LEU B 266 -18.94 -18.80 21.09
C LEU B 266 -20.23 -17.97 20.97
N GLY B 267 -20.52 -17.51 19.76
CA GLY B 267 -21.73 -16.76 19.50
C GLY B 267 -22.97 -17.56 19.83
N VAL B 268 -22.97 -18.84 19.45
CA VAL B 268 -24.07 -19.76 19.81
C VAL B 268 -24.26 -19.87 21.32
N MET B 269 -23.15 -19.89 22.08
CA MET B 269 -23.25 -19.99 23.51
C MET B 269 -23.87 -18.70 24.06
N ILE B 270 -23.41 -17.57 23.55
CA ILE B 270 -23.86 -16.26 24.03
C ILE B 270 -25.35 -16.14 23.80
N MET B 271 -25.79 -16.43 22.59
CA MET B 271 -27.20 -16.32 22.26
C MET B 271 -28.10 -17.30 23.03
N THR B 272 -27.60 -18.50 23.30
CA THR B 272 -28.34 -19.54 23.97
C THR B 272 -28.61 -19.12 25.43
N HIS B 273 -27.55 -18.81 26.19
CA HIS B 273 -27.66 -18.61 27.65
C HIS B 273 -27.83 -17.15 28.10
N GLY B 274 -27.54 -16.20 27.22
CA GLY B 274 -27.73 -14.80 27.59
C GLY B 274 -29.15 -14.40 28.00
N ASP B 275 -29.24 -13.41 28.87
CA ASP B 275 -30.53 -12.90 29.29
C ASP B 275 -30.52 -11.38 29.20
N ASP B 276 -31.42 -10.72 29.91
CA ASP B 276 -31.61 -9.26 29.77
C ASP B 276 -30.48 -8.54 30.49
N LYS B 277 -29.76 -9.23 31.36
CA LYS B 277 -28.60 -8.58 32.01
C LYS B 277 -27.29 -8.84 31.26
N GLY B 278 -27.36 -9.58 30.18
CA GLY B 278 -26.18 -9.83 29.35
C GLY B 278 -25.79 -11.29 29.34
N LEU B 279 -24.48 -11.52 29.51
CA LEU B 279 -23.86 -12.84 29.36
C LEU B 279 -24.17 -13.74 30.52
N VAL B 280 -24.29 -15.03 30.25
CA VAL B 280 -24.27 -16.05 31.29
C VAL B 280 -23.32 -17.14 30.79
N ILE B 281 -22.18 -17.29 31.49
CA ILE B 281 -21.14 -18.25 31.08
C ILE B 281 -21.29 -19.57 31.85
N PRO B 282 -21.44 -20.69 31.10
CA PRO B 282 -21.40 -22.01 31.72
C PRO B 282 -20.08 -22.17 32.47
N PRO B 283 -20.17 -22.60 33.75
CA PRO B 283 -19.03 -22.84 34.62
C PRO B 283 -17.86 -23.63 33.99
N ARG B 284 -18.15 -24.63 33.18
CA ARG B 284 -17.07 -25.39 32.54
C ARG B 284 -16.14 -24.61 31.62
N VAL B 285 -16.61 -23.51 31.03
CA VAL B 285 -15.73 -22.71 30.19
C VAL B 285 -15.47 -21.31 30.75
N ALA B 286 -15.86 -21.05 31.98
CA ALA B 286 -15.68 -19.72 32.57
C ALA B 286 -14.28 -19.63 33.14
N SER B 287 -13.50 -18.64 32.72
CA SER B 287 -12.16 -18.48 33.27
C SER B 287 -12.21 -17.99 34.71
N VAL B 288 -13.21 -17.17 35.05
CA VAL B 288 -13.56 -16.81 36.45
C VAL B 288 -14.87 -17.52 36.82
N GLN B 289 -14.80 -18.59 37.60
CA GLN B 289 -16.04 -19.29 38.02
C GLN B 289 -16.69 -18.54 39.19
N VAL B 290 -15.86 -18.00 40.07
CA VAL B 290 -16.38 -17.36 41.25
C VAL B 290 -15.61 -16.05 41.38
N VAL B 291 -16.32 -14.93 41.40
CA VAL B 291 -15.69 -13.68 41.73
C VAL B 291 -15.96 -13.33 43.21
N ILE B 292 -14.91 -13.03 43.94
CA ILE B 292 -15.08 -12.59 45.34
C ILE B 292 -15.06 -11.06 45.45
N ILE B 293 -16.13 -10.48 45.98
CA ILE B 293 -16.22 -9.02 46.16
C ILE B 293 -16.19 -8.58 47.64
N PRO B 294 -15.12 -7.89 48.06
CA PRO B 294 -15.09 -7.31 49.42
C PRO B 294 -16.00 -6.08 49.51
N ILE B 295 -16.90 -6.02 50.49
CA ILE B 295 -17.76 -4.84 50.63
C ILE B 295 -17.08 -3.84 51.57
N LEU B 296 -16.63 -2.73 50.98
CA LEU B 296 -15.88 -1.71 51.71
C LEU B 296 -16.57 -0.36 51.57
N PHE B 297 -16.89 0.23 52.72
CA PHE B 297 -17.58 1.51 52.81
C PHE B 297 -17.27 2.17 54.18
N LYS B 298 -16.96 3.47 54.16
CA LYS B 298 -16.69 4.29 55.36
C LYS B 298 -15.58 3.71 56.26
N ASP B 299 -14.64 2.99 55.64
CA ASP B 299 -13.49 2.36 56.32
C ASP B 299 -13.82 1.24 57.32
N GLU B 300 -15.01 0.65 57.24
CA GLU B 300 -15.43 -0.37 58.20
CA GLU B 300 -15.41 -0.38 58.22
C GLU B 300 -14.73 -1.72 57.93
N ASN B 301 -13.77 -2.06 58.80
CA ASN B 301 -13.05 -3.36 58.80
C ASN B 301 -12.18 -3.71 57.58
N THR B 302 -11.80 -2.67 56.82
CA THR B 302 -11.11 -2.82 55.54
C THR B 302 -10.14 -4.01 55.50
N GLY B 303 -9.22 -4.07 56.46
CA GLY B 303 -8.13 -5.07 56.44
C GLY B 303 -8.52 -6.51 56.73
N GLU B 304 -9.55 -6.70 57.55
CA GLU B 304 -10.00 -8.05 57.90
C GLU B 304 -10.90 -8.65 56.79
N ILE B 305 -11.68 -7.80 56.12
CA ILE B 305 -12.43 -8.23 54.93
C ILE B 305 -11.43 -8.81 53.91
N LEU B 306 -10.50 -7.98 53.44
CA LEU B 306 -9.50 -8.41 52.43
C LEU B 306 -8.75 -9.69 52.82
N GLY B 307 -8.42 -9.83 54.10
CA GLY B 307 -7.68 -10.99 54.59
C GLY B 307 -8.40 -12.31 54.42
N LYS B 308 -9.66 -12.36 54.85
CA LYS B 308 -10.43 -13.60 54.73
C LYS B 308 -10.75 -13.92 53.25
N CYS B 309 -10.91 -12.89 52.41
CA CYS B 309 -11.06 -13.07 50.96
C CYS B 309 -9.92 -13.91 50.36
N ARG B 310 -8.68 -13.57 50.71
CA ARG B 310 -7.52 -14.36 50.30
C ARG B 310 -7.58 -15.78 50.84
N GLU B 311 -8.04 -15.90 52.08
CA GLU B 311 -8.20 -17.21 52.68
C GLU B 311 -9.25 -18.06 51.96
N LEU B 312 -10.40 -17.45 51.63
CA LEU B 312 -11.42 -18.19 50.91
C LEU B 312 -10.90 -18.60 49.52
N LYS B 313 -10.20 -17.70 48.85
CA LYS B 313 -9.65 -18.02 47.52
C LYS B 313 -8.75 -19.29 47.50
N THR B 314 -7.76 -19.31 48.39
CA THR B 314 -6.87 -20.45 48.55
C THR B 314 -7.70 -21.73 48.83
N MET B 315 -8.70 -21.63 49.70
CA MET B 315 -9.55 -22.78 50.02
C MET B 315 -10.29 -23.31 48.79
N LEU B 316 -10.90 -22.40 48.04
CA LEU B 316 -11.66 -22.79 46.86
C LEU B 316 -10.74 -23.38 45.77
N GLU B 317 -9.52 -22.85 45.66
CA GLU B 317 -8.56 -23.39 44.68
C GLU B 317 -8.12 -24.85 44.90
N LYS B 318 -8.03 -25.26 46.17
CA LYS B 318 -7.79 -26.67 46.53
C LYS B 318 -8.76 -27.58 45.76
N ALA B 319 -10.02 -27.13 45.67
CA ALA B 319 -11.06 -27.86 44.92
C ALA B 319 -11.11 -27.56 43.42
N ASP B 320 -10.04 -26.95 42.89
CA ASP B 320 -9.94 -26.63 41.47
C ASP B 320 -10.98 -25.63 40.99
N ILE B 321 -11.47 -24.80 41.91
CA ILE B 321 -12.39 -23.73 41.57
C ILE B 321 -11.59 -22.51 41.08
N ARG B 322 -12.02 -21.88 39.95
CA ARG B 322 -11.30 -20.71 39.39
C ARG B 322 -11.89 -19.41 39.96
N VAL B 323 -11.05 -18.74 40.74
CA VAL B 323 -11.50 -17.69 41.62
C VAL B 323 -10.75 -16.41 41.34
N ARG B 324 -11.47 -15.30 41.32
CA ARG B 324 -10.84 -14.00 41.25
C ARG B 324 -11.32 -13.13 42.43
N ILE B 325 -10.39 -12.47 43.10
CA ILE B 325 -10.80 -11.45 44.05
C ILE B 325 -10.83 -10.08 43.38
N ASP B 326 -11.99 -9.50 43.20
CA ASP B 326 -12.00 -8.12 42.71
C ASP B 326 -11.83 -7.15 43.88
N ASP B 327 -10.58 -6.88 44.24
CA ASP B 327 -10.26 -5.98 45.34
C ASP B 327 -9.75 -4.62 44.82
N ARG B 328 -10.11 -4.30 43.58
CA ARG B 328 -9.73 -3.01 42.98
C ARG B 328 -10.35 -1.89 43.81
N SER B 329 -9.55 -0.96 44.29
CA SER B 329 -10.10 0.10 45.19
C SER B 329 -10.87 1.18 44.45
N ASN B 330 -10.65 1.32 43.14
CA ASN B 330 -11.22 2.44 42.37
C ASN B 330 -12.56 2.17 41.75
N TYR B 331 -13.24 1.17 42.29
CA TYR B 331 -14.59 0.83 41.84
C TYR B 331 -15.39 0.50 43.07
N THR B 332 -16.68 0.88 43.06
CA THR B 332 -17.60 0.60 44.16
C THR B 332 -18.06 -0.86 44.13
N PRO B 333 -18.42 -1.42 45.31
CA PRO B 333 -18.98 -2.77 45.32
C PRO B 333 -20.15 -2.95 44.34
N GLY B 334 -21.03 -1.97 44.26
CA GLY B 334 -22.17 -2.05 43.34
C GLY B 334 -21.75 -2.02 41.87
N TRP B 335 -20.66 -1.31 41.57
CA TRP B 335 -20.12 -1.32 40.19
C TRP B 335 -19.61 -2.75 39.82
N LYS B 336 -18.96 -3.38 40.79
CA LYS B 336 -18.48 -4.75 40.66
C LYS B 336 -19.61 -5.77 40.43
N TYR B 337 -20.69 -5.70 41.19
CA TYR B 337 -21.80 -6.62 40.93
C TYR B 337 -22.24 -6.54 39.48
N ASN B 338 -22.36 -5.31 38.98
CA ASN B 338 -22.81 -5.06 37.64
C ASN B 338 -21.82 -5.58 36.60
N HIS B 339 -20.57 -5.19 36.77
CA HIS B 339 -19.47 -5.59 35.90
C HIS B 339 -19.44 -7.12 35.67
N TRP B 340 -19.36 -7.86 36.77
CA TRP B 340 -19.21 -9.32 36.68
C TRP B 340 -20.50 -10.00 36.23
N GLU B 341 -21.64 -9.36 36.51
CA GLU B 341 -22.92 -9.84 36.02
C GLU B 341 -23.03 -9.72 34.51
N VAL B 342 -22.67 -8.55 33.96
CA VAL B 342 -22.79 -8.35 32.52
C VAL B 342 -21.77 -9.29 31.85
N LYS B 343 -20.67 -9.57 32.55
CA LYS B 343 -19.64 -10.50 32.05
C LYS B 343 -20.02 -12.00 32.19
N GLY B 344 -21.05 -12.26 32.98
CA GLY B 344 -21.62 -13.60 33.06
C GLY B 344 -20.91 -14.59 33.96
N VAL B 345 -20.11 -14.08 34.89
CA VAL B 345 -19.48 -14.92 35.90
C VAL B 345 -20.56 -15.70 36.65
N PRO B 346 -20.46 -17.04 36.68
CA PRO B 346 -21.54 -17.91 37.21
C PRO B 346 -21.90 -17.70 38.69
N LEU B 347 -20.92 -17.40 39.54
CA LEU B 347 -21.17 -17.23 40.97
C LEU B 347 -20.46 -15.98 41.49
N ARG B 348 -21.22 -15.13 42.17
CA ARG B 348 -20.60 -14.03 42.89
C ARG B 348 -20.64 -14.28 44.42
N LEU B 349 -19.49 -14.18 45.08
CA LEU B 349 -19.40 -14.28 46.54
C LEU B 349 -19.12 -12.90 47.14
N GLU B 350 -20.02 -12.45 48.02
CA GLU B 350 -19.97 -11.12 48.64
C GLU B 350 -19.60 -11.28 50.09
N LEU B 351 -18.70 -10.41 50.54
CA LEU B 351 -18.20 -10.41 51.91
C LEU B 351 -18.08 -8.99 52.51
N GLY B 352 -19.07 -8.62 53.33
CA GLY B 352 -19.04 -7.36 54.10
C GLY B 352 -18.80 -7.65 55.58
N PRO B 353 -18.83 -6.60 56.43
CA PRO B 353 -18.58 -6.78 57.87
C PRO B 353 -19.59 -7.73 58.57
N LYS B 354 -20.89 -7.51 58.32
CA LYS B 354 -21.96 -8.37 58.87
C LYS B 354 -21.70 -9.85 58.59
N ASP B 355 -21.43 -10.16 57.32
CA ASP B 355 -21.11 -11.52 56.87
C ASP B 355 -19.85 -12.05 57.55
N LEU B 356 -18.86 -11.18 57.71
CA LEU B 356 -17.56 -11.54 58.30
C LEU B 356 -17.74 -12.10 59.70
N ALA B 357 -18.54 -11.43 60.51
CA ALA B 357 -18.75 -11.82 61.90
C ALA B 357 -19.36 -13.21 62.00
N LYS B 358 -20.25 -13.53 61.06
CA LYS B 358 -21.03 -14.77 61.08
C LYS B 358 -20.31 -16.05 60.65
N GLY B 359 -19.11 -15.94 60.06
CA GLY B 359 -18.46 -17.11 59.45
C GLY B 359 -19.19 -17.57 58.19
N THR B 360 -19.88 -16.64 57.54
CA THR B 360 -20.63 -16.92 56.32
C THR B 360 -20.33 -15.93 55.19
N ALA B 361 -20.64 -16.34 53.97
CA ALA B 361 -20.62 -15.46 52.80
C ALA B 361 -21.96 -15.53 52.11
N ARG B 362 -22.35 -14.44 51.46
CA ARG B 362 -23.52 -14.45 50.59
C ARG B 362 -23.08 -14.72 49.13
N VAL B 363 -23.72 -15.72 48.51
CA VAL B 363 -23.35 -16.16 47.14
C VAL B 363 -24.57 -16.06 46.23
N VAL B 364 -24.38 -15.44 45.07
CA VAL B 364 -25.47 -15.24 44.10
C VAL B 364 -25.08 -15.91 42.80
N ARG B 365 -25.98 -16.75 42.30
CA ARG B 365 -25.76 -17.47 41.05
C ARG B 365 -26.35 -16.66 39.93
N ARG B 366 -25.63 -16.63 38.82
CA ARG B 366 -25.92 -15.66 37.77
C ARG B 366 -27.10 -16.06 36.94
N ASP B 367 -27.34 -17.36 36.78
CA ASP B 367 -28.41 -17.81 35.92
C ASP B 367 -29.83 -17.49 36.39
N THR B 368 -30.08 -17.63 37.69
CA THR B 368 -31.44 -17.50 38.26
C THR B 368 -31.50 -16.36 39.25
N GLY B 369 -30.36 -15.93 39.75
CA GLY B 369 -30.32 -14.77 40.63
C GLY B 369 -30.56 -15.21 42.05
N GLU B 370 -30.70 -16.52 42.27
CA GLU B 370 -30.86 -17.06 43.61
C GLU B 370 -29.64 -16.83 44.50
N ALA B 371 -29.91 -16.34 45.71
CA ALA B 371 -28.88 -16.03 46.71
C ALA B 371 -28.84 -17.12 47.76
N TYR B 372 -27.63 -17.39 48.27
CA TYR B 372 -27.40 -18.41 49.29
C TYR B 372 -26.57 -17.81 50.39
N GLN B 373 -26.94 -18.12 51.63
CA GLN B 373 -26.10 -17.86 52.77
C GLN B 373 -25.36 -19.14 53.08
N ILE B 374 -24.03 -19.10 53.01
CA ILE B 374 -23.23 -20.34 53.12
C ILE B 374 -22.09 -20.14 54.08
N SER B 375 -21.87 -21.14 54.94
CA SER B 375 -20.80 -21.05 55.92
C SER B 375 -19.48 -21.34 55.23
N TRP B 376 -18.43 -20.69 55.73
CA TRP B 376 -17.09 -20.86 55.17
C TRP B 376 -16.67 -22.33 54.94
N ALA B 377 -17.07 -23.22 55.83
CA ALA B 377 -16.66 -24.61 55.71
C ALA B 377 -17.46 -25.33 54.63
N ASP B 378 -18.67 -24.85 54.34
CA ASP B 378 -19.51 -25.49 53.33
C ASP B 378 -19.22 -24.96 51.91
N LEU B 379 -18.36 -23.93 51.80
CA LEU B 379 -18.14 -23.23 50.54
C LEU B 379 -17.74 -24.14 49.39
N ALA B 380 -16.59 -24.80 49.51
CA ALA B 380 -16.05 -25.61 48.41
C ALA B 380 -17.11 -26.58 47.89
N PRO B 381 -17.63 -27.48 48.75
CA PRO B 381 -18.64 -28.43 48.24
C PRO B 381 -19.97 -27.78 47.82
N LYS B 382 -20.40 -26.72 48.48
CA LYS B 382 -21.65 -26.05 48.05
C LYS B 382 -21.49 -25.39 46.67
N LEU B 383 -20.36 -24.72 46.44
CA LEU B 383 -20.08 -24.08 45.16
C LEU B 383 -19.93 -25.10 44.00
N LEU B 384 -19.26 -26.22 44.27
CA LEU B 384 -19.14 -27.26 43.27
C LEU B 384 -20.53 -27.77 42.90
N GLU B 385 -21.34 -27.98 43.92
CA GLU B 385 -22.72 -28.37 43.72
C GLU B 385 -23.47 -27.30 42.91
N LEU B 386 -23.29 -26.04 43.23
CA LEU B 386 -24.02 -25.02 42.50
C LEU B 386 -23.59 -24.97 41.01
N MET B 387 -22.30 -25.13 40.78
CA MET B 387 -21.76 -25.08 39.44
C MET B 387 -22.22 -26.23 38.56
N GLU B 388 -22.27 -27.45 39.09
CA GLU B 388 -22.93 -28.54 38.34
C GLU B 388 -24.40 -28.22 38.10
N GLY B 389 -25.05 -27.65 39.09
CA GLY B 389 -26.46 -27.22 38.94
C GLY B 389 -26.59 -26.22 37.78
N ILE B 390 -25.78 -25.16 37.83
CA ILE B 390 -25.84 -24.12 36.80
C ILE B 390 -25.63 -24.73 35.42
N GLN B 391 -24.50 -25.42 35.24
CA GLN B 391 -24.18 -26.11 33.99
C GLN B 391 -25.31 -27.01 33.47
N ARG B 392 -25.78 -27.93 34.32
CA ARG B 392 -26.86 -28.83 33.92
C ARG B 392 -28.17 -28.04 33.67
N SER B 393 -28.48 -27.09 34.54
CA SER B 393 -29.66 -26.24 34.35
C SER B 393 -29.66 -25.42 33.04
N LEU B 394 -28.52 -24.79 32.72
CA LEU B 394 -28.35 -24.07 31.43
C LEU B 394 -28.62 -24.98 30.26
N PHE B 395 -28.01 -26.17 30.28
CA PHE B 395 -28.22 -27.10 29.19
C PHE B 395 -29.69 -27.55 29.06
N GLU B 396 -30.29 -27.95 30.19
CA GLU B 396 -31.63 -28.54 30.12
CA GLU B 396 -31.66 -28.50 30.25
C GLU B 396 -32.69 -27.52 29.73
N LYS B 397 -32.58 -26.27 30.20
CA LYS B 397 -33.47 -25.21 29.71
C LYS B 397 -33.27 -24.94 28.24
N ALA B 398 -32.02 -25.00 27.77
CA ALA B 398 -31.77 -24.79 26.34
C ALA B 398 -32.37 -25.94 25.56
N LYS B 399 -32.17 -27.17 26.05
CA LYS B 399 -32.78 -28.34 25.38
C LYS B 399 -34.31 -28.29 25.26
N ALA B 400 -34.96 -27.91 26.34
CA ALA B 400 -36.41 -27.75 26.33
C ALA B 400 -36.82 -26.66 25.34
N ARG B 401 -36.09 -25.54 25.27
CA ARG B 401 -36.38 -24.51 24.26
C ARG B 401 -36.15 -25.02 22.84
N LEU B 402 -35.09 -25.82 22.65
CA LEU B 402 -34.86 -26.41 21.34
C LEU B 402 -36.09 -27.28 20.92
N HIS B 403 -36.51 -28.16 21.82
CA HIS B 403 -37.65 -29.03 21.48
C HIS B 403 -38.99 -28.29 21.37
N GLU B 404 -39.21 -27.25 22.15
CA GLU B 404 -40.39 -26.39 21.90
C GLU B 404 -40.33 -25.67 20.51
N GLY B 405 -39.12 -25.53 19.96
CA GLY B 405 -38.94 -24.82 18.70
C GLY B 405 -39.07 -25.67 17.46
N ILE B 406 -39.32 -26.97 17.62
CA ILE B 406 -39.41 -27.87 16.46
C ILE B 406 -40.84 -28.45 16.37
N GLU B 407 -41.44 -28.39 15.18
CA GLU B 407 -42.81 -28.89 15.03
C GLU B 407 -42.85 -30.06 14.05
N LYS B 408 -43.36 -31.19 14.51
CA LYS B 408 -43.60 -32.36 13.64
C LYS B 408 -44.79 -32.08 12.71
N ILE B 409 -44.64 -32.35 11.40
CA ILE B 409 -45.66 -31.98 10.42
C ILE B 409 -45.84 -33.00 9.28
N SER B 410 -46.98 -32.89 8.60
CA SER B 410 -47.32 -33.84 7.55
C SER B 410 -47.37 -33.20 6.18
N THR B 411 -47.83 -31.96 6.10
CA THR B 411 -48.04 -31.36 4.77
C THR B 411 -47.48 -29.97 4.60
N PHE B 412 -47.14 -29.64 3.35
CA PHE B 412 -46.62 -28.34 3.04
C PHE B 412 -47.45 -27.21 3.61
N ASP B 413 -48.78 -27.42 3.67
CA ASP B 413 -49.71 -26.38 4.11
C ASP B 413 -49.42 -25.98 5.56
N GLU B 414 -48.74 -26.85 6.31
CA GLU B 414 -48.34 -26.52 7.68
C GLU B 414 -47.03 -25.69 7.76
N VAL B 415 -46.27 -25.60 6.68
CA VAL B 415 -44.91 -24.96 6.69
C VAL B 415 -44.91 -23.48 7.10
N MET B 416 -45.48 -22.64 6.24
CA MET B 416 -45.46 -21.20 6.48
C MET B 416 -45.98 -20.76 7.84
N PRO B 417 -47.03 -21.41 8.36
CA PRO B 417 -47.44 -20.99 9.68
C PRO B 417 -46.40 -21.30 10.75
N ALA B 418 -45.74 -22.46 10.63
CA ALA B 418 -44.70 -22.86 11.58
C ALA B 418 -43.50 -21.89 11.53
N LEU B 419 -43.10 -21.48 10.33
CA LEU B 419 -42.06 -20.44 10.19
C LEU B 419 -42.42 -19.11 10.86
N ASN B 420 -43.66 -18.64 10.67
CA ASN B 420 -44.14 -17.40 11.32
C ASN B 420 -44.10 -17.49 12.82
N ARG B 421 -44.21 -18.72 13.32
CA ARG B 421 -44.11 -19.02 14.75
C ARG B 421 -42.62 -19.11 15.19
N LYS B 422 -41.69 -19.01 14.23
CA LYS B 422 -40.22 -19.04 14.49
C LYS B 422 -39.80 -20.42 14.97
N HIS B 423 -40.24 -21.43 14.23
CA HIS B 423 -40.00 -22.82 14.57
C HIS B 423 -39.39 -23.49 13.38
N LEU B 424 -38.84 -24.67 13.61
CA LEU B 424 -38.27 -25.49 12.55
C LEU B 424 -39.33 -26.52 12.28
N VAL B 425 -39.23 -27.24 11.17
CA VAL B 425 -40.13 -28.37 11.01
C VAL B 425 -39.43 -29.68 10.72
N LEU B 426 -39.95 -30.72 11.34
CA LEU B 426 -39.54 -32.07 11.06
C LEU B 426 -40.65 -32.66 10.21
N ALA B 427 -40.32 -32.95 8.95
CA ALA B 427 -41.34 -33.34 7.97
C ALA B 427 -40.82 -34.49 7.13
N PRO B 428 -41.70 -35.44 6.76
CA PRO B 428 -41.24 -36.58 5.95
C PRO B 428 -40.96 -36.12 4.52
N TRP B 429 -39.88 -36.64 3.92
CA TRP B 429 -39.39 -36.07 2.67
C TRP B 429 -38.81 -37.17 1.79
N CYS B 430 -39.03 -37.06 0.48
CA CYS B 430 -38.58 -38.09 -0.48
C CYS B 430 -37.08 -38.00 -0.80
N GLU B 431 -36.48 -36.84 -0.51
CA GLU B 431 -35.03 -36.61 -0.65
C GLU B 431 -34.57 -36.49 -2.10
N ASP B 432 -35.52 -36.05 -2.92
CA ASP B 432 -35.35 -35.77 -4.34
C ASP B 432 -34.65 -34.43 -4.48
N PRO B 433 -33.86 -34.29 -5.53
CA PRO B 433 -33.11 -33.08 -5.77
C PRO B 433 -33.80 -31.76 -6.03
N GLU B 434 -34.73 -31.74 -6.98
CA GLU B 434 -35.46 -30.58 -7.41
C GLU B 434 -36.29 -30.08 -6.29
N SER B 435 -36.71 -31.03 -5.51
CA SER B 435 -37.57 -30.76 -4.36
C SER B 435 -37.06 -29.63 -3.47
N GLU B 436 -35.87 -29.79 -2.87
CA GLU B 436 -35.31 -28.78 -1.94
C GLU B 436 -35.25 -27.35 -2.54
N GLU B 437 -34.78 -27.27 -3.78
CA GLU B 437 -34.75 -25.97 -4.49
C GLU B 437 -36.18 -25.39 -4.64
N GLN B 438 -37.13 -26.25 -5.02
CA GLN B 438 -38.54 -25.85 -5.17
C GLN B 438 -39.08 -25.25 -3.89
N ILE B 439 -38.80 -25.98 -2.81
CA ILE B 439 -39.24 -25.62 -1.47
C ILE B 439 -38.58 -24.31 -1.06
N LYS B 440 -37.28 -24.19 -1.36
CA LYS B 440 -36.54 -22.95 -1.03
C LYS B 440 -37.18 -21.78 -1.74
N LYS B 441 -37.39 -21.93 -3.05
CA LYS B 441 -37.89 -20.80 -3.86
C LYS B 441 -39.31 -20.42 -3.47
N GLU B 442 -40.14 -21.44 -3.18
CA GLU B 442 -41.52 -21.20 -2.86
C GLU B 442 -41.70 -20.59 -1.46
N THR B 443 -40.94 -21.08 -0.47
CA THR B 443 -41.01 -20.47 0.88
C THR B 443 -40.42 -19.04 0.84
N GLN B 444 -39.44 -18.88 -0.04
CA GLN B 444 -38.91 -17.58 -0.40
C GLN B 444 -40.07 -16.68 -0.88
N LYS B 445 -40.81 -17.16 -1.88
CA LYS B 445 -41.90 -16.35 -2.45
C LYS B 445 -42.98 -16.03 -1.41
N LEU B 446 -43.44 -17.03 -0.66
CA LEU B 446 -44.51 -16.80 0.33
C LEU B 446 -44.08 -15.91 1.50
N SER B 447 -42.79 -15.93 1.83
CA SER B 447 -42.27 -15.09 2.91
C SER B 447 -42.26 -13.60 2.51
N GLU B 448 -41.82 -13.31 1.29
CA GLU B 448 -41.81 -11.92 0.78
C GLU B 448 -43.19 -11.23 0.87
N ILE B 449 -44.23 -11.90 0.37
CA ILE B 449 -45.62 -11.43 0.45
C ILE B 449 -46.04 -10.93 1.86
N GLY B 463 -36.11 -15.10 5.10
CA GLY B 463 -36.87 -15.58 3.94
C GLY B 463 -36.95 -17.10 3.78
N ALA B 464 -36.12 -17.66 2.92
CA ALA B 464 -36.24 -19.07 2.49
C ALA B 464 -36.08 -20.10 3.62
N MET B 465 -36.69 -21.26 3.42
CA MET B 465 -36.55 -22.38 4.34
C MET B 465 -35.70 -23.42 3.65
N LYS B 466 -34.73 -23.97 4.38
CA LYS B 466 -33.92 -25.01 3.79
C LYS B 466 -33.84 -26.20 4.74
N THR B 467 -33.26 -27.31 4.27
CA THR B 467 -33.00 -28.44 5.15
C THR B 467 -31.83 -28.07 6.02
N LEU B 468 -31.94 -28.38 7.31
CA LEU B 468 -30.88 -28.19 8.26
C LEU B 468 -30.09 -29.48 8.28
N CYS B 469 -30.80 -30.58 8.55
CA CYS B 469 -30.27 -31.93 8.44
C CYS B 469 -31.37 -33.03 8.44
N ILE B 470 -30.95 -34.22 8.10
CA ILE B 470 -31.71 -35.42 8.29
C ILE B 470 -31.19 -36.04 9.60
N PRO B 471 -31.94 -35.87 10.73
CA PRO B 471 -31.40 -36.34 12.03
C PRO B 471 -31.03 -37.81 12.00
N PHE B 472 -29.99 -38.17 12.73
CA PHE B 472 -29.60 -39.56 12.93
C PHE B 472 -30.69 -40.30 13.67
N ASP B 473 -31.30 -39.62 14.63
CA ASP B 473 -32.36 -40.14 15.47
C ASP B 473 -33.70 -39.94 14.73
N GLN B 474 -34.13 -40.97 14.01
CA GLN B 474 -35.31 -40.89 13.15
C GLN B 474 -36.53 -41.42 13.90
N PRO B 475 -37.58 -40.60 14.03
CA PRO B 475 -38.88 -41.12 14.46
C PRO B 475 -39.33 -42.25 13.53
N PRO B 476 -40.21 -43.15 14.04
CA PRO B 476 -40.74 -44.17 13.12
C PRO B 476 -41.44 -43.56 11.89
N MET B 477 -41.34 -44.27 10.78
CA MET B 477 -41.96 -43.83 9.54
C MET B 477 -43.08 -44.81 9.14
N PRO B 478 -44.36 -44.53 9.52
CA PRO B 478 -45.44 -45.50 9.26
C PRO B 478 -45.59 -45.80 7.77
N GLU B 479 -45.83 -47.06 7.42
CA GLU B 479 -45.91 -47.49 6.02
C GLU B 479 -46.87 -46.61 5.22
N GLY B 480 -46.46 -46.19 4.03
CA GLY B 480 -47.32 -45.42 3.14
C GLY B 480 -47.34 -43.92 3.33
N THR B 481 -46.65 -43.42 4.36
CA THR B 481 -46.53 -41.97 4.62
C THR B 481 -45.93 -41.24 3.42
N LYS B 482 -46.51 -40.10 3.07
CA LYS B 482 -46.07 -39.36 1.90
C LYS B 482 -45.19 -38.14 2.23
N CYS B 483 -44.25 -37.85 1.33
CA CYS B 483 -43.46 -36.61 1.34
C CYS B 483 -44.37 -35.39 1.42
N PHE B 484 -44.14 -34.59 2.47
CA PHE B 484 -44.94 -33.41 2.81
C PHE B 484 -45.08 -32.38 1.71
N TYR B 485 -44.25 -32.49 0.66
CA TYR B 485 -44.27 -31.48 -0.40
C TYR B 485 -44.67 -32.05 -1.75
N THR B 486 -43.98 -33.11 -2.17
CA THR B 486 -44.21 -33.67 -3.50
C THR B 486 -45.41 -34.60 -3.51
N GLY B 487 -45.71 -35.21 -2.36
CA GLY B 487 -46.77 -36.20 -2.25
C GLY B 487 -46.30 -37.61 -2.56
N LYS B 488 -45.06 -37.76 -3.01
CA LYS B 488 -44.47 -39.08 -3.27
C LYS B 488 -44.24 -39.84 -1.97
N PRO B 489 -43.82 -41.12 -2.05
CA PRO B 489 -43.51 -41.80 -0.79
C PRO B 489 -42.34 -41.11 -0.10
N ALA B 490 -42.50 -40.84 1.19
CA ALA B 490 -41.41 -40.23 1.95
C ALA B 490 -40.32 -41.26 2.29
N LYS B 491 -39.07 -40.79 2.41
CA LYS B 491 -37.95 -41.65 2.84
C LYS B 491 -37.66 -41.52 4.35
N ARG B 492 -37.17 -40.37 4.78
CA ARG B 492 -36.87 -40.15 6.21
C ARG B 492 -37.50 -38.84 6.68
N TRP B 493 -37.45 -38.59 7.98
CA TRP B 493 -37.80 -37.26 8.51
C TRP B 493 -36.59 -36.34 8.34
N THR B 494 -36.84 -35.14 7.82
CA THR B 494 -35.82 -34.13 7.60
C THR B 494 -36.22 -32.90 8.36
N LEU B 495 -35.24 -32.27 8.99
CA LEU B 495 -35.42 -31.01 9.71
C LEU B 495 -35.17 -29.80 8.80
N TRP B 496 -36.11 -28.86 8.81
CA TRP B 496 -36.14 -27.70 7.93
C TRP B 496 -36.36 -26.45 8.74
N GLY B 497 -35.88 -25.33 8.21
CA GLY B 497 -36.13 -24.03 8.84
C GLY B 497 -35.35 -22.97 8.09
N ARG B 498 -35.58 -21.74 8.49
CA ARG B 498 -34.72 -20.65 8.09
C ARG B 498 -33.39 -20.85 8.82
N SER B 499 -32.30 -20.36 8.27
CA SER B 499 -31.00 -20.64 8.86
C SER B 499 -30.06 -19.48 8.65
N TYR B 500 -28.92 -19.57 9.33
CA TYR B 500 -27.81 -18.63 9.17
C TYR B 500 -27.02 -19.04 7.95
N MET C 3 -13.08 40.17 1.80
CA MET C 3 -14.03 40.81 0.82
C MET C 3 -15.03 39.86 0.13
N VAL C 4 -15.12 38.61 0.58
CA VAL C 4 -16.25 37.78 0.18
C VAL C 4 -17.51 38.16 1.02
N THR C 5 -18.61 38.53 0.35
CA THR C 5 -19.84 38.92 1.05
C THR C 5 -21.00 37.97 0.85
N ALA C 6 -21.06 37.29 -0.30
CA ALA C 6 -22.09 36.26 -0.49
C ALA C 6 -21.84 35.10 0.47
N LYS C 7 -22.90 34.49 0.98
CA LYS C 7 -22.75 33.42 1.95
C LYS C 7 -22.79 32.03 1.25
N LYS C 8 -21.88 31.16 1.65
CA LYS C 8 -21.78 29.84 1.02
C LYS C 8 -23.12 29.06 1.10
N ASP C 9 -23.77 29.07 2.27
CA ASP C 9 -25.01 28.31 2.44
C ASP C 9 -26.29 29.00 1.92
N GLU C 10 -26.15 30.20 1.36
CA GLU C 10 -27.27 30.95 0.80
C GLU C 10 -27.24 30.84 -0.73
N ASN C 11 -26.70 31.85 -1.42
CA ASN C 11 -26.52 31.74 -2.87
C ASN C 11 -25.13 31.14 -3.22
N PHE C 12 -25.12 29.83 -3.47
CA PHE C 12 -23.90 29.06 -3.70
C PHE C 12 -23.15 29.52 -4.96
N SER C 13 -23.85 29.65 -6.09
CA SER C 13 -23.21 30.09 -7.34
C SER C 13 -22.56 31.45 -7.26
N GLU C 14 -23.18 32.39 -6.54
CA GLU C 14 -22.55 33.71 -6.39
CA GLU C 14 -22.61 33.72 -6.37
C GLU C 14 -21.44 33.66 -5.36
N TRP C 15 -21.59 32.82 -4.35
CA TRP C 15 -20.46 32.62 -3.43
C TRP C 15 -19.19 32.11 -4.21
N TYR C 16 -19.38 31.11 -5.06
CA TYR C 16 -18.31 30.45 -5.82
C TYR C 16 -17.60 31.45 -6.71
N THR C 17 -18.39 32.22 -7.48
CA THR C 17 -17.88 33.36 -8.27
C THR C 17 -17.02 34.30 -7.45
N GLN C 18 -17.59 34.79 -6.35
CA GLN C 18 -16.84 35.73 -5.53
C GLN C 18 -15.51 35.11 -5.03
N ALA C 19 -15.58 33.85 -4.62
CA ALA C 19 -14.42 33.21 -4.00
C ALA C 19 -13.35 33.09 -5.05
N ILE C 20 -13.72 32.74 -6.26
CA ILE C 20 -12.68 32.56 -7.29
C ILE C 20 -12.17 33.89 -7.89
N VAL C 21 -13.04 34.90 -7.93
CA VAL C 21 -12.63 36.22 -8.47
C VAL C 21 -11.81 36.96 -7.45
N ARG C 22 -12.30 37.07 -6.23
CA ARG C 22 -11.67 37.97 -5.25
C ARG C 22 -10.41 37.37 -4.68
N SER C 23 -10.29 36.03 -4.76
CA SER C 23 -9.04 35.37 -4.39
C SER C 23 -8.01 35.55 -5.51
N GLU C 24 -8.41 36.16 -6.63
CA GLU C 24 -7.50 36.27 -7.82
C GLU C 24 -7.10 34.94 -8.48
N MET C 25 -8.02 33.97 -8.48
CA MET C 25 -7.77 32.69 -9.13
C MET C 25 -8.12 32.72 -10.60
N ILE C 26 -9.19 33.44 -10.92
CA ILE C 26 -9.80 33.42 -12.23
C ILE C 26 -9.96 34.86 -12.72
N GLU C 27 -9.72 35.07 -14.00
CA GLU C 27 -10.15 36.30 -14.64
C GLU C 27 -11.12 35.98 -15.77
N TYR C 28 -12.07 36.88 -16.01
CA TYR C 28 -13.07 36.73 -17.06
C TYR C 28 -12.54 36.95 -18.47
N TYR C 29 -13.22 36.43 -19.47
CA TYR C 29 -12.68 36.49 -20.84
C TYR C 29 -13.86 36.49 -21.77
N ASP C 30 -13.68 36.99 -22.99
CA ASP C 30 -14.84 37.20 -23.86
C ASP C 30 -15.18 36.00 -24.75
N ILE C 31 -14.41 34.92 -24.69
CA ILE C 31 -14.81 33.72 -25.41
C ILE C 31 -15.49 32.81 -24.40
N SER C 32 -16.75 32.51 -24.66
CA SER C 32 -17.65 31.81 -23.76
C SER C 32 -17.11 30.45 -23.33
N GLY C 33 -17.18 30.20 -22.02
CA GLY C 33 -16.66 28.92 -21.46
C GLY C 33 -15.14 28.85 -21.35
N CYS C 34 -14.45 29.99 -21.56
CA CYS C 34 -13.01 30.06 -21.38
C CYS C 34 -12.73 31.10 -20.32
N TYR C 35 -11.83 30.77 -19.40
CA TYR C 35 -11.44 31.68 -18.33
C TYR C 35 -9.93 31.71 -18.23
N ILE C 36 -9.41 32.84 -17.75
CA ILE C 36 -8.00 32.98 -17.52
C ILE C 36 -7.71 32.38 -16.13
N MET C 37 -6.71 31.49 -16.06
CA MET C 37 -6.21 30.95 -14.80
C MET C 37 -5.04 31.81 -14.38
N ARG C 38 -5.28 32.62 -13.35
CA ARG C 38 -4.24 33.45 -12.76
C ARG C 38 -3.29 32.60 -11.89
N PRO C 39 -2.12 33.16 -11.52
CA PRO C 39 -1.13 32.39 -10.75
C PRO C 39 -1.66 31.77 -9.47
N TRP C 40 -2.57 32.45 -8.74
CA TRP C 40 -3.00 31.84 -7.48
C TRP C 40 -3.67 30.49 -7.77
N ALA C 41 -4.41 30.37 -8.87
CA ALA C 41 -4.98 29.06 -9.20
C ALA C 41 -3.93 28.17 -9.81
N PHE C 42 -3.18 28.73 -10.76
CA PHE C 42 -2.22 27.91 -11.52
C PHE C 42 -1.21 27.23 -10.62
N HIS C 43 -0.82 27.88 -9.54
CA HIS C 43 0.12 27.27 -8.62
C HIS C 43 -0.38 26.01 -7.94
N ILE C 44 -1.70 25.90 -7.76
CA ILE C 44 -2.27 24.69 -7.18
C ILE C 44 -2.29 23.57 -8.24
N TRP C 45 -2.59 23.93 -9.46
CA TRP C 45 -2.53 22.97 -10.53
C TRP C 45 -1.12 22.39 -10.63
N GLU C 46 -0.11 23.26 -10.54
CA GLU C 46 1.29 22.80 -10.53
C GLU C 46 1.58 21.71 -9.49
N LYS C 47 0.96 21.82 -8.33
CA LYS C 47 1.22 20.92 -7.23
C LYS C 47 0.57 19.58 -7.50
N VAL C 48 -0.70 19.59 -7.91
CA VAL C 48 -1.37 18.30 -8.19
C VAL C 48 -0.75 17.62 -9.43
N GLN C 49 -0.32 18.45 -10.37
CA GLN C 49 0.33 17.97 -11.60
C GLN C 49 1.67 17.27 -11.25
N ARG C 50 2.47 17.87 -10.40
CA ARG C 50 3.77 17.32 -10.04
C ARG C 50 3.53 16.02 -9.28
N PHE C 51 2.54 16.04 -8.41
CA PHE C 51 2.23 14.85 -7.66
C PHE C 51 1.88 13.68 -8.57
N PHE C 52 0.94 13.90 -9.47
CA PHE C 52 0.42 12.80 -10.29
C PHE C 52 1.51 12.34 -11.23
N ASP C 53 2.21 13.30 -11.80
CA ASP C 53 3.30 13.03 -12.71
C ASP C 53 4.44 12.18 -12.09
N ASP C 54 4.92 12.58 -10.90
CA ASP C 54 5.96 11.82 -10.18
C ASP C 54 5.43 10.39 -9.96
N GLU C 55 4.13 10.26 -9.65
CA GLU C 55 3.64 8.90 -9.36
C GLU C 55 3.50 8.04 -10.62
N ILE C 56 3.13 8.65 -11.73
CA ILE C 56 3.00 7.81 -12.92
C ILE C 56 4.39 7.48 -13.46
N LYS C 57 5.35 8.39 -13.31
CA LYS C 57 6.74 8.03 -13.63
C LYS C 57 7.21 6.79 -12.85
N LYS C 58 6.82 6.63 -11.57
CA LYS C 58 7.20 5.44 -10.78
C LYS C 58 6.62 4.16 -11.40
N MET C 59 5.47 4.29 -12.05
CA MET C 59 4.86 3.16 -12.77
C MET C 59 5.50 2.93 -14.14
N GLY C 60 6.52 3.71 -14.53
CA GLY C 60 7.08 3.59 -15.91
C GLY C 60 6.23 4.27 -17.02
N VAL C 61 5.30 5.15 -16.65
CA VAL C 61 4.59 5.91 -17.67
C VAL C 61 5.50 7.03 -18.18
N GLU C 62 5.56 7.22 -19.49
CA GLU C 62 6.41 8.26 -20.04
C GLU C 62 5.55 9.32 -20.70
N ASN C 63 5.91 10.58 -20.49
CA ASN C 63 5.20 11.68 -21.12
C ASN C 63 5.58 11.86 -22.59
N SER C 64 4.67 12.45 -23.35
CA SER C 64 4.86 12.65 -24.78
C SER C 64 4.10 13.90 -25.15
N TYR C 65 4.21 14.34 -26.40
CA TYR C 65 3.29 15.35 -26.88
C TYR C 65 2.87 15.08 -28.32
N PHE C 66 1.56 14.81 -28.48
CA PHE C 66 0.91 14.64 -29.77
C PHE C 66 0.20 15.96 -30.19
N PRO C 67 -0.01 16.15 -31.51
CA PRO C 67 -0.55 17.39 -32.07
C PRO C 67 -1.95 17.69 -31.55
N MET C 68 -2.25 18.97 -31.38
CA MET C 68 -3.59 19.39 -30.99
C MET C 68 -4.56 19.28 -32.20
N PHE C 69 -4.02 19.10 -33.40
CA PHE C 69 -4.85 19.01 -34.62
C PHE C 69 -5.03 17.58 -35.08
N VAL C 70 -6.27 17.23 -35.40
CA VAL C 70 -6.54 15.90 -35.94
C VAL C 70 -7.31 16.12 -37.23
N SER C 71 -6.89 15.47 -38.30
CA SER C 71 -7.56 15.70 -39.59
C SER C 71 -8.95 15.05 -39.58
N ARG C 72 -9.81 15.52 -40.48
CA ARG C 72 -11.20 15.08 -40.47
C ARG C 72 -11.30 13.58 -40.62
N HIS C 73 -10.57 13.02 -41.58
CA HIS C 73 -10.66 11.59 -41.84
C HIS C 73 -10.08 10.76 -40.66
N LYS C 74 -9.09 11.30 -39.92
CA LYS C 74 -8.66 10.55 -38.72
C LYS C 74 -9.70 10.63 -37.60
N LEU C 75 -10.24 11.82 -37.34
CA LEU C 75 -11.23 11.97 -36.26
C LEU C 75 -12.49 11.13 -36.52
N GLU C 76 -12.90 11.09 -37.79
CA GLU C 76 -14.17 10.49 -38.17
C GLU C 76 -14.03 9.02 -38.64
N LYS C 77 -12.96 8.35 -38.23
CA LYS C 77 -12.85 6.92 -38.54
C LYS C 77 -13.64 6.07 -37.52
N GLY C 84 -22.59 10.74 -30.77
CA GLY C 84 -23.18 11.94 -30.16
C GLY C 84 -22.18 13.01 -29.77
N PHE C 85 -20.92 12.84 -30.17
CA PHE C 85 -19.86 13.82 -29.83
C PHE C 85 -19.66 14.95 -30.85
N SER C 86 -20.05 14.68 -32.10
CA SER C 86 -19.88 15.61 -33.23
C SER C 86 -20.17 17.07 -32.99
N PRO C 87 -21.25 17.40 -32.27
CA PRO C 87 -21.49 18.82 -32.16
C PRO C 87 -20.51 19.57 -31.25
N GLU C 88 -19.62 18.87 -30.55
CA GLU C 88 -18.73 19.52 -29.58
C GLU C 88 -17.39 19.82 -30.22
N VAL C 89 -17.17 19.30 -31.44
CA VAL C 89 -15.86 19.40 -32.09
C VAL C 89 -15.63 20.77 -32.73
N ALA C 90 -14.55 21.44 -32.37
CA ALA C 90 -14.17 22.75 -32.98
C ALA C 90 -13.35 22.48 -34.23
N TRP C 91 -13.80 23.04 -35.36
CA TRP C 91 -13.16 22.82 -36.68
C TRP C 91 -12.43 24.06 -37.19
N VAL C 92 -11.17 23.88 -37.59
CA VAL C 92 -10.40 24.90 -38.31
C VAL C 92 -10.58 24.61 -39.80
N THR C 93 -11.02 25.61 -40.56
CA THR C 93 -11.25 25.43 -42.01
C THR C 93 -10.37 26.34 -42.91
N HIS C 94 -9.74 27.34 -42.30
CA HIS C 94 -8.97 28.36 -43.03
C HIS C 94 -7.69 28.76 -42.30
N TYR C 95 -6.67 29.03 -43.09
CA TYR C 95 -5.47 29.70 -42.57
C TYR C 95 -5.36 31.03 -43.32
N GLY C 96 -5.14 32.12 -42.59
CA GLY C 96 -5.29 33.45 -43.17
C GLY C 96 -6.66 33.53 -43.84
N ASP C 97 -6.70 33.93 -45.11
CA ASP C 97 -7.95 33.90 -45.91
C ASP C 97 -8.09 32.69 -46.86
N SER C 98 -7.30 31.66 -46.66
CA SER C 98 -7.27 30.56 -47.60
C SER C 98 -7.85 29.29 -47.00
N PRO C 99 -8.66 28.57 -47.78
CA PRO C 99 -9.29 27.37 -47.25
C PRO C 99 -8.29 26.23 -47.20
N LEU C 100 -8.35 25.45 -46.13
CA LEU C 100 -7.58 24.21 -46.03
C LEU C 100 -8.12 23.16 -47.07
N PRO C 101 -7.28 22.29 -47.63
CA PRO C 101 -7.76 21.20 -48.51
C PRO C 101 -8.76 20.30 -47.79
N GLU C 102 -8.53 20.09 -46.48
CA GLU C 102 -9.36 19.25 -45.62
C GLU C 102 -9.42 19.94 -44.23
N LYS C 103 -10.60 20.05 -43.65
CA LYS C 103 -10.70 20.76 -42.37
C LYS C 103 -10.02 19.90 -41.28
N ILE C 104 -9.62 20.55 -40.19
CA ILE C 104 -8.92 19.85 -39.12
C ILE C 104 -9.59 20.23 -37.83
N ALA C 105 -9.70 19.28 -36.90
CA ALA C 105 -10.33 19.54 -35.60
C ALA C 105 -9.25 19.82 -34.53
N ILE C 106 -9.59 20.67 -33.57
CA ILE C 106 -8.85 20.73 -32.33
C ILE C 106 -9.23 19.49 -31.48
N ARG C 107 -8.22 18.76 -30.98
CA ARG C 107 -8.42 17.55 -30.16
C ARG C 107 -9.35 17.62 -28.94
N PRO C 108 -10.56 17.02 -29.00
CA PRO C 108 -11.39 16.98 -27.80
C PRO C 108 -10.92 15.89 -26.83
N THR C 109 -10.01 15.04 -27.33
CA THR C 109 -9.46 13.86 -26.65
C THR C 109 -8.62 13.25 -27.73
N SER C 110 -7.64 12.41 -27.39
CA SER C 110 -6.60 12.07 -28.38
C SER C 110 -6.54 10.67 -28.97
N GLU C 111 -7.56 9.84 -28.71
CA GLU C 111 -7.62 8.47 -29.28
C GLU C 111 -7.29 8.42 -30.77
N THR C 112 -7.92 9.30 -31.56
CA THR C 112 -7.82 9.19 -33.04
C THR C 112 -6.48 9.73 -33.55
N ILE C 113 -5.77 10.42 -32.66
CA ILE C 113 -4.42 10.96 -32.95
C ILE C 113 -3.38 9.95 -32.50
N MET C 114 -3.57 9.36 -31.32
CA MET C 114 -2.54 8.46 -30.79
C MET C 114 -2.62 7.03 -31.31
N TYR C 115 -3.84 6.49 -31.44
CA TYR C 115 -3.98 5.04 -31.74
C TYR C 115 -3.38 4.58 -33.09
N PRO C 116 -3.49 5.40 -34.15
CA PRO C 116 -2.81 5.01 -35.42
C PRO C 116 -1.32 4.96 -35.21
N ALA C 117 -0.77 5.82 -34.36
CA ALA C 117 0.65 5.72 -34.04
C ALA C 117 0.94 4.46 -33.23
N TYR C 118 0.03 4.08 -32.34
CA TYR C 118 0.23 2.86 -31.50
C TYR C 118 0.28 1.62 -32.42
N ALA C 119 -0.65 1.61 -33.38
CA ALA C 119 -0.71 0.57 -34.42
C ALA C 119 0.59 0.39 -35.18
N LYS C 120 1.29 1.49 -35.46
CA LYS C 120 2.58 1.39 -36.15
C LYS C 120 3.73 0.96 -35.20
N TRP C 121 3.75 1.49 -33.96
CA TRP C 121 4.83 1.20 -32.99
C TRP C 121 4.79 -0.21 -32.42
N ILE C 122 3.60 -0.74 -32.19
CA ILE C 122 3.48 -2.08 -31.60
C ILE C 122 3.54 -3.22 -32.66
N ARG C 123 4.58 -4.06 -32.54
CA ARG C 123 4.85 -5.18 -33.42
C ARG C 123 4.86 -6.49 -32.65
N SER C 124 5.56 -6.52 -31.51
CA SER C 124 5.66 -7.76 -30.76
C SER C 124 5.49 -7.55 -29.26
N HIS C 125 5.40 -8.65 -28.52
CA HIS C 125 5.21 -8.61 -27.08
C HIS C 125 6.32 -7.75 -26.47
N ARG C 126 7.47 -7.68 -27.14
CA ARG C 126 8.58 -6.97 -26.52
C ARG C 126 8.46 -5.47 -26.65
N ASP C 127 7.40 -5.00 -27.30
CA ASP C 127 7.12 -3.57 -27.40
C ASP C 127 6.17 -3.16 -26.28
N LEU C 128 5.65 -4.17 -25.57
CA LEU C 128 4.63 -3.99 -24.54
C LEU C 128 5.20 -4.20 -23.11
N PRO C 129 4.62 -3.51 -22.10
CA PRO C 129 3.48 -2.59 -22.22
C PRO C 129 3.92 -1.25 -22.82
N LEU C 130 3.02 -0.60 -23.55
CA LEU C 130 3.29 0.77 -23.99
C LEU C 130 2.48 1.67 -23.07
N LYS C 131 3.12 2.63 -22.42
CA LYS C 131 2.43 3.43 -21.41
C LYS C 131 2.83 4.90 -21.58
N LEU C 132 1.93 5.69 -22.12
CA LEU C 132 2.24 7.08 -22.43
C LEU C 132 1.24 7.98 -21.76
N ASN C 133 1.62 9.24 -21.55
CA ASN C 133 0.74 10.24 -21.01
C ASN C 133 1.08 11.54 -21.69
N GLN C 134 0.14 12.48 -21.68
CA GLN C 134 0.48 13.83 -22.02
C GLN C 134 -0.39 14.78 -21.20
N TRP C 135 0.23 15.88 -20.80
CA TRP C 135 -0.39 17.02 -20.18
C TRP C 135 -0.64 18.01 -21.32
N CYS C 136 -1.87 18.50 -21.47
CA CYS C 136 -2.21 19.43 -22.56
C CYS C 136 -3.55 20.04 -22.30
N SER C 137 -4.04 20.86 -23.23
CA SER C 137 -5.42 21.30 -23.16
C SER C 137 -6.22 20.59 -24.23
N VAL C 138 -7.51 20.56 -23.98
CA VAL C 138 -8.46 19.93 -24.84
C VAL C 138 -9.61 20.93 -25.01
N VAL C 139 -10.30 20.87 -26.16
CA VAL C 139 -11.40 21.83 -26.47
C VAL C 139 -12.65 21.05 -26.79
N ARG C 140 -13.77 21.42 -26.16
CA ARG C 140 -15.05 20.80 -26.48
C ARG C 140 -16.06 21.89 -26.41
N TRP C 141 -16.90 21.98 -27.43
CA TRP C 141 -17.86 23.08 -27.42
C TRP C 141 -19.06 22.67 -26.54
N GLU C 142 -18.84 22.65 -25.23
CA GLU C 142 -19.81 22.15 -24.27
C GLU C 142 -21.14 22.82 -24.49
N PHE C 143 -22.22 22.06 -24.52
CA PHE C 143 -23.56 22.64 -24.56
C PHE C 143 -24.03 23.15 -23.18
N LYS C 144 -23.64 22.51 -22.09
CA LYS C 144 -24.15 22.91 -20.75
C LYS C 144 -23.54 24.24 -20.38
N GLN C 145 -24.19 24.96 -19.46
CA GLN C 145 -23.74 26.27 -19.03
C GLN C 145 -22.34 26.11 -18.48
N PRO C 146 -21.42 27.02 -18.87
CA PRO C 146 -20.04 26.79 -18.43
C PRO C 146 -19.84 27.21 -16.97
N THR C 147 -18.89 26.58 -16.30
CA THR C 147 -18.56 26.91 -14.92
C THR C 147 -17.05 26.86 -14.77
N PRO C 148 -16.42 27.96 -14.31
CA PRO C 148 -14.98 27.96 -14.12
C PRO C 148 -14.52 26.70 -13.43
N PHE C 149 -13.46 26.11 -13.98
CA PHE C 149 -12.90 24.83 -13.56
C PHE C 149 -13.75 23.61 -13.87
N LEU C 150 -15.00 23.61 -13.39
CA LEU C 150 -15.83 22.39 -13.40
C LEU C 150 -16.21 22.01 -14.81
N ARG C 151 -16.56 23.01 -15.64
CA ARG C 151 -17.01 22.69 -17.01
C ARG C 151 -16.71 23.83 -17.97
N THR C 152 -15.61 23.71 -18.70
CA THR C 152 -15.10 24.81 -19.50
C THR C 152 -14.96 24.29 -20.93
N ARG C 153 -14.90 25.18 -21.90
CA ARG C 153 -14.80 24.76 -23.32
C ARG C 153 -13.37 24.43 -23.73
N GLU C 154 -12.42 25.07 -23.05
CA GLU C 154 -11.04 24.65 -23.10
C GLU C 154 -10.65 24.29 -21.67
N PHE C 155 -10.10 23.10 -21.48
CA PHE C 155 -9.62 22.73 -20.13
C PHE C 155 -8.24 22.06 -20.18
N LEU C 156 -7.47 22.19 -19.09
CA LEU C 156 -6.22 21.51 -18.93
C LEU C 156 -6.50 20.15 -18.36
N TRP C 157 -5.71 19.16 -18.81
CA TRP C 157 -5.82 17.82 -18.27
C TRP C 157 -4.54 17.01 -18.47
N GLN C 158 -4.55 15.75 -18.04
CA GLN C 158 -3.62 14.78 -18.59
C GLN C 158 -4.48 13.68 -19.17
N GLU C 159 -3.99 13.02 -20.20
CA GLU C 159 -4.67 11.83 -20.68
C GLU C 159 -3.61 10.77 -20.79
N GLY C 160 -3.82 9.65 -20.10
CA GLY C 160 -2.92 8.50 -20.20
C GLY C 160 -3.59 7.44 -21.06
N HIS C 161 -2.79 6.76 -21.88
CA HIS C 161 -3.24 5.73 -22.81
C HIS C 161 -2.20 4.62 -22.83
N THR C 162 -2.59 3.42 -22.46
CA THR C 162 -1.60 2.35 -22.35
C THR C 162 -2.10 1.13 -23.13
N ALA C 163 -1.16 0.26 -23.52
CA ALA C 163 -1.50 -0.97 -24.23
C ALA C 163 -0.69 -2.10 -23.62
N HIS C 164 -1.35 -3.25 -23.46
CA HIS C 164 -0.83 -4.38 -22.67
C HIS C 164 -1.12 -5.69 -23.40
N ALA C 165 -0.31 -6.70 -23.10
CA ALA C 165 -0.39 -8.01 -23.73
C ALA C 165 -1.58 -8.80 -23.24
N THR C 166 -2.06 -8.47 -22.04
CA THR C 166 -3.14 -9.20 -21.39
C THR C 166 -4.11 -8.27 -20.72
N GLU C 167 -5.34 -8.73 -20.58
CA GLU C 167 -6.38 -8.01 -19.91
C GLU C 167 -6.04 -7.75 -18.46
N GLU C 168 -5.54 -8.78 -17.77
CA GLU C 168 -5.23 -8.63 -16.36
C GLU C 168 -4.22 -7.55 -16.09
N GLU C 169 -3.15 -7.48 -16.89
CA GLU C 169 -2.16 -6.41 -16.67
C GLU C 169 -2.78 -4.99 -16.89
N ALA C 170 -3.61 -4.84 -17.92
CA ALA C 170 -4.36 -3.59 -18.18
C ALA C 170 -5.22 -3.19 -16.99
N TRP C 171 -5.99 -4.16 -16.48
CA TRP C 171 -6.93 -3.93 -15.37
C TRP C 171 -6.19 -3.54 -14.09
N GLU C 172 -5.10 -4.25 -13.81
CA GLU C 172 -4.20 -3.86 -12.77
C GLU C 172 -3.80 -2.38 -12.94
N LEU C 173 -3.46 -1.95 -14.17
CA LEU C 173 -3.07 -0.55 -14.39
C LEU C 173 -4.28 0.41 -14.17
N VAL C 174 -5.43 0.04 -14.71
CA VAL C 174 -6.65 0.81 -14.51
C VAL C 174 -6.83 1.15 -13.00
N LEU C 175 -6.73 0.15 -12.13
CA LEU C 175 -6.90 0.38 -10.67
C LEU C 175 -5.75 1.15 -10.03
N ASP C 176 -4.51 0.90 -10.45
CA ASP C 176 -3.40 1.75 -9.97
C ASP C 176 -3.66 3.24 -10.24
N ILE C 177 -4.16 3.56 -11.44
CA ILE C 177 -4.41 4.96 -11.83
C ILE C 177 -5.54 5.52 -10.97
N LEU C 178 -6.60 4.73 -10.84
CA LEU C 178 -7.75 5.15 -10.06
C LEU C 178 -7.31 5.41 -8.61
N GLU C 179 -6.46 4.54 -8.05
CA GLU C 179 -5.88 4.81 -6.70
C GLU C 179 -5.07 6.15 -6.72
N LEU C 180 -4.33 6.42 -7.80
CA LEU C 180 -3.67 7.72 -7.90
C LEU C 180 -4.64 8.89 -7.92
N TYR C 181 -5.75 8.72 -8.62
CA TYR C 181 -6.82 9.71 -8.55
C TYR C 181 -7.42 9.90 -7.18
N ARG C 182 -7.70 8.81 -6.45
CA ARG C 182 -8.12 8.94 -5.05
C ARG C 182 -7.11 9.76 -4.25
N ARG C 183 -5.80 9.57 -4.52
CA ARG C 183 -4.77 10.32 -3.82
C ARG C 183 -4.72 11.80 -4.21
N TRP C 184 -4.85 12.05 -5.51
CA TRP C 184 -4.93 13.39 -6.03
C TRP C 184 -5.98 14.17 -5.22
N TYR C 185 -7.18 13.59 -5.11
CA TYR C 185 -8.28 14.26 -4.38
C TYR C 185 -8.11 14.24 -2.84
N GLU C 186 -7.98 13.05 -2.25
CA GLU C 186 -7.97 12.87 -0.80
C GLU C 186 -6.64 13.28 -0.16
N GLU C 187 -5.53 12.92 -0.75
CA GLU C 187 -4.26 13.20 -0.12
CA GLU C 187 -4.21 13.17 -0.18
C GLU C 187 -3.74 14.62 -0.41
N CYS C 188 -3.97 15.12 -1.63
CA CYS C 188 -3.54 16.45 -1.97
C CYS C 188 -4.60 17.48 -1.65
N LEU C 189 -5.79 17.29 -2.19
CA LEU C 189 -6.82 18.31 -2.14
C LEU C 189 -7.72 18.15 -0.92
N ALA C 190 -7.52 17.10 -0.13
CA ALA C 190 -8.36 16.82 1.06
C ALA C 190 -9.87 16.68 0.74
N VAL C 191 -10.17 16.14 -0.44
CA VAL C 191 -11.56 15.97 -0.89
C VAL C 191 -11.89 14.48 -0.93
N PRO C 192 -12.87 14.03 -0.13
CA PRO C 192 -13.20 12.60 -0.17
C PRO C 192 -13.88 12.22 -1.49
N VAL C 193 -13.61 11.01 -1.98
CA VAL C 193 -14.24 10.51 -3.20
C VAL C 193 -14.65 9.04 -3.08
N ILE C 194 -15.58 8.60 -3.92
CA ILE C 194 -15.99 7.22 -3.90
C ILE C 194 -15.55 6.54 -5.20
N LYS C 195 -14.79 5.47 -5.05
CA LYS C 195 -14.44 4.61 -6.18
C LYS C 195 -15.61 3.75 -6.58
N GLY C 196 -15.77 3.58 -7.87
CA GLY C 196 -16.83 2.76 -8.38
C GLY C 196 -16.77 2.47 -9.86
N GLU C 197 -17.75 1.70 -10.31
CA GLU C 197 -17.89 1.32 -11.68
C GLU C 197 -19.07 2.10 -12.25
N LYS C 198 -18.90 2.64 -13.46
CA LYS C 198 -19.99 3.31 -14.17
C LYS C 198 -20.98 2.30 -14.70
N SER C 199 -22.26 2.67 -14.71
CA SER C 199 -23.31 1.81 -15.32
C SER C 199 -23.01 1.70 -16.82
N GLU C 200 -23.71 0.79 -17.51
CA GLU C 200 -23.56 0.70 -18.97
C GLU C 200 -23.95 2.01 -19.64
N GLY C 201 -24.99 2.65 -19.15
CA GLY C 201 -25.46 3.91 -19.70
C GLY C 201 -24.47 5.05 -19.53
N GLU C 202 -23.70 5.05 -18.44
CA GLU C 202 -22.74 6.13 -18.19
C GLU C 202 -21.27 5.85 -18.58
N LYS C 203 -20.92 4.62 -18.91
CA LYS C 203 -19.52 4.34 -19.18
C LYS C 203 -19.16 4.91 -20.54
N PHE C 204 -17.86 4.96 -20.83
CA PHE C 204 -17.35 5.30 -22.16
C PHE C 204 -17.69 4.15 -23.12
N ALA C 205 -18.47 4.46 -24.16
CA ALA C 205 -18.98 3.45 -25.08
C ALA C 205 -17.85 2.77 -25.86
N GLY C 206 -16.74 3.47 -26.03
CA GLY C 206 -15.58 2.84 -26.67
C GLY C 206 -14.82 1.88 -25.75
N GLY C 207 -15.21 1.79 -24.48
CA GLY C 207 -14.51 0.93 -23.57
C GLY C 207 -15.32 -0.26 -23.12
N LYS C 208 -14.66 -1.11 -22.37
CA LYS C 208 -15.24 -2.30 -21.77
C LYS C 208 -15.84 -2.02 -20.38
N LYS C 209 -15.09 -1.29 -19.55
CA LYS C 209 -15.54 -0.95 -18.22
C LYS C 209 -14.94 0.39 -17.81
N THR C 210 -15.73 1.27 -17.25
CA THR C 210 -15.19 2.54 -16.83
C THR C 210 -15.21 2.59 -15.31
N THR C 211 -14.09 2.94 -14.68
CA THR C 211 -14.09 3.13 -13.24
C THR C 211 -14.01 4.63 -13.05
N THR C 212 -14.38 5.06 -11.86
CA THR C 212 -14.50 6.45 -11.60
C THR C 212 -14.27 6.72 -10.12
N VAL C 213 -13.90 7.96 -9.83
CA VAL C 213 -13.99 8.48 -8.50
C VAL C 213 -14.98 9.63 -8.54
N GLU C 214 -15.93 9.58 -7.61
CA GLU C 214 -17.07 10.53 -7.60
C GLU C 214 -17.02 11.36 -6.35
N ALA C 215 -17.27 12.66 -6.49
CA ALA C 215 -17.32 13.57 -5.36
C ALA C 215 -18.76 14.05 -5.19
N PHE C 216 -19.03 14.80 -4.12
CA PHE C 216 -20.38 15.30 -3.82
C PHE C 216 -20.32 16.73 -3.30
N ILE C 217 -21.20 17.60 -3.81
CA ILE C 217 -21.26 19.01 -3.42
C ILE C 217 -22.54 19.26 -2.61
N PRO C 218 -22.42 19.35 -1.26
CA PRO C 218 -23.58 19.49 -0.36
C PRO C 218 -24.50 20.68 -0.69
N GLU C 219 -23.92 21.82 -1.06
CA GLU C 219 -24.74 23.01 -1.20
C GLU C 219 -25.79 22.93 -2.31
N ASN C 220 -25.55 22.15 -3.35
CA ASN C 220 -26.57 21.96 -4.41
C ASN C 220 -27.01 20.50 -4.56
N GLY C 221 -26.51 19.63 -3.69
CA GLY C 221 -26.83 18.21 -3.72
C GLY C 221 -26.36 17.44 -4.94
N ARG C 222 -25.28 17.88 -5.57
CA ARG C 222 -24.89 17.25 -6.83
C ARG C 222 -23.65 16.39 -6.69
N GLY C 223 -23.72 15.18 -7.24
CA GLY C 223 -22.53 14.38 -7.46
C GLY C 223 -21.72 14.91 -8.64
N ILE C 224 -20.42 14.74 -8.60
CA ILE C 224 -19.59 15.20 -9.69
C ILE C 224 -18.45 14.20 -9.95
N GLN C 225 -18.26 13.82 -11.19
CA GLN C 225 -17.24 12.88 -11.54
C GLN C 225 -15.89 13.56 -11.42
N ALA C 226 -15.01 12.99 -10.61
CA ALA C 226 -13.75 13.63 -10.25
C ALA C 226 -12.62 13.25 -11.20
N ALA C 227 -12.73 12.03 -11.75
CA ALA C 227 -11.71 11.53 -12.69
C ALA C 227 -12.21 10.18 -13.18
N THR C 228 -11.50 9.56 -14.12
CA THR C 228 -12.03 8.39 -14.79
C THR C 228 -10.86 7.55 -15.30
N SER C 229 -11.03 6.24 -15.23
CA SER C 229 -9.98 5.32 -15.66
C SER C 229 -10.68 4.14 -16.34
N HIS C 230 -10.37 3.89 -17.61
CA HIS C 230 -11.16 2.91 -18.36
C HIS C 230 -10.38 1.67 -18.68
N LEU C 231 -11.03 0.52 -18.50
CA LEU C 231 -10.54 -0.72 -19.09
C LEU C 231 -11.14 -0.74 -20.49
N LEU C 232 -10.30 -0.59 -21.52
CA LEU C 232 -10.82 -0.46 -22.90
C LEU C 232 -10.99 -1.80 -23.62
N GLY C 233 -10.39 -2.87 -23.08
CA GLY C 233 -10.45 -4.16 -23.76
C GLY C 233 -9.70 -4.08 -25.07
N THR C 234 -10.23 -4.73 -26.10
CA THR C 234 -9.53 -4.85 -27.39
C THR C 234 -10.30 -4.13 -28.50
N ASN C 235 -11.36 -3.44 -28.15
CA ASN C 235 -12.16 -2.82 -29.19
C ASN C 235 -11.43 -1.72 -29.96
N PHE C 236 -10.64 -0.91 -29.26
CA PHE C 236 -9.82 0.07 -29.98
C PHE C 236 -8.74 -0.63 -30.78
N ALA C 237 -8.27 -1.76 -30.26
CA ALA C 237 -7.21 -2.48 -30.94
C ALA C 237 -7.75 -3.08 -32.28
N LYS C 238 -9.00 -3.53 -32.29
CA LYS C 238 -9.64 -4.03 -33.53
C LYS C 238 -9.74 -2.88 -34.54
N MET C 239 -10.40 -1.79 -34.12
CA MET C 239 -10.63 -0.62 -34.95
C MET C 239 -9.33 -0.08 -35.53
N PHE C 240 -8.29 0.08 -34.70
CA PHE C 240 -7.07 0.71 -35.22
C PHE C 240 -6.05 -0.31 -35.65
N GLU C 241 -6.40 -1.59 -35.50
CA GLU C 241 -5.43 -2.67 -35.83
C GLU C 241 -4.13 -2.58 -35.03
N ILE C 242 -4.28 -2.50 -33.72
CA ILE C 242 -3.11 -2.54 -32.86
C ILE C 242 -2.88 -3.99 -32.43
N GLU C 243 -1.89 -4.63 -33.04
CA GLU C 243 -1.69 -6.07 -32.89
C GLU C 243 -0.25 -6.35 -32.65
N PHE C 244 0.01 -7.45 -31.95
CA PHE C 244 1.37 -7.83 -31.59
C PHE C 244 1.54 -9.32 -31.76
N GLU C 245 2.72 -9.71 -32.19
CA GLU C 245 3.06 -11.11 -32.26
C GLU C 245 3.54 -11.58 -30.89
N ASP C 246 2.85 -12.55 -30.29
CA ASP C 246 3.34 -13.11 -29.02
C ASP C 246 4.62 -13.96 -29.15
N GLU C 247 5.04 -14.57 -28.03
CA GLU C 247 6.32 -15.28 -28.02
C GLU C 247 6.22 -16.63 -28.74
N GLU C 248 4.99 -17.02 -29.12
CA GLU C 248 4.71 -18.24 -29.86
C GLU C 248 4.54 -17.99 -31.35
N GLY C 249 4.74 -16.74 -31.79
CA GLY C 249 4.53 -16.35 -33.19
C GLY C 249 3.09 -15.96 -33.54
N HIS C 250 2.20 -15.95 -32.56
CA HIS C 250 0.79 -15.65 -32.81
C HIS C 250 0.38 -14.17 -32.69
N LYS C 251 -0.42 -13.70 -33.64
CA LYS C 251 -0.96 -12.33 -33.67
C LYS C 251 -2.13 -12.16 -32.71
N ARG C 252 -2.05 -11.12 -31.89
CA ARG C 252 -3.08 -10.85 -30.87
C ARG C 252 -3.38 -9.38 -30.80
N LEU C 253 -4.57 -9.07 -30.35
CA LEU C 253 -4.97 -7.72 -30.04
C LEU C 253 -4.37 -7.25 -28.68
N VAL C 254 -3.94 -5.99 -28.61
CA VAL C 254 -3.54 -5.41 -27.31
C VAL C 254 -4.78 -5.10 -26.50
N HIS C 255 -4.57 -5.00 -25.18
CA HIS C 255 -5.58 -4.65 -24.21
C HIS C 255 -5.20 -3.25 -23.72
N GLN C 256 -6.13 -2.30 -23.80
CA GLN C 256 -5.77 -0.89 -23.60
C GLN C 256 -6.48 -0.30 -22.38
N THR C 257 -5.96 0.84 -21.90
CA THR C 257 -6.60 1.63 -20.86
C THR C 257 -6.43 3.08 -21.31
N SER C 258 -7.32 3.94 -20.85
CA SER C 258 -7.07 5.37 -20.91
C SER C 258 -7.67 5.98 -19.67
N TRP C 259 -7.24 7.18 -19.33
CA TRP C 259 -7.60 7.76 -18.02
C TRP C 259 -7.28 9.23 -18.09
N GLY C 260 -8.09 10.05 -17.45
CA GLY C 260 -7.84 11.47 -17.44
C GLY C 260 -8.49 12.20 -16.26
N CYS C 261 -8.00 13.41 -15.97
CA CYS C 261 -8.43 14.22 -14.81
C CYS C 261 -8.02 15.65 -15.14
N THR C 262 -8.83 16.63 -14.77
CA THR C 262 -8.64 17.99 -15.29
C THR C 262 -8.60 19.01 -14.16
N THR C 263 -8.48 20.28 -14.56
CA THR C 263 -8.60 21.44 -13.65
C THR C 263 -9.94 21.50 -12.91
N ARG C 264 -10.92 20.68 -13.31
CA ARG C 264 -12.14 20.48 -12.49
C ARG C 264 -11.79 20.22 -11.04
N SER C 265 -10.70 19.47 -10.81
CA SER C 265 -10.28 19.05 -9.45
C SER C 265 -10.08 20.29 -8.59
N LEU C 266 -9.55 21.35 -9.20
CA LEU C 266 -9.40 22.62 -8.48
C LEU C 266 -10.76 23.20 -8.02
N GLY C 267 -11.75 23.16 -8.94
CA GLY C 267 -13.11 23.62 -8.66
C GLY C 267 -13.74 22.89 -7.50
N VAL C 268 -13.67 21.57 -7.52
CA VAL C 268 -14.09 20.70 -6.41
C VAL C 268 -13.38 21.06 -5.06
N MET C 269 -12.07 21.25 -5.07
CA MET C 269 -11.38 21.68 -3.86
C MET C 269 -11.95 23.01 -3.34
N ILE C 270 -12.22 23.97 -4.25
CA ILE C 270 -12.67 25.30 -3.82
C ILE C 270 -14.01 25.15 -3.09
N MET C 271 -14.91 24.39 -3.71
CA MET C 271 -16.28 24.26 -3.23
C MET C 271 -16.34 23.45 -1.93
N THR C 272 -15.49 22.43 -1.80
CA THR C 272 -15.45 21.62 -0.60
C THR C 272 -15.01 22.40 0.65
N HIS C 273 -13.87 23.09 0.58
CA HIS C 273 -13.28 23.71 1.77
C HIS C 273 -13.56 25.21 1.93
N GLY C 274 -13.97 25.91 0.87
CA GLY C 274 -14.19 27.36 1.00
C GLY C 274 -15.19 27.68 2.13
N ASP C 275 -15.16 28.87 2.68
CA ASP C 275 -16.18 29.22 3.65
C ASP C 275 -16.62 30.65 3.32
N ASP C 276 -17.35 31.28 4.24
CA ASP C 276 -17.88 32.65 4.01
C ASP C 276 -16.81 33.69 3.84
N LYS C 277 -15.58 33.39 4.27
CA LYS C 277 -14.46 34.34 4.06
C LYS C 277 -13.75 34.13 2.73
N GLY C 278 -14.11 33.09 2.00
CA GLY C 278 -13.43 32.75 0.76
C GLY C 278 -12.73 31.39 0.80
N LEU C 279 -11.55 31.34 0.17
CA LEU C 279 -10.82 30.06 0.01
C LEU C 279 -10.21 29.56 1.28
N VAL C 280 -10.15 28.23 1.38
CA VAL C 280 -9.29 27.62 2.38
C VAL C 280 -8.49 26.60 1.56
N ILE C 281 -7.16 26.82 1.47
CA ILE C 281 -6.30 25.93 0.70
C ILE C 281 -5.68 24.81 1.58
N PRO C 282 -5.93 23.52 1.28
CA PRO C 282 -5.21 22.49 2.06
C PRO C 282 -3.67 22.68 1.99
N PRO C 283 -2.94 22.55 3.14
CA PRO C 283 -1.52 22.89 3.17
C PRO C 283 -0.69 22.10 2.17
N ARG C 284 -1.14 20.89 1.84
CA ARG C 284 -0.38 20.05 0.96
CA ARG C 284 -0.43 20.00 0.93
C ARG C 284 -0.29 20.62 -0.45
N VAL C 285 -1.27 21.44 -0.83
CA VAL C 285 -1.22 22.06 -2.16
C VAL C 285 -1.08 23.56 -2.13
N ALA C 286 -0.88 24.16 -0.96
CA ALA C 286 -0.68 25.63 -0.91
C ALA C 286 0.74 26.03 -1.33
N SER C 287 0.88 26.95 -2.29
CA SER C 287 2.20 27.48 -2.66
C SER C 287 2.72 28.35 -1.52
N VAL C 288 1.83 29.06 -0.84
CA VAL C 288 2.17 29.76 0.39
C VAL C 288 1.46 29.03 1.52
N GLN C 289 2.24 28.35 2.38
CA GLN C 289 1.67 27.66 3.51
C GLN C 289 1.59 28.61 4.71
N VAL C 290 2.56 29.53 4.79
CA VAL C 290 2.66 30.43 5.95
C VAL C 290 3.00 31.78 5.39
N VAL C 291 2.13 32.77 5.60
CA VAL C 291 2.48 34.13 5.23
C VAL C 291 2.92 34.88 6.49
N ILE C 292 4.08 35.51 6.41
CA ILE C 292 4.63 36.29 7.53
C ILE C 292 4.30 37.76 7.31
N ILE C 293 3.58 38.35 8.25
CA ILE C 293 3.23 39.76 8.14
C ILE C 293 3.87 40.59 9.24
N PRO C 294 4.85 41.44 8.86
CA PRO C 294 5.49 42.39 9.78
C PRO C 294 4.55 43.55 10.06
N ILE C 295 4.40 43.87 11.34
CA ILE C 295 3.72 45.09 11.78
C ILE C 295 4.83 46.12 12.08
N LEU C 296 5.40 46.67 11.01
CA LEU C 296 6.55 47.57 11.06
C LEU C 296 6.17 48.97 11.54
N THR C 302 12.15 48.79 11.85
CA THR C 302 11.91 48.65 10.42
C THR C 302 12.88 47.64 9.79
N GLY C 303 14.18 47.95 9.85
CA GLY C 303 15.22 47.02 9.39
C GLY C 303 15.43 45.87 10.37
N GLU C 304 15.04 46.10 11.62
CA GLU C 304 15.17 45.08 12.66
C GLU C 304 14.09 43.99 12.53
N ILE C 305 12.84 44.41 12.45
CA ILE C 305 11.68 43.53 12.22
C ILE C 305 11.78 42.70 10.92
N LEU C 306 12.11 43.36 9.81
CA LEU C 306 12.22 42.69 8.51
C LEU C 306 13.38 41.72 8.52
N GLY C 307 14.45 42.09 9.22
CA GLY C 307 15.59 41.20 9.41
C GLY C 307 15.22 39.92 10.13
N LYS C 308 14.42 40.06 11.19
CA LYS C 308 13.95 38.89 11.94
C LYS C 308 12.93 38.06 11.13
N CYS C 309 12.06 38.75 10.37
CA CYS C 309 11.20 38.04 9.42
C CYS C 309 12.03 37.16 8.46
N ARG C 310 13.12 37.71 7.94
CA ARG C 310 13.91 36.97 6.94
C ARG C 310 14.56 35.77 7.58
N GLU C 311 15.00 35.93 8.83
CA GLU C 311 15.55 34.82 9.61
C GLU C 311 14.50 33.75 9.86
N LEU C 312 13.27 34.16 10.21
CA LEU C 312 12.19 33.18 10.42
C LEU C 312 11.84 32.39 9.15
N LYS C 313 11.77 33.07 8.02
CA LYS C 313 11.50 32.39 6.73
C LYS C 313 12.55 31.33 6.39
N THR C 314 13.82 31.74 6.48
CA THR C 314 15.00 30.86 6.28
C THR C 314 14.92 29.60 7.16
N MET C 315 14.65 29.79 8.45
CA MET C 315 14.54 28.65 9.37
C MET C 315 13.39 27.72 9.02
N LEU C 316 12.21 28.29 8.74
CA LEU C 316 11.03 27.48 8.36
C LEU C 316 11.26 26.72 7.05
N GLU C 317 11.90 27.37 6.07
CA GLU C 317 12.27 26.72 4.81
C GLU C 317 13.20 25.51 5.02
N LYS C 318 14.09 25.60 6.00
CA LYS C 318 14.92 24.44 6.37
C LYS C 318 14.04 23.26 6.74
N ALA C 319 12.81 23.50 7.18
CA ALA C 319 11.85 22.41 7.45
C ALA C 319 10.88 22.11 6.30
N ASP C 320 11.15 22.65 5.11
CA ASP C 320 10.30 22.43 3.90
C ASP C 320 8.94 23.14 3.92
N ILE C 321 8.77 24.07 4.85
CA ILE C 321 7.59 24.92 4.92
C ILE C 321 7.72 26.03 3.87
N ARG C 322 6.63 26.24 3.13
CA ARG C 322 6.64 27.21 2.05
C ARG C 322 6.15 28.58 2.56
N VAL C 323 7.01 29.58 2.46
CA VAL C 323 6.82 30.84 3.22
C VAL C 323 6.89 32.07 2.32
N ARG C 324 5.95 33.01 2.50
CA ARG C 324 6.00 34.34 1.88
CA ARG C 324 6.07 34.35 1.90
C ARG C 324 6.09 35.43 2.98
N ILE C 325 6.97 36.41 2.81
CA ILE C 325 6.95 37.52 3.72
C ILE C 325 6.22 38.60 2.94
N ASP C 326 5.06 39.03 3.45
CA ASP C 326 4.38 40.15 2.84
C ASP C 326 4.91 41.43 3.46
N ASP C 327 6.05 41.91 2.97
CA ASP C 327 6.69 43.10 3.47
C ASP C 327 6.42 44.32 2.60
N ARG C 328 5.31 44.30 1.87
CA ARG C 328 4.96 45.43 1.01
C ARG C 328 4.60 46.65 1.88
N SER C 329 5.27 47.77 1.65
CA SER C 329 5.03 48.92 2.52
C SER C 329 3.78 49.71 2.12
N ASN C 330 3.31 49.52 0.89
CA ASN C 330 2.15 50.27 0.44
C ASN C 330 0.78 49.72 0.81
N TYR C 331 0.73 48.70 1.67
CA TYR C 331 -0.56 48.20 2.15
C TYR C 331 -0.51 48.13 3.65
N THR C 332 -1.66 48.29 4.29
CA THR C 332 -1.79 48.16 5.74
C THR C 332 -1.76 46.69 6.19
N PRO C 333 -1.29 46.43 7.43
CA PRO C 333 -1.45 45.12 8.06
C PRO C 333 -2.84 44.57 7.88
N GLY C 334 -3.84 45.42 8.08
CA GLY C 334 -5.23 45.01 8.05
C GLY C 334 -5.62 44.50 6.68
N TRP C 335 -5.19 45.22 5.63
CA TRP C 335 -5.49 44.87 4.26
C TRP C 335 -4.86 43.51 3.93
N LYS C 336 -3.65 43.29 4.45
CA LYS C 336 -2.93 42.02 4.23
C LYS C 336 -3.61 40.82 4.85
N TYR C 337 -4.09 40.99 6.09
CA TYR C 337 -4.82 39.93 6.77
C TYR C 337 -6.00 39.47 5.91
N ASN C 338 -6.78 40.41 5.37
CA ASN C 338 -7.92 40.02 4.55
CA ASN C 338 -7.94 40.10 4.52
C ASN C 338 -7.51 39.45 3.20
N HIS C 339 -6.51 40.05 2.57
CA HIS C 339 -5.98 39.56 1.32
C HIS C 339 -5.61 38.05 1.39
N TRP C 340 -4.79 37.68 2.37
CA TRP C 340 -4.30 36.29 2.47
C TRP C 340 -5.36 35.36 3.02
N GLU C 341 -6.29 35.91 3.80
CA GLU C 341 -7.50 35.17 4.23
C GLU C 341 -8.39 34.72 3.05
N VAL C 342 -8.78 35.70 2.22
CA VAL C 342 -9.62 35.45 1.04
C VAL C 342 -8.93 34.41 0.14
N LYS C 343 -7.60 34.48 0.08
CA LYS C 343 -6.81 33.59 -0.72
C LYS C 343 -6.61 32.23 -0.07
N GLY C 344 -6.97 32.07 1.20
CA GLY C 344 -6.97 30.78 1.86
C GLY C 344 -5.62 30.21 2.25
N VAL C 345 -4.63 31.06 2.41
CA VAL C 345 -3.35 30.67 3.03
C VAL C 345 -3.60 30.06 4.41
N PRO C 346 -3.07 28.84 4.67
CA PRO C 346 -3.38 28.10 5.89
C PRO C 346 -2.94 28.78 7.19
N LEU C 347 -1.79 29.44 7.18
CA LEU C 347 -1.29 30.03 8.40
C LEU C 347 -0.77 31.41 8.17
N ARG C 348 -1.12 32.31 9.09
CA ARG C 348 -0.60 33.66 9.08
C ARG C 348 0.23 33.85 10.36
N LEU C 349 1.43 34.40 10.21
CA LEU C 349 2.32 34.66 11.33
C LEU C 349 2.57 36.16 11.43
N GLU C 350 2.22 36.74 12.58
CA GLU C 350 2.42 38.16 12.83
C GLU C 350 3.72 38.44 13.62
N LEU C 351 4.46 39.45 13.22
CA LEU C 351 5.63 39.87 13.98
C LEU C 351 5.66 41.39 14.16
N GLY C 352 5.38 41.85 15.38
CA GLY C 352 5.51 43.27 15.72
C GLY C 352 6.72 43.56 16.63
N PRO C 353 6.99 44.85 16.92
CA PRO C 353 8.06 45.23 17.87
C PRO C 353 8.01 44.39 19.16
N LYS C 354 6.81 44.29 19.74
CA LYS C 354 6.56 43.49 20.93
C LYS C 354 7.24 42.11 20.85
N ASP C 355 6.86 41.31 19.85
CA ASP C 355 7.24 39.89 19.74
C ASP C 355 8.72 39.69 19.60
N LEU C 356 9.37 40.67 18.97
CA LEU C 356 10.80 40.70 18.79
C LEU C 356 11.49 40.62 20.16
N ALA C 357 10.88 41.27 21.15
CA ALA C 357 11.35 41.26 22.53
C ALA C 357 11.10 39.91 23.20
N LYS C 358 9.87 39.40 23.07
CA LYS C 358 9.46 38.15 23.68
C LYS C 358 10.10 36.88 23.03
N GLY C 359 10.72 37.05 21.86
CA GLY C 359 11.19 35.90 21.08
C GLY C 359 10.04 34.97 20.65
N THR C 360 8.86 35.56 20.42
CA THR C 360 7.65 34.81 20.05
C THR C 360 6.99 35.36 18.76
N ALA C 361 5.99 34.63 18.27
CA ALA C 361 5.19 35.11 17.15
C ALA C 361 3.78 34.62 17.36
N ARG C 362 2.81 35.38 16.87
CA ARG C 362 1.40 35.00 16.87
C ARG C 362 1.03 34.31 15.53
N VAL C 363 0.45 33.12 15.62
CA VAL C 363 0.12 32.32 14.42
C VAL C 363 -1.38 32.04 14.41
N VAL C 364 -2.04 32.41 13.31
CA VAL C 364 -3.46 32.14 13.14
C VAL C 364 -3.68 31.16 11.99
N ARG C 365 -4.50 30.15 12.23
CA ARG C 365 -4.83 29.15 11.25
C ARG C 365 -6.15 29.50 10.56
N ARG C 366 -6.20 29.27 9.26
CA ARG C 366 -7.27 29.81 8.39
C ARG C 366 -8.60 29.08 8.58
N ASP C 367 -8.52 27.79 8.84
CA ASP C 367 -9.72 26.98 8.80
C ASP C 367 -10.64 27.30 9.96
N THR C 368 -10.08 27.65 11.12
CA THR C 368 -10.89 27.86 12.33
C THR C 368 -10.66 29.22 12.98
N GLY C 369 -9.63 29.95 12.56
CA GLY C 369 -9.31 31.26 13.15
C GLY C 369 -8.60 31.21 14.51
N GLU C 370 -8.36 30.01 15.04
CA GLU C 370 -7.65 29.85 16.31
C GLU C 370 -6.21 30.43 16.24
N ALA C 371 -5.87 31.26 17.23
CA ALA C 371 -4.55 31.88 17.40
C ALA C 371 -3.66 31.14 18.39
N TYR C 372 -2.35 31.18 18.15
CA TYR C 372 -1.31 30.53 18.97
C TYR C 372 -0.13 31.49 19.18
N GLN C 373 0.42 31.48 20.40
CA GLN C 373 1.65 32.21 20.72
C GLN C 373 2.74 31.15 20.73
N ILE C 374 3.76 31.35 19.91
CA ILE C 374 4.78 30.32 19.74
C ILE C 374 6.17 30.94 19.77
N SER C 375 7.07 30.26 20.47
CA SER C 375 8.44 30.70 20.56
C SER C 375 9.12 30.40 19.24
N TRP C 376 10.01 31.29 18.82
CA TRP C 376 10.77 31.10 17.60
C TRP C 376 11.33 29.67 17.45
N ALA C 377 11.91 29.14 18.53
CA ALA C 377 12.54 27.81 18.54
C ALA C 377 11.55 26.67 18.32
N ASP C 378 10.29 26.89 18.72
CA ASP C 378 9.21 25.92 18.54
C ASP C 378 8.46 26.02 17.21
N LEU C 379 8.72 27.08 16.45
CA LEU C 379 7.96 27.45 15.27
C LEU C 379 7.95 26.37 14.24
N ALA C 380 9.13 25.95 13.79
CA ALA C 380 9.22 24.85 12.82
C ALA C 380 8.39 23.61 13.22
N PRO C 381 8.68 22.96 14.38
CA PRO C 381 7.86 21.78 14.67
C PRO C 381 6.39 22.06 14.98
N LYS C 382 6.06 23.23 15.50
CA LYS C 382 4.66 23.48 15.81
C LYS C 382 3.86 23.76 14.51
N LEU C 383 4.48 24.45 13.56
CA LEU C 383 3.79 24.78 12.31
C LEU C 383 3.52 23.51 11.50
N LEU C 384 4.52 22.65 11.41
CA LEU C 384 4.36 21.35 10.80
C LEU C 384 3.17 20.64 11.38
N GLU C 385 3.06 20.65 12.71
CA GLU C 385 1.96 19.97 13.38
C GLU C 385 0.61 20.66 13.11
N LEU C 386 0.59 21.97 13.00
CA LEU C 386 -0.68 22.65 12.73
C LEU C 386 -1.16 22.34 11.30
N MET C 387 -0.20 22.35 10.37
CA MET C 387 -0.47 22.04 8.95
C MET C 387 -1.00 20.65 8.74
N GLU C 388 -0.42 19.65 9.40
CA GLU C 388 -0.98 18.28 9.39
C GLU C 388 -2.36 18.27 10.02
N GLY C 389 -2.48 18.99 11.14
CA GLY C 389 -3.78 19.11 11.83
C GLY C 389 -4.87 19.66 10.90
N ILE C 390 -4.56 20.79 10.26
CA ILE C 390 -5.43 21.41 9.25
C ILE C 390 -5.79 20.48 8.08
N GLN C 391 -4.78 19.91 7.42
CA GLN C 391 -4.98 19.02 6.26
C GLN C 391 -5.96 17.92 6.66
N ARG C 392 -5.70 17.32 7.82
CA ARG C 392 -6.51 16.19 8.26
C ARG C 392 -7.92 16.67 8.61
N SER C 393 -8.03 17.82 9.25
CA SER C 393 -9.34 18.32 9.66
C SER C 393 -10.22 18.69 8.42
N LEU C 394 -9.64 19.38 7.43
CA LEU C 394 -10.37 19.62 6.17
C LEU C 394 -10.94 18.35 5.61
N PHE C 395 -10.10 17.32 5.53
CA PHE C 395 -10.51 16.04 4.95
C PHE C 395 -11.59 15.32 5.74
N GLU C 396 -11.45 15.27 7.06
CA GLU C 396 -12.42 14.50 7.86
CA GLU C 396 -12.38 14.62 8.01
C GLU C 396 -13.78 15.20 7.93
N LYS C 397 -13.84 16.51 8.01
CA LYS C 397 -15.11 17.23 7.96
C LYS C 397 -15.77 17.06 6.60
N ALA C 398 -14.97 17.08 5.52
CA ALA C 398 -15.53 16.89 4.18
C ALA C 398 -16.11 15.49 4.11
N LYS C 399 -15.39 14.51 4.66
CA LYS C 399 -15.84 13.12 4.63
C LYS C 399 -17.14 12.93 5.40
N ALA C 400 -17.21 13.58 6.57
CA ALA C 400 -18.45 13.54 7.36
C ALA C 400 -19.58 14.17 6.55
N ARG C 401 -19.32 15.28 5.86
CA ARG C 401 -20.37 15.89 5.01
C ARG C 401 -20.76 14.97 3.85
N LEU C 402 -19.78 14.27 3.29
CA LEU C 402 -20.09 13.24 2.30
C LEU C 402 -21.05 12.15 2.80
N HIS C 403 -20.82 11.63 4.00
CA HIS C 403 -21.72 10.58 4.47
C HIS C 403 -23.08 11.09 4.97
N GLU C 404 -23.10 12.27 5.58
CA GLU C 404 -24.37 12.91 5.93
C GLU C 404 -25.21 13.10 4.66
N GLY C 405 -24.53 13.29 3.53
CA GLY C 405 -25.19 13.57 2.27
C GLY C 405 -25.71 12.37 1.50
N ILE C 406 -25.55 11.17 2.05
CA ILE C 406 -25.96 9.96 1.34
C ILE C 406 -27.02 9.21 2.14
N GLU C 407 -28.15 8.86 1.49
CA GLU C 407 -29.22 8.08 2.16
C GLU C 407 -29.38 6.72 1.49
N LYS C 408 -29.33 5.68 2.31
CA LYS C 408 -29.52 4.32 1.85
C LYS C 408 -31.04 4.06 1.76
N ILE C 409 -31.50 3.56 0.62
CA ILE C 409 -32.94 3.44 0.37
C ILE C 409 -33.33 2.09 -0.24
N SER C 410 -34.65 1.85 -0.35
CA SER C 410 -35.25 0.55 -0.69
C SER C 410 -36.17 0.60 -1.89
N THR C 411 -36.91 1.71 -1.99
CA THR C 411 -38.03 1.79 -2.92
C THR C 411 -38.03 3.19 -3.53
N PHE C 412 -38.62 3.29 -4.72
CA PHE C 412 -38.64 4.56 -5.44
C PHE C 412 -39.30 5.72 -4.65
N ASP C 413 -40.22 5.39 -3.75
CA ASP C 413 -40.94 6.38 -2.93
C ASP C 413 -40.00 7.28 -2.13
N GLU C 414 -38.85 6.75 -1.75
CA GLU C 414 -37.87 7.50 -0.95
C GLU C 414 -36.98 8.46 -1.75
N VAL C 415 -37.05 8.40 -3.08
CA VAL C 415 -36.18 9.16 -3.98
C VAL C 415 -36.37 10.69 -3.88
N MET C 416 -37.53 11.19 -4.29
CA MET C 416 -37.74 12.65 -4.33
C MET C 416 -37.58 13.33 -2.98
N PRO C 417 -38.01 12.66 -1.90
CA PRO C 417 -37.68 13.26 -0.60
C PRO C 417 -36.16 13.38 -0.39
N ALA C 418 -35.40 12.31 -0.66
CA ALA C 418 -33.95 12.35 -0.58
C ALA C 418 -33.37 13.42 -1.52
N LEU C 419 -33.80 13.43 -2.78
CA LEU C 419 -33.43 14.50 -3.72
C LEU C 419 -33.73 15.90 -3.19
N ASN C 420 -34.90 16.08 -2.57
CA ASN C 420 -35.27 17.40 -2.06
C ASN C 420 -34.48 17.82 -0.85
N ARG C 421 -33.93 16.85 -0.12
CA ARG C 421 -32.95 17.16 0.94
C ARG C 421 -31.53 17.42 0.38
N LYS C 422 -31.40 17.47 -0.96
CA LYS C 422 -30.12 17.67 -1.65
C LYS C 422 -29.15 16.53 -1.28
N HIS C 423 -29.67 15.32 -1.37
CA HIS C 423 -28.89 14.18 -0.98
C HIS C 423 -28.74 13.25 -2.16
N LEU C 424 -27.75 12.39 -2.08
CA LEU C 424 -27.66 11.27 -3.00
C LEU C 424 -28.39 10.06 -2.39
N VAL C 425 -28.68 9.07 -3.21
CA VAL C 425 -29.24 7.88 -2.67
C VAL C 425 -28.44 6.66 -3.08
N LEU C 426 -28.31 5.73 -2.13
CA LEU C 426 -27.72 4.42 -2.37
C LEU C 426 -28.89 3.43 -2.37
N ALA C 427 -29.07 2.74 -3.48
CA ALA C 427 -30.26 1.94 -3.69
C ALA C 427 -29.86 0.62 -4.33
N PRO C 428 -30.59 -0.47 -3.99
CA PRO C 428 -30.37 -1.74 -4.66
C PRO C 428 -30.93 -1.64 -6.09
N TRP C 429 -30.22 -2.17 -7.07
CA TRP C 429 -30.61 -1.90 -8.45
C TRP C 429 -30.39 -3.12 -9.33
N CYS C 430 -31.32 -3.32 -10.29
CA CYS C 430 -31.26 -4.47 -11.20
C CYS C 430 -30.19 -4.35 -12.28
N GLU C 431 -29.77 -3.11 -12.60
CA GLU C 431 -28.69 -2.85 -13.58
C GLU C 431 -29.08 -2.93 -15.08
N ASP C 432 -30.38 -2.99 -15.36
CA ASP C 432 -30.85 -2.91 -16.74
C ASP C 432 -30.66 -1.48 -17.32
N PRO C 433 -30.00 -1.38 -18.48
CA PRO C 433 -29.81 -0.04 -19.11
C PRO C 433 -31.09 0.81 -19.26
N GLU C 434 -32.20 0.20 -19.70
CA GLU C 434 -33.47 0.95 -19.83
C GLU C 434 -34.04 1.54 -18.51
N SER C 435 -33.99 0.79 -17.41
CA SER C 435 -34.47 1.33 -16.13
C SER C 435 -33.82 2.67 -15.77
N GLU C 436 -32.51 2.83 -16.06
CA GLU C 436 -31.78 4.07 -15.77
C GLU C 436 -32.32 5.24 -16.56
N GLU C 437 -32.60 5.02 -17.84
CA GLU C 437 -33.27 6.03 -18.67
C GLU C 437 -34.63 6.42 -18.13
N GLN C 438 -35.42 5.42 -17.74
CA GLN C 438 -36.76 5.64 -17.19
C GLN C 438 -36.71 6.47 -15.92
N ILE C 439 -35.68 6.23 -15.10
CA ILE C 439 -35.49 6.91 -13.81
C ILE C 439 -35.03 8.36 -14.04
N LYS C 440 -34.16 8.57 -15.03
CA LYS C 440 -33.76 9.94 -15.35
C LYS C 440 -34.99 10.71 -15.81
N LYS C 441 -35.78 10.11 -16.69
CA LYS C 441 -36.98 10.80 -17.19
C LYS C 441 -38.00 11.07 -16.07
N GLU C 442 -38.30 10.04 -15.26
CA GLU C 442 -39.27 10.21 -14.17
C GLU C 442 -38.89 11.27 -13.16
N THR C 443 -37.64 11.24 -12.69
CA THR C 443 -37.17 12.18 -11.68
C THR C 443 -37.15 13.58 -12.27
N GLN C 444 -36.79 13.67 -13.54
CA GLN C 444 -36.95 14.88 -14.33
C GLN C 444 -38.38 15.44 -14.30
N LYS C 445 -39.38 14.62 -14.67
CA LYS C 445 -40.78 15.08 -14.75
C LYS C 445 -41.25 15.48 -13.36
N LEU C 446 -40.97 14.63 -12.38
CA LEU C 446 -41.30 14.92 -10.98
C LEU C 446 -40.74 16.26 -10.49
N SER C 447 -39.50 16.56 -10.84
CA SER C 447 -38.85 17.82 -10.44
C SER C 447 -39.48 19.04 -11.13
N GLU C 448 -39.91 18.86 -12.39
CA GLU C 448 -40.59 19.92 -13.13
C GLU C 448 -41.95 20.24 -12.47
N ILE C 449 -42.70 19.23 -12.10
CA ILE C 449 -43.89 19.47 -11.37
C ILE C 449 -43.46 20.12 -10.07
N GLY C 463 -32.64 18.70 -13.15
CA GLY C 463 -33.46 18.08 -12.11
C GLY C 463 -33.40 16.55 -12.09
N ALA C 464 -33.06 15.96 -13.24
CA ALA C 464 -32.88 14.49 -13.41
C ALA C 464 -31.88 13.87 -12.41
N MET C 465 -32.12 12.61 -12.07
CA MET C 465 -31.26 11.81 -11.23
C MET C 465 -30.74 10.65 -12.06
N LYS C 466 -29.43 10.43 -12.08
CA LYS C 466 -28.84 9.34 -12.84
C LYS C 466 -27.86 8.55 -11.96
N THR C 467 -27.27 7.47 -12.47
CA THR C 467 -26.26 6.78 -11.67
C THR C 467 -25.00 7.62 -11.60
N LEU C 468 -24.36 7.61 -10.43
CA LEU C 468 -23.03 8.19 -10.26
C LEU C 468 -22.03 7.08 -10.43
N CYS C 469 -22.19 5.99 -9.67
CA CYS C 469 -21.39 4.78 -9.85
C CYS C 469 -21.99 3.64 -9.08
N ILE C 470 -21.49 2.43 -9.36
CA ILE C 470 -21.67 1.27 -8.51
C ILE C 470 -20.45 1.14 -7.56
N PRO C 471 -20.65 1.46 -6.27
CA PRO C 471 -19.40 1.59 -5.50
C PRO C 471 -18.61 0.27 -5.40
N PHE C 472 -17.29 0.33 -5.48
CA PHE C 472 -16.41 -0.83 -5.13
C PHE C 472 -16.85 -1.28 -3.71
N ASP C 473 -17.10 -0.32 -2.83
CA ASP C 473 -17.67 -0.64 -1.50
C ASP C 473 -19.15 -1.10 -1.56
N GLN C 474 -19.37 -2.41 -1.49
CA GLN C 474 -20.70 -2.97 -1.54
C GLN C 474 -21.20 -3.44 -0.16
N PRO C 475 -22.24 -2.79 0.40
CA PRO C 475 -22.84 -3.34 1.62
C PRO C 475 -23.54 -4.66 1.31
N PRO C 476 -23.83 -5.49 2.35
CA PRO C 476 -24.47 -6.79 2.09
C PRO C 476 -25.79 -6.65 1.34
N MET C 477 -26.07 -7.60 0.46
CA MET C 477 -27.35 -7.59 -0.28
C MET C 477 -28.22 -8.81 0.12
N PRO C 478 -29.15 -8.62 1.10
CA PRO C 478 -30.07 -9.69 1.51
C PRO C 478 -30.66 -10.48 0.35
N GLU C 479 -30.66 -11.80 0.55
CA GLU C 479 -30.81 -12.82 -0.47
C GLU C 479 -31.97 -12.68 -1.47
N GLY C 480 -32.94 -11.82 -1.21
CA GLY C 480 -33.99 -11.59 -2.21
C GLY C 480 -34.45 -10.15 -2.34
N THR C 481 -33.51 -9.21 -2.20
CA THR C 481 -33.83 -7.78 -2.25
C THR C 481 -34.30 -7.33 -3.62
N LYS C 482 -35.27 -6.43 -3.63
CA LYS C 482 -35.85 -5.95 -4.86
C LYS C 482 -35.19 -4.64 -5.34
N CYS C 483 -34.94 -4.54 -6.65
CA CYS C 483 -34.51 -3.30 -7.28
C CYS C 483 -35.49 -2.22 -6.80
N PHE C 484 -34.96 -1.12 -6.27
CA PHE C 484 -35.80 -0.02 -5.76
C PHE C 484 -36.77 0.51 -6.80
N TYR C 485 -36.57 0.15 -8.07
CA TYR C 485 -37.38 0.72 -9.13
C TYR C 485 -38.23 -0.24 -9.93
N THR C 486 -37.70 -1.41 -10.27
CA THR C 486 -38.44 -2.31 -11.17
C THR C 486 -39.10 -3.47 -10.44
N GLY C 487 -38.84 -3.60 -9.15
CA GLY C 487 -39.28 -4.74 -8.37
C GLY C 487 -38.58 -6.02 -8.80
N LYS C 488 -37.83 -5.98 -9.89
CA LYS C 488 -37.02 -7.14 -10.32
C LYS C 488 -35.98 -7.48 -9.25
N PRO C 489 -35.26 -8.61 -9.40
CA PRO C 489 -34.21 -8.87 -8.39
C PRO C 489 -33.07 -7.83 -8.46
N ALA C 490 -32.74 -7.23 -7.31
CA ALA C 490 -31.59 -6.29 -7.23
C ALA C 490 -30.27 -7.01 -7.42
N LYS C 491 -29.34 -6.36 -8.12
CA LYS C 491 -27.99 -6.89 -8.34
C LYS C 491 -26.98 -6.31 -7.35
N ARG C 492 -26.61 -5.04 -7.54
CA ARG C 492 -25.67 -4.38 -6.66
C ARG C 492 -26.27 -3.08 -6.10
N TRP C 493 -25.66 -2.57 -5.03
CA TRP C 493 -26.00 -1.24 -4.54
C TRP C 493 -25.40 -0.23 -5.53
N THR C 494 -26.19 0.79 -5.88
CA THR C 494 -25.74 1.78 -6.82
C THR C 494 -26.00 3.15 -6.22
N LEU C 495 -25.07 4.08 -6.43
CA LEU C 495 -25.21 5.44 -5.91
C LEU C 495 -25.80 6.33 -7.01
N TRP C 496 -26.87 7.08 -6.68
CA TRP C 496 -27.62 7.92 -7.65
C TRP C 496 -27.63 9.35 -7.17
N GLY C 497 -27.74 10.30 -8.10
CA GLY C 497 -28.05 11.65 -7.67
C GLY C 497 -28.26 12.56 -8.83
N ARG C 498 -28.60 13.81 -8.51
CA ARG C 498 -28.41 14.90 -9.45
C ARG C 498 -26.89 15.12 -9.57
N SER C 499 -26.45 15.61 -10.73
CA SER C 499 -25.02 15.77 -10.96
C SER C 499 -24.69 16.91 -11.92
N TYR C 500 -23.39 17.15 -12.08
CA TYR C 500 -22.87 18.06 -13.08
C TYR C 500 -22.85 17.35 -14.42
N MET D 3 19.75 1.45 -37.89
CA MET D 3 21.08 2.08 -38.13
C MET D 3 20.97 3.35 -39.01
N VAL D 4 21.71 4.40 -38.65
CA VAL D 4 21.74 5.64 -39.46
C VAL D 4 22.73 5.46 -40.64
N THR D 5 22.36 5.97 -41.82
CA THR D 5 22.97 5.65 -43.13
C THR D 5 23.51 6.88 -43.87
N ALA D 6 22.71 7.94 -43.95
CA ALA D 6 23.19 9.22 -44.47
C ALA D 6 24.31 9.71 -43.56
N LYS D 7 25.34 10.27 -44.20
CA LYS D 7 26.52 10.84 -43.55
C LYS D 7 26.21 12.26 -43.15
N LYS D 8 26.52 12.64 -41.91
CA LYS D 8 26.18 13.96 -41.40
C LYS D 8 26.70 15.10 -42.28
N ASP D 9 27.98 15.04 -42.64
CA ASP D 9 28.57 16.14 -43.44
C ASP D 9 28.13 16.16 -44.92
N GLU D 10 27.82 14.99 -45.49
CA GLU D 10 27.42 14.84 -46.90
C GLU D 10 25.96 15.11 -47.24
N ASN D 11 25.04 14.37 -46.63
CA ASN D 11 23.61 14.65 -46.82
C ASN D 11 22.90 14.99 -45.48
N PHE D 12 23.02 16.26 -45.09
CA PHE D 12 22.66 16.69 -43.75
C PHE D 12 21.16 16.57 -43.53
N SER D 13 20.35 16.96 -44.53
CA SER D 13 18.87 16.86 -44.48
C SER D 13 18.42 15.45 -44.19
N GLU D 14 19.03 14.51 -44.90
CA GLU D 14 18.65 13.14 -44.83
C GLU D 14 19.21 12.55 -43.50
N TRP D 15 20.42 12.96 -43.12
CA TRP D 15 20.95 12.58 -41.82
C TRP D 15 19.96 12.99 -40.69
N TYR D 16 19.45 14.23 -40.75
CA TYR D 16 18.61 14.76 -39.67
C TYR D 16 17.33 13.96 -39.52
N THR D 17 16.69 13.69 -40.66
CA THR D 17 15.48 12.93 -40.73
C THR D 17 15.68 11.50 -40.26
N GLN D 18 16.75 10.86 -40.72
CA GLN D 18 16.99 9.49 -40.28
C GLN D 18 17.20 9.48 -38.78
N ALA D 19 17.98 10.46 -38.28
CA ALA D 19 18.39 10.48 -36.87
C ALA D 19 17.20 10.66 -35.95
N ILE D 20 16.25 11.53 -36.35
CA ILE D 20 15.12 11.81 -35.46
C ILE D 20 14.08 10.68 -35.46
N VAL D 21 13.88 10.06 -36.62
CA VAL D 21 12.97 8.95 -36.73
C VAL D 21 13.60 7.70 -36.11
N ARG D 22 14.80 7.34 -36.52
CA ARG D 22 15.40 6.11 -36.01
C ARG D 22 15.72 6.12 -34.52
N SER D 23 15.99 7.30 -33.94
CA SER D 23 16.14 7.45 -32.47
C SER D 23 14.84 7.30 -31.69
N GLU D 24 13.73 7.11 -32.40
CA GLU D 24 12.38 7.20 -31.79
C GLU D 24 12.06 8.56 -31.10
N MET D 25 12.58 9.65 -31.65
CA MET D 25 12.26 10.97 -31.14
C MET D 25 10.97 11.54 -31.73
N ILE D 26 10.78 11.32 -33.02
CA ILE D 26 9.76 12.05 -33.82
C ILE D 26 8.98 10.99 -34.61
N GLU D 27 7.67 11.10 -34.63
CA GLU D 27 6.85 10.34 -35.57
C GLU D 27 6.22 11.37 -36.53
N TYR D 28 6.29 11.10 -37.85
CA TYR D 28 5.73 12.05 -38.82
C TYR D 28 4.22 11.87 -38.77
N TYR D 29 3.51 12.81 -39.35
CA TYR D 29 2.09 12.93 -39.07
C TYR D 29 1.42 13.42 -40.35
N ASP D 30 0.13 13.24 -40.47
CA ASP D 30 -0.54 13.54 -41.75
C ASP D 30 -0.81 15.04 -41.97
N ILE D 31 -0.78 15.84 -40.92
CA ILE D 31 -0.96 17.28 -41.11
C ILE D 31 0.44 17.88 -41.25
N SER D 32 0.74 18.46 -42.40
CA SER D 32 2.11 18.85 -42.67
C SER D 32 2.59 20.00 -41.74
N GLY D 33 3.85 19.92 -41.35
CA GLY D 33 4.43 20.87 -40.39
C GLY D 33 4.15 20.56 -38.92
N CYS D 34 3.37 19.49 -38.65
CA CYS D 34 3.11 18.99 -37.29
C CYS D 34 3.73 17.63 -37.11
N TYR D 35 4.31 17.37 -35.95
CA TYR D 35 5.08 16.15 -35.72
C TYR D 35 4.77 15.64 -34.31
N ILE D 36 4.78 14.31 -34.16
CA ILE D 36 4.62 13.70 -32.86
C ILE D 36 5.95 13.70 -32.10
N MET D 37 5.94 14.16 -30.85
CA MET D 37 7.11 14.09 -30.02
C MET D 37 6.97 12.89 -29.14
N ARG D 38 7.81 11.88 -29.38
CA ARG D 38 7.78 10.64 -28.59
C ARG D 38 8.61 10.87 -27.30
N PRO D 39 8.48 9.99 -26.30
CA PRO D 39 9.19 10.19 -25.02
C PRO D 39 10.66 10.51 -25.10
N TRP D 40 11.37 9.94 -26.10
CA TRP D 40 12.82 10.08 -26.13
C TRP D 40 13.16 11.52 -26.35
N ALA D 41 12.34 12.22 -27.16
CA ALA D 41 12.47 13.70 -27.33
C ALA D 41 11.78 14.45 -26.18
N PHE D 42 10.58 14.00 -25.80
CA PHE D 42 9.80 14.79 -24.88
C PHE D 42 10.48 14.95 -23.51
N HIS D 43 11.15 13.89 -23.04
CA HIS D 43 11.91 13.94 -21.78
C HIS D 43 12.86 15.13 -21.71
N ILE D 44 13.51 15.42 -22.83
CA ILE D 44 14.44 16.54 -22.95
C ILE D 44 13.72 17.90 -22.76
N TRP D 45 12.61 18.09 -23.49
CA TRP D 45 11.71 19.22 -23.17
C TRP D 45 11.37 19.30 -21.68
N GLU D 46 11.01 18.18 -21.06
CA GLU D 46 10.66 18.24 -19.64
C GLU D 46 11.83 18.75 -18.80
N LYS D 47 13.04 18.33 -19.16
CA LYS D 47 14.25 18.70 -18.43
C LYS D 47 14.56 20.18 -18.54
N VAL D 48 14.56 20.73 -19.75
CA VAL D 48 14.88 22.15 -19.92
C VAL D 48 13.79 23.04 -19.34
N GLN D 49 12.55 22.55 -19.42
CA GLN D 49 11.41 23.27 -18.88
C GLN D 49 11.55 23.37 -17.37
N ARG D 50 11.84 22.24 -16.71
CA ARG D 50 12.10 22.25 -15.27
C ARG D 50 13.26 23.19 -14.89
N PHE D 51 14.38 23.15 -15.62
CA PHE D 51 15.45 24.09 -15.37
C PHE D 51 14.98 25.55 -15.51
N PHE D 52 14.36 25.89 -16.62
CA PHE D 52 13.99 27.28 -16.85
C PHE D 52 12.92 27.74 -15.86
N ASP D 53 11.99 26.84 -15.58
CA ASP D 53 10.91 27.16 -14.67
C ASP D 53 11.45 27.43 -13.26
N ASP D 54 12.23 26.49 -12.72
CA ASP D 54 12.86 26.68 -11.42
C ASP D 54 13.55 28.07 -11.36
N GLU D 55 14.26 28.45 -12.41
CA GLU D 55 14.99 29.71 -12.42
C GLU D 55 14.12 30.96 -12.49
N ILE D 56 13.06 30.95 -13.32
CA ILE D 56 12.22 32.14 -13.37
C ILE D 56 11.43 32.34 -12.05
N LYS D 57 11.07 31.23 -11.39
CA LYS D 57 10.43 31.33 -10.07
C LYS D 57 11.39 31.99 -9.06
N LYS D 58 12.71 31.81 -9.22
CA LYS D 58 13.66 32.47 -8.31
C LYS D 58 13.63 33.98 -8.52
N MET D 59 13.37 34.42 -9.75
CA MET D 59 13.15 35.84 -10.04
C MET D 59 11.73 36.33 -9.68
N GLY D 60 10.90 35.52 -9.04
CA GLY D 60 9.51 35.94 -8.80
C GLY D 60 8.55 35.88 -9.99
N VAL D 61 8.91 35.23 -11.09
CA VAL D 61 7.97 35.07 -12.23
C VAL D 61 6.97 33.98 -11.85
N GLU D 62 5.69 34.22 -12.09
CA GLU D 62 4.65 33.24 -11.72
C GLU D 62 4.00 32.72 -12.98
N ASN D 63 3.63 31.44 -12.96
CA ASN D 63 3.02 30.81 -14.12
C ASN D 63 1.53 31.00 -14.09
N SER D 64 0.91 30.91 -15.25
CA SER D 64 -0.53 31.20 -15.43
C SER D 64 -0.95 30.38 -16.65
N TYR D 65 -2.25 30.36 -16.94
CA TYR D 65 -2.73 29.82 -18.23
C TYR D 65 -3.87 30.67 -18.80
N PHE D 66 -3.58 31.33 -19.93
CA PHE D 66 -4.53 32.12 -20.69
C PHE D 66 -5.10 31.30 -21.87
N PRO D 67 -6.30 31.68 -22.37
CA PRO D 67 -6.95 30.79 -23.34
C PRO D 67 -6.21 30.68 -24.67
N MET D 68 -6.37 29.56 -25.35
CA MET D 68 -5.74 29.39 -26.66
C MET D 68 -6.54 30.10 -27.76
N PHE D 69 -7.71 30.62 -27.40
CA PHE D 69 -8.60 31.34 -28.34
C PHE D 69 -8.55 32.84 -28.18
N VAL D 70 -8.58 33.54 -29.32
CA VAL D 70 -8.73 34.99 -29.35
C VAL D 70 -9.76 35.41 -30.39
N SER D 71 -10.65 36.35 -30.00
CA SER D 71 -11.64 36.89 -30.95
C SER D 71 -10.98 37.58 -32.17
N ARG D 72 -11.63 37.48 -33.33
CA ARG D 72 -11.11 38.10 -34.54
C ARG D 72 -10.84 39.59 -34.26
N HIS D 73 -11.84 40.25 -33.69
CA HIS D 73 -11.76 41.64 -33.26
C HIS D 73 -10.52 41.94 -32.42
N LYS D 74 -10.28 41.12 -31.39
CA LYS D 74 -9.16 41.41 -30.47
C LYS D 74 -7.80 41.14 -31.10
N LEU D 75 -7.73 40.21 -32.04
CA LEU D 75 -6.47 39.90 -32.69
C LEU D 75 -6.10 40.94 -33.76
N GLU D 76 -7.10 41.42 -34.50
CA GLU D 76 -6.86 42.36 -35.60
C GLU D 76 -6.94 43.84 -35.18
N LYS D 77 -7.01 44.10 -33.87
CA LYS D 77 -7.10 45.48 -33.36
C LYS D 77 -5.71 46.08 -33.15
N GLY D 84 2.19 41.13 -42.32
CA GLY D 84 2.97 39.95 -42.63
C GLY D 84 2.53 38.71 -41.88
N PHE D 85 1.77 38.91 -40.79
CA PHE D 85 1.35 37.77 -39.91
C PHE D 85 0.03 37.07 -40.29
N SER D 86 -0.87 37.82 -40.90
CA SER D 86 -2.20 37.34 -41.21
C SER D 86 -2.25 35.94 -41.85
N PRO D 87 -1.39 35.68 -42.86
CA PRO D 87 -1.38 34.34 -43.50
C PRO D 87 -1.15 33.17 -42.53
N GLU D 88 -0.52 33.42 -41.39
CA GLU D 88 -0.16 32.35 -40.43
C GLU D 88 -1.27 31.97 -39.42
N VAL D 89 -2.35 32.74 -39.34
CA VAL D 89 -3.37 32.52 -38.29
C VAL D 89 -4.36 31.42 -38.66
N ALA D 90 -4.48 30.42 -37.79
CA ALA D 90 -5.46 29.34 -37.96
C ALA D 90 -6.79 29.81 -37.39
N TRP D 91 -7.84 29.67 -38.20
CA TRP D 91 -9.19 30.12 -37.84
C TRP D 91 -10.15 28.96 -37.57
N VAL D 92 -10.74 28.96 -36.37
CA VAL D 92 -11.84 28.08 -36.04
C VAL D 92 -13.10 28.72 -36.60
N THR D 93 -13.87 27.98 -37.39
CA THR D 93 -15.06 28.58 -38.01
C THR D 93 -16.36 27.90 -37.65
N HIS D 94 -16.27 26.69 -37.12
CA HIS D 94 -17.45 25.83 -36.96
C HIS D 94 -17.33 25.04 -35.67
N TYR D 95 -18.48 24.78 -35.02
CA TYR D 95 -18.54 23.75 -33.95
C TYR D 95 -19.51 22.71 -34.44
N GLY D 96 -19.04 21.47 -34.63
CA GLY D 96 -19.75 20.48 -35.44
C GLY D 96 -20.02 21.02 -36.84
N ASP D 97 -21.26 20.87 -37.29
CA ASP D 97 -21.68 21.47 -38.59
C ASP D 97 -22.08 22.95 -38.49
N SER D 98 -22.14 23.52 -37.28
CA SER D 98 -22.64 24.89 -37.11
C SER D 98 -21.58 25.97 -37.27
N PRO D 99 -21.83 26.97 -38.14
CA PRO D 99 -20.93 28.09 -38.29
C PRO D 99 -20.91 28.84 -37.00
N LEU D 100 -19.72 29.19 -36.49
CA LEU D 100 -19.65 30.15 -35.39
C LEU D 100 -20.16 31.51 -35.90
N PRO D 101 -20.85 32.26 -35.04
CA PRO D 101 -21.24 33.65 -35.45
C PRO D 101 -20.04 34.48 -35.88
N GLU D 102 -18.91 34.35 -35.19
CA GLU D 102 -17.66 34.94 -35.68
C GLU D 102 -16.51 33.91 -35.60
N LYS D 103 -15.71 33.84 -36.66
CA LYS D 103 -14.57 32.97 -36.59
C LYS D 103 -13.67 33.41 -35.40
N ILE D 104 -12.94 32.45 -34.86
CA ILE D 104 -12.12 32.68 -33.66
C ILE D 104 -10.73 32.15 -33.99
N ALA D 105 -9.72 32.91 -33.61
CA ALA D 105 -8.34 32.54 -33.95
C ALA D 105 -7.69 31.71 -32.83
N ILE D 106 -6.86 30.78 -33.25
CA ILE D 106 -5.98 30.07 -32.36
C ILE D 106 -4.74 30.93 -32.16
N ARG D 107 -4.33 31.10 -30.91
CA ARG D 107 -3.18 31.94 -30.59
C ARG D 107 -1.82 31.60 -31.22
N PRO D 108 -1.26 32.56 -31.96
CA PRO D 108 0.11 32.44 -32.45
C PRO D 108 1.14 33.02 -31.49
N THR D 109 0.63 33.68 -30.46
CA THR D 109 1.40 34.41 -29.44
C THR D 109 0.29 35.11 -28.66
N SER D 110 0.54 35.47 -27.41
CA SER D 110 -0.59 35.82 -26.53
C SER D 110 -0.72 37.29 -26.12
N GLU D 111 0.03 38.19 -26.79
CA GLU D 111 -0.11 39.63 -26.48
C GLU D 111 -1.57 40.11 -26.42
N THR D 112 -2.36 39.70 -27.42
CA THR D 112 -3.72 40.24 -27.59
C THR D 112 -4.67 39.58 -26.62
N ILE D 113 -4.17 38.52 -25.98
CA ILE D 113 -4.94 37.74 -25.01
C ILE D 113 -4.56 38.23 -23.60
N MET D 114 -3.28 38.44 -23.35
CA MET D 114 -2.82 38.83 -22.03
C MET D 114 -2.97 40.34 -21.76
N TYR D 115 -2.65 41.16 -22.77
CA TYR D 115 -2.51 42.58 -22.46
C TYR D 115 -3.81 43.27 -21.99
N PRO D 116 -5.01 42.97 -22.58
CA PRO D 116 -6.25 43.52 -21.95
C PRO D 116 -6.38 43.18 -20.45
N ALA D 117 -5.97 41.97 -20.06
CA ALA D 117 -6.00 41.60 -18.64
C ALA D 117 -5.00 42.46 -17.82
N TYR D 118 -3.82 42.71 -18.40
CA TYR D 118 -2.79 43.54 -17.75
C TYR D 118 -3.34 44.96 -17.53
N ALA D 119 -4.05 45.48 -18.53
CA ALA D 119 -4.64 46.84 -18.42
C ALA D 119 -5.62 46.89 -17.24
N LYS D 120 -6.34 45.79 -17.01
CA LYS D 120 -7.30 45.71 -15.88
C LYS D 120 -6.60 45.54 -14.55
N TRP D 121 -5.58 44.70 -14.52
CA TRP D 121 -4.88 44.37 -13.28
C TRP D 121 -3.99 45.47 -12.73
N ILE D 122 -3.44 46.29 -13.62
CA ILE D 122 -2.49 47.29 -13.17
C ILE D 122 -3.18 48.66 -13.02
N ARG D 123 -3.19 49.18 -11.79
CA ARG D 123 -3.77 50.52 -11.49
C ARG D 123 -2.78 51.49 -10.82
N SER D 124 -1.86 50.98 -9.99
CA SER D 124 -0.87 51.84 -9.37
C SER D 124 0.47 51.14 -9.29
N HIS D 125 1.49 51.93 -8.90
CA HIS D 125 2.86 51.45 -8.73
C HIS D 125 2.99 50.23 -7.83
N ARG D 126 2.04 50.03 -6.93
CA ARG D 126 2.12 48.94 -5.99
C ARG D 126 1.72 47.60 -6.64
N ASP D 127 1.11 47.70 -7.82
CA ASP D 127 0.82 46.53 -8.65
C ASP D 127 2.04 46.12 -9.48
N LEU D 128 3.12 46.91 -9.45
CA LEU D 128 4.31 46.60 -10.26
C LEU D 128 5.46 46.10 -9.38
N PRO D 129 6.38 45.25 -9.92
CA PRO D 129 6.32 44.73 -11.31
C PRO D 129 5.32 43.58 -11.42
N LEU D 130 4.70 43.40 -12.58
CA LEU D 130 3.80 42.26 -12.84
C LEU D 130 4.61 41.26 -13.71
N LYS D 131 4.86 40.05 -13.19
CA LYS D 131 5.74 39.11 -13.90
C LYS D 131 5.07 37.75 -14.11
N LEU D 132 4.67 37.48 -15.35
CA LEU D 132 3.90 36.27 -15.67
C LEU D 132 4.54 35.46 -16.78
N ASN D 133 4.33 34.15 -16.73
CA ASN D 133 4.83 33.25 -17.76
C ASN D 133 3.75 32.23 -18.05
N GLN D 134 3.77 31.64 -19.25
CA GLN D 134 3.01 30.38 -19.44
C GLN D 134 3.76 29.42 -20.36
N TRP D 135 3.62 28.15 -20.07
CA TRP D 135 4.08 27.04 -20.87
C TRP D 135 2.87 26.59 -21.66
N CYS D 136 2.95 26.55 -22.99
CA CYS D 136 1.76 26.13 -23.73
C CYS D 136 2.17 25.84 -25.14
N SER D 137 1.21 25.56 -26.00
CA SER D 137 1.55 25.46 -27.41
C SER D 137 0.94 26.61 -28.16
N VAL D 138 1.52 26.85 -29.31
CA VAL D 138 1.16 27.98 -30.09
C VAL D 138 1.07 27.46 -31.53
N VAL D 139 0.17 28.03 -32.30
CA VAL D 139 0.00 27.64 -33.72
C VAL D 139 0.25 28.76 -34.71
N ARG D 140 1.17 28.53 -35.64
CA ARG D 140 1.37 29.44 -36.76
C ARG D 140 1.38 28.58 -38.03
N TRP D 141 0.57 28.94 -39.02
CA TRP D 141 0.45 28.09 -40.20
C TRP D 141 1.61 28.44 -41.11
N GLU D 142 2.82 27.98 -40.77
CA GLU D 142 3.99 28.53 -41.40
C GLU D 142 3.90 28.30 -42.91
N PHE D 143 4.25 29.33 -43.68
CA PHE D 143 4.46 29.15 -45.12
C PHE D 143 5.93 28.88 -45.39
N LYS D 144 6.82 29.28 -44.49
CA LYS D 144 8.25 28.92 -44.60
C LYS D 144 8.39 27.39 -44.46
N GLN D 145 9.49 26.84 -44.94
CA GLN D 145 9.78 25.41 -44.85
C GLN D 145 9.66 24.91 -43.40
N PRO D 146 8.75 23.95 -43.12
CA PRO D 146 8.74 23.37 -41.76
C PRO D 146 9.82 22.33 -41.60
N THR D 147 10.34 22.20 -40.39
CA THR D 147 11.36 21.22 -40.06
C THR D 147 11.07 20.71 -38.66
N PRO D 148 11.09 19.38 -38.45
CA PRO D 148 10.95 18.91 -37.07
C PRO D 148 11.79 19.73 -36.06
N PHE D 149 11.12 20.09 -34.96
CA PHE D 149 11.68 20.96 -33.91
C PHE D 149 11.87 22.40 -34.35
N LEU D 150 12.61 22.61 -35.42
CA LEU D 150 13.12 23.95 -35.71
C LEU D 150 12.10 24.93 -36.16
N ARG D 151 11.11 24.45 -36.94
CA ARG D 151 10.07 25.32 -37.42
C ARG D 151 8.84 24.46 -37.65
N THR D 152 7.90 24.48 -36.70
CA THR D 152 6.75 23.61 -36.79
C THR D 152 5.50 24.45 -36.68
N ARG D 153 4.40 23.94 -37.23
CA ARG D 153 3.19 24.71 -37.30
C ARG D 153 2.43 24.75 -35.98
N GLU D 154 2.62 23.74 -35.15
CA GLU D 154 2.33 23.83 -33.73
C GLU D 154 3.63 23.58 -33.00
N PHE D 155 3.97 24.45 -32.05
CA PHE D 155 5.18 24.21 -31.25
C PHE D 155 4.88 24.47 -29.79
N LEU D 156 5.64 23.84 -28.91
CA LEU D 156 5.57 24.06 -27.50
C LEU D 156 6.54 25.19 -27.17
N TRP D 157 6.17 26.06 -26.24
CA TRP D 157 7.10 27.08 -25.79
C TRP D 157 6.74 27.52 -24.40
N GLN D 158 7.53 28.45 -23.85
CA GLN D 158 7.02 29.31 -22.78
C GLN D 158 7.05 30.69 -23.38
N GLU D 159 6.13 31.56 -22.97
CA GLU D 159 6.20 33.00 -23.29
C GLU D 159 6.08 33.73 -21.97
N GLY D 160 7.11 34.52 -21.66
CA GLY D 160 7.14 35.40 -20.46
C GLY D 160 6.70 36.80 -20.87
N HIS D 161 5.83 37.42 -20.06
CA HIS D 161 5.37 38.79 -20.29
C HIS D 161 5.40 39.61 -18.96
N THR D 162 6.21 40.65 -18.90
CA THR D 162 6.28 41.45 -17.68
C THR D 162 6.02 42.96 -17.89
N ALA D 163 5.67 43.64 -16.81
CA ALA D 163 5.37 45.07 -16.82
C ALA D 163 6.08 45.71 -15.66
N HIS D 164 6.76 46.84 -15.91
CA HIS D 164 7.59 47.50 -14.90
C HIS D 164 7.31 49.00 -14.77
N ALA D 165 7.61 49.57 -13.60
CA ALA D 165 7.45 51.05 -13.41
C ALA D 165 8.49 51.86 -14.19
N THR D 166 9.62 51.25 -14.54
CA THR D 166 10.68 51.94 -15.26
C THR D 166 11.38 51.09 -16.31
N GLU D 167 11.92 51.76 -17.32
CA GLU D 167 12.73 51.11 -18.33
C GLU D 167 13.93 50.34 -17.79
N GLU D 168 14.64 50.94 -16.84
CA GLU D 168 15.84 50.34 -16.25
C GLU D 168 15.54 48.98 -15.64
N GLU D 169 14.45 48.87 -14.85
CA GLU D 169 14.04 47.57 -14.25
C GLU D 169 13.70 46.50 -15.34
N ALA D 170 13.00 46.94 -16.37
CA ALA D 170 12.58 46.06 -17.46
C ALA D 170 13.82 45.54 -18.19
N TRP D 171 14.75 46.45 -18.46
CA TRP D 171 15.98 46.12 -19.16
C TRP D 171 16.77 45.11 -18.36
N GLU D 172 16.89 45.34 -17.06
CA GLU D 172 17.52 44.38 -16.16
CA GLU D 172 17.56 44.37 -16.22
C GLU D 172 16.89 42.99 -16.35
N LEU D 173 15.56 42.93 -16.36
CA LEU D 173 14.87 41.61 -16.52
C LEU D 173 15.11 41.00 -17.92
N VAL D 174 15.06 41.82 -18.99
CA VAL D 174 15.34 41.36 -20.35
C VAL D 174 16.64 40.61 -20.36
N LEU D 175 17.64 41.18 -19.66
CA LEU D 175 18.96 40.58 -19.61
C LEU D 175 19.10 39.37 -18.69
N ASP D 176 18.43 39.35 -17.53
CA ASP D 176 18.45 38.16 -16.68
C ASP D 176 17.82 36.96 -17.45
N ILE D 177 16.74 37.23 -18.19
CA ILE D 177 16.05 36.18 -18.95
C ILE D 177 17.02 35.65 -20.01
N LEU D 178 17.65 36.56 -20.75
CA LEU D 178 18.59 36.18 -21.80
C LEU D 178 19.73 35.36 -21.24
N GLU D 179 20.21 35.74 -20.06
CA GLU D 179 21.23 34.93 -19.38
C GLU D 179 20.68 33.53 -19.05
N LEU D 180 19.42 33.42 -18.62
CA LEU D 180 18.79 32.10 -18.43
C LEU D 180 18.72 31.25 -19.72
N TYR D 181 18.50 31.90 -20.87
CA TYR D 181 18.47 31.19 -22.12
C TYR D 181 19.85 30.69 -22.51
N ARG D 182 20.89 31.51 -22.26
CA ARG D 182 22.29 31.06 -22.48
C ARG D 182 22.49 29.76 -21.69
N ARG D 183 22.06 29.77 -20.44
CA ARG D 183 22.21 28.61 -19.56
C ARG D 183 21.38 27.40 -20.09
N TRP D 184 20.09 27.59 -20.39
CA TRP D 184 19.25 26.54 -21.05
C TRP D 184 20.08 25.83 -22.15
N TYR D 185 20.57 26.60 -23.10
CA TYR D 185 21.39 26.01 -24.11
C TYR D 185 22.76 25.45 -23.64
N GLU D 186 23.58 26.31 -23.00
CA GLU D 186 24.96 25.95 -22.67
C GLU D 186 25.06 24.94 -21.52
N GLU D 187 24.24 25.09 -20.48
CA GLU D 187 24.34 24.20 -19.33
C GLU D 187 23.52 22.92 -19.45
N CYS D 188 22.31 22.99 -20.00
CA CYS D 188 21.51 21.76 -20.11
C CYS D 188 21.86 21.01 -21.43
N LEU D 189 21.83 21.74 -22.53
CA LEU D 189 21.99 21.18 -23.88
C LEU D 189 23.44 21.15 -24.42
N ALA D 190 24.40 21.71 -23.68
CA ALA D 190 25.80 21.82 -24.16
C ALA D 190 25.91 22.45 -25.52
N VAL D 191 25.04 23.43 -25.80
CA VAL D 191 25.13 24.16 -27.06
C VAL D 191 25.58 25.62 -26.81
N PRO D 192 26.70 26.04 -27.47
CA PRO D 192 27.21 27.40 -27.36
C PRO D 192 26.32 28.32 -28.14
N VAL D 193 26.08 29.48 -27.56
CA VAL D 193 25.27 30.52 -28.19
C VAL D 193 25.94 31.90 -28.04
N ILE D 194 25.61 32.84 -28.91
CA ILE D 194 26.15 34.18 -28.82
C ILE D 194 25.02 35.17 -28.46
N LYS D 195 25.17 35.87 -27.35
CA LYS D 195 24.28 36.97 -26.95
C LYS D 195 24.48 38.16 -27.85
N GLY D 196 23.38 38.80 -28.23
CA GLY D 196 23.45 39.92 -29.15
C GLY D 196 22.14 40.66 -29.17
N GLU D 197 22.10 41.71 -29.97
CA GLU D 197 20.94 42.55 -30.08
C GLU D 197 20.63 42.44 -31.57
N LYS D 198 19.34 42.33 -31.92
CA LYS D 198 18.92 42.25 -33.33
C LYS D 198 19.00 43.65 -33.90
N SER D 199 19.23 43.71 -35.20
CA SER D 199 19.21 44.95 -35.96
C SER D 199 17.78 45.45 -35.98
N GLU D 200 17.58 46.68 -36.47
CA GLU D 200 16.24 47.28 -36.56
C GLU D 200 15.36 46.49 -37.53
N GLY D 201 15.96 45.87 -38.54
CA GLY D 201 15.24 45.03 -39.49
C GLY D 201 14.76 43.67 -38.93
N GLU D 202 15.48 43.13 -37.95
CA GLU D 202 15.23 41.75 -37.48
C GLU D 202 14.48 41.67 -36.16
N LYS D 203 14.37 42.82 -35.49
CA LYS D 203 13.81 42.91 -34.16
C LYS D 203 12.29 42.79 -34.19
N PHE D 204 11.69 42.51 -33.05
CA PHE D 204 10.25 42.43 -32.96
C PHE D 204 9.77 43.85 -33.20
N ALA D 205 8.94 44.03 -34.22
CA ALA D 205 8.52 45.37 -34.62
C ALA D 205 7.62 45.98 -33.57
N GLY D 206 7.02 45.14 -32.74
CA GLY D 206 6.19 45.66 -31.65
C GLY D 206 6.96 46.22 -30.45
N GLY D 207 8.29 46.10 -30.45
CA GLY D 207 9.05 46.49 -29.25
C GLY D 207 10.13 47.52 -29.53
N LYS D 208 10.94 47.84 -28.53
CA LYS D 208 11.99 48.84 -28.67
C LYS D 208 13.35 48.19 -29.04
N LYS D 209 13.72 47.15 -28.31
CA LYS D 209 14.97 46.45 -28.57
C LYS D 209 14.80 44.93 -28.33
N THR D 210 15.27 44.13 -29.29
CA THR D 210 15.25 42.69 -29.18
C THR D 210 16.65 42.15 -28.94
N THR D 211 16.83 41.46 -27.82
CA THR D 211 18.07 40.74 -27.58
C THR D 211 17.86 39.28 -27.94
N THR D 212 18.93 38.59 -28.29
CA THR D 212 18.81 37.26 -28.86
C THR D 212 19.98 36.43 -28.43
N VAL D 213 19.81 35.09 -28.47
CA VAL D 213 20.92 34.15 -28.42
C VAL D 213 20.91 33.39 -29.76
N GLU D 214 22.07 33.38 -30.43
CA GLU D 214 22.19 32.79 -31.75
C GLU D 214 23.13 31.61 -31.69
N ALA D 215 22.75 30.54 -32.39
CA ALA D 215 23.60 29.36 -32.49
C ALA D 215 23.99 29.17 -33.94
N PHE D 216 24.88 28.23 -34.22
CA PHE D 216 25.39 28.05 -35.59
C PHE D 216 25.37 26.57 -35.95
N ILE D 217 24.88 26.23 -37.13
CA ILE D 217 24.94 24.84 -37.59
C ILE D 217 26.03 24.63 -38.67
N PRO D 218 27.22 24.12 -38.28
CA PRO D 218 28.36 23.89 -39.21
C PRO D 218 28.02 23.18 -40.53
N GLU D 219 27.21 22.12 -40.49
CA GLU D 219 26.97 21.28 -41.68
C GLU D 219 26.22 21.95 -42.83
N ASN D 220 25.57 23.09 -42.58
CA ASN D 220 24.98 23.87 -43.64
C ASN D 220 25.31 25.36 -43.55
N GLY D 221 26.19 25.71 -42.60
CA GLY D 221 26.64 27.08 -42.44
C GLY D 221 25.56 28.07 -42.03
N ARG D 222 24.45 27.60 -41.45
CA ARG D 222 23.38 28.54 -41.09
C ARG D 222 23.42 28.93 -39.63
N GLY D 223 23.22 30.22 -39.38
CA GLY D 223 23.00 30.70 -38.00
C GLY D 223 21.54 30.43 -37.69
N ILE D 224 21.19 30.36 -36.41
CA ILE D 224 19.79 30.12 -36.05
C ILE D 224 19.47 30.81 -34.73
N GLN D 225 18.34 31.52 -34.72
CA GLN D 225 17.90 32.13 -33.49
C GLN D 225 17.41 31.10 -32.44
N ALA D 226 18.12 31.03 -31.35
CA ALA D 226 17.88 30.04 -30.33
C ALA D 226 16.81 30.46 -29.32
N ALA D 227 16.66 31.76 -29.09
CA ALA D 227 15.62 32.26 -28.15
C ALA D 227 15.68 33.77 -28.28
N THR D 228 14.78 34.47 -27.59
CA THR D 228 14.61 35.88 -27.81
C THR D 228 14.06 36.57 -26.54
N SER D 229 14.55 37.78 -26.24
CA SER D 229 14.14 38.53 -25.04
C SER D 229 14.00 40.00 -25.46
N HIS D 230 12.78 40.55 -25.39
CA HIS D 230 12.50 41.89 -25.92
C HIS D 230 12.33 42.94 -24.84
N LEU D 231 12.96 44.12 -25.02
CA LEU D 231 12.54 45.32 -24.26
C LEU D 231 11.46 45.95 -25.09
N LEU D 232 10.24 45.98 -24.58
CA LEU D 232 9.12 46.42 -25.43
C LEU D 232 8.88 47.92 -25.33
N GLY D 233 9.41 48.55 -24.29
CA GLY D 233 9.17 49.97 -24.05
C GLY D 233 7.73 50.13 -23.59
N THR D 234 7.11 51.20 -24.06
CA THR D 234 5.77 51.56 -23.63
C THR D 234 4.78 51.51 -24.75
N ASN D 235 5.20 51.11 -25.95
CA ASN D 235 4.18 51.09 -27.02
C ASN D 235 3.00 50.14 -26.81
N PHE D 236 3.22 48.94 -26.29
CA PHE D 236 2.08 48.06 -26.03
C PHE D 236 1.23 48.65 -24.90
N ALA D 237 1.86 49.32 -23.94
CA ALA D 237 1.14 49.97 -22.85
C ALA D 237 0.23 51.04 -23.43
N LYS D 238 0.72 51.79 -24.41
CA LYS D 238 -0.06 52.83 -25.07
C LYS D 238 -1.22 52.20 -25.83
N MET D 239 -0.92 51.21 -26.65
CA MET D 239 -1.92 50.46 -27.40
C MET D 239 -3.02 49.85 -26.50
N PHE D 240 -2.62 49.24 -25.38
CA PHE D 240 -3.61 48.55 -24.54
C PHE D 240 -4.05 49.38 -23.34
N GLU D 241 -3.48 50.58 -23.22
CA GLU D 241 -3.76 51.48 -22.10
C GLU D 241 -3.43 50.80 -20.78
N ILE D 242 -2.19 50.38 -20.65
CA ILE D 242 -1.74 49.71 -19.43
C ILE D 242 -0.97 50.79 -18.70
N GLU D 243 -1.65 51.40 -17.73
CA GLU D 243 -1.20 52.65 -17.07
C GLU D 243 -1.29 52.48 -15.58
N PHE D 244 -0.40 53.13 -14.85
CA PHE D 244 -0.49 53.10 -13.40
C PHE D 244 -0.39 54.51 -12.86
N GLU D 245 -0.95 54.73 -11.67
CA GLU D 245 -0.62 55.94 -10.93
C GLU D 245 0.67 55.76 -10.15
N ASP D 246 1.61 56.68 -10.33
CA ASP D 246 2.87 56.59 -9.60
C ASP D 246 2.68 57.11 -8.17
N GLU D 247 3.76 57.12 -7.37
CA GLU D 247 3.66 57.48 -5.94
C GLU D 247 3.18 58.93 -5.69
N GLU D 248 3.20 59.75 -6.73
CA GLU D 248 2.79 61.15 -6.64
C GLU D 248 1.43 61.41 -7.28
N GLY D 249 0.78 60.37 -7.81
CA GLY D 249 -0.59 60.50 -8.34
C GLY D 249 -0.66 60.71 -9.84
N HIS D 250 0.48 60.72 -10.51
CA HIS D 250 0.52 60.90 -11.98
C HIS D 250 0.34 59.57 -12.73
N LYS D 251 -0.42 59.60 -13.80
CA LYS D 251 -0.62 58.45 -14.69
C LYS D 251 0.61 58.20 -15.56
N ARG D 252 1.14 56.98 -15.53
CA ARG D 252 2.28 56.60 -16.36
C ARG D 252 2.09 55.28 -17.13
N LEU D 253 2.75 55.17 -18.26
CA LEU D 253 2.80 53.91 -19.01
C LEU D 253 3.78 52.93 -18.35
N VAL D 254 3.36 51.66 -18.27
CA VAL D 254 4.27 50.57 -17.82
C VAL D 254 5.33 50.35 -18.88
N HIS D 255 6.48 49.85 -18.46
CA HIS D 255 7.54 49.47 -19.40
C HIS D 255 7.56 47.93 -19.49
N GLN D 256 7.33 47.41 -20.69
CA GLN D 256 7.13 45.95 -20.83
C GLN D 256 8.29 45.15 -21.42
N THR D 257 8.18 43.84 -21.22
CA THR D 257 9.16 42.84 -21.58
C THR D 257 8.31 41.66 -22.10
N SER D 258 8.82 40.96 -23.10
CA SER D 258 8.36 39.62 -23.38
C SER D 258 9.54 38.77 -23.86
N TRP D 259 9.38 37.45 -23.77
CA TRP D 259 10.47 36.55 -24.04
C TRP D 259 9.96 35.12 -24.28
N GLY D 260 10.63 34.43 -25.17
CA GLY D 260 10.17 33.08 -25.52
C GLY D 260 11.30 32.19 -26.01
N CYS D 261 11.14 30.90 -25.77
CA CYS D 261 12.02 29.87 -26.27
C CYS D 261 11.21 28.59 -26.49
N THR D 262 11.53 27.85 -27.55
CA THR D 262 10.63 26.76 -27.98
C THR D 262 11.34 25.40 -28.07
N THR D 263 10.57 24.40 -28.50
CA THR D 263 11.09 23.10 -28.83
C THR D 263 12.07 23.12 -29.96
N ARG D 264 12.21 24.26 -30.64
CA ARG D 264 13.37 24.44 -31.53
C ARG D 264 14.70 24.07 -30.85
N SER D 265 14.80 24.31 -29.54
CA SER D 265 16.03 24.08 -28.79
C SER D 265 16.51 22.61 -28.88
N LEU D 266 15.57 21.68 -29.00
CA LEU D 266 15.89 20.25 -29.03
C LEU D 266 16.53 19.96 -30.38
N GLY D 267 16.04 20.60 -31.44
CA GLY D 267 16.62 20.44 -32.79
C GLY D 267 18.03 21.00 -32.89
N VAL D 268 18.26 22.14 -32.25
CA VAL D 268 19.60 22.71 -32.17
C VAL D 268 20.52 21.76 -31.40
N MET D 269 20.07 21.17 -30.30
CA MET D 269 20.89 20.19 -29.56
C MET D 269 21.26 18.95 -30.43
N ILE D 270 20.24 18.37 -31.08
CA ILE D 270 20.40 17.20 -31.96
C ILE D 270 21.45 17.47 -33.02
N MET D 271 21.27 18.58 -33.72
CA MET D 271 22.15 18.95 -34.81
C MET D 271 23.57 19.22 -34.35
N THR D 272 23.69 19.87 -33.19
CA THR D 272 24.98 20.23 -32.63
C THR D 272 25.83 19.00 -32.32
N HIS D 273 25.28 18.02 -31.60
CA HIS D 273 26.08 16.88 -31.13
C HIS D 273 26.09 15.58 -31.93
N GLY D 274 25.16 15.40 -32.86
CA GLY D 274 25.03 14.12 -33.54
C GLY D 274 26.26 13.82 -34.40
N ASP D 275 26.44 12.54 -34.74
CA ASP D 275 27.50 12.14 -35.66
C ASP D 275 26.90 11.10 -36.62
N ASP D 276 27.76 10.44 -37.41
CA ASP D 276 27.33 9.50 -38.46
C ASP D 276 26.58 8.32 -37.89
N LYS D 277 26.81 8.02 -36.62
CA LYS D 277 26.11 6.93 -35.98
C LYS D 277 24.72 7.33 -35.48
N GLY D 278 24.42 8.63 -35.48
CA GLY D 278 23.14 9.05 -34.91
C GLY D 278 23.26 10.13 -33.85
N LEU D 279 22.33 10.09 -32.91
CA LEU D 279 22.27 11.15 -31.92
C LEU D 279 23.31 10.92 -30.85
N VAL D 280 23.71 12.01 -30.22
CA VAL D 280 24.43 11.97 -28.96
C VAL D 280 23.73 12.97 -28.02
N ILE D 281 23.25 12.48 -26.89
CA ILE D 281 22.41 13.30 -26.00
C ILE D 281 23.25 13.66 -24.74
N PRO D 282 23.40 14.97 -24.44
CA PRO D 282 24.10 15.38 -23.21
C PRO D 282 23.46 14.72 -21.99
N PRO D 283 24.27 14.14 -21.10
CA PRO D 283 23.77 13.43 -19.90
C PRO D 283 22.78 14.22 -19.00
N ARG D 284 22.93 15.54 -18.94
CA ARG D 284 22.05 16.34 -18.10
C ARG D 284 20.60 16.32 -18.53
N VAL D 285 20.35 16.07 -19.83
CA VAL D 285 18.96 16.01 -20.31
C VAL D 285 18.50 14.62 -20.82
N ALA D 286 19.40 13.64 -20.90
CA ALA D 286 19.04 12.31 -21.47
C ALA D 286 17.96 11.61 -20.65
N SER D 287 16.88 11.10 -21.25
CA SER D 287 15.96 10.31 -20.39
C SER D 287 16.65 9.05 -19.84
N VAL D 288 17.53 8.43 -20.60
CA VAL D 288 18.37 7.37 -20.04
C VAL D 288 19.82 7.81 -20.13
N GLN D 289 20.54 7.80 -19.01
CA GLN D 289 21.94 8.21 -18.97
C GLN D 289 22.82 6.98 -19.18
N VAL D 290 22.42 5.88 -18.56
CA VAL D 290 23.21 4.63 -18.66
C VAL D 290 22.28 3.49 -19.08
N VAL D 291 22.56 2.89 -20.25
CA VAL D 291 21.87 1.65 -20.60
C VAL D 291 22.71 0.44 -20.20
N ILE D 292 22.08 -0.50 -19.52
CA ILE D 292 22.74 -1.73 -19.15
C ILE D 292 22.29 -2.77 -20.17
N ILE D 293 23.26 -3.35 -20.88
CA ILE D 293 23.01 -4.39 -21.88
C ILE D 293 23.63 -5.72 -21.48
N PRO D 294 22.78 -6.67 -21.04
CA PRO D 294 23.26 -8.02 -20.74
C PRO D 294 23.76 -8.69 -22.03
N ILE D 295 24.93 -9.33 -21.96
CA ILE D 295 25.42 -10.08 -23.12
C ILE D 295 24.85 -11.49 -23.03
N LEU D 296 23.75 -11.72 -23.72
CA LEU D 296 23.16 -13.07 -23.81
C LEU D 296 22.53 -13.34 -25.19
N PHE D 297 22.55 -14.61 -25.59
CA PHE D 297 22.10 -15.07 -26.91
C PHE D 297 21.06 -16.19 -26.79
N GLY D 303 19.34 -17.68 -14.87
CA GLY D 303 19.24 -16.23 -15.13
C GLY D 303 20.14 -15.36 -14.25
N GLU D 304 21.42 -15.75 -14.16
CA GLU D 304 22.42 -15.11 -13.28
C GLU D 304 22.73 -13.66 -13.69
N ILE D 305 22.50 -13.33 -14.96
CA ILE D 305 23.01 -12.06 -15.50
C ILE D 305 22.05 -10.89 -15.29
N LEU D 306 20.78 -11.09 -15.67
CA LEU D 306 19.71 -10.14 -15.45
C LEU D 306 19.62 -9.77 -13.98
N GLY D 307 19.83 -10.76 -13.12
CA GLY D 307 19.91 -10.58 -11.68
C GLY D 307 20.95 -9.55 -11.27
N LYS D 308 22.19 -9.73 -11.70
CA LYS D 308 23.25 -8.75 -11.43
C LYS D 308 22.95 -7.39 -12.08
N CYS D 309 22.33 -7.41 -13.26
CA CYS D 309 21.95 -6.18 -13.94
C CYS D 309 20.93 -5.36 -13.12
N ARG D 310 19.97 -6.06 -12.48
CA ARG D 310 19.01 -5.44 -11.53
C ARG D 310 19.70 -4.81 -10.33
N GLU D 311 20.60 -5.56 -9.71
CA GLU D 311 21.35 -5.02 -8.57
C GLU D 311 22.15 -3.78 -8.95
N LEU D 312 22.73 -3.77 -10.16
CA LEU D 312 23.53 -2.65 -10.60
C LEU D 312 22.66 -1.44 -10.86
N LYS D 313 21.49 -1.67 -11.43
CA LYS D 313 20.51 -0.62 -11.69
C LYS D 313 20.09 0.02 -10.37
N THR D 314 19.74 -0.84 -9.39
CA THR D 314 19.27 -0.41 -8.06
C THR D 314 20.34 0.43 -7.40
N MET D 315 21.55 -0.09 -7.37
CA MET D 315 22.70 0.64 -6.87
C MET D 315 22.93 1.97 -7.59
N LEU D 316 22.75 1.99 -8.91
CA LEU D 316 23.05 3.22 -9.67
C LEU D 316 22.00 4.30 -9.44
N GLU D 317 20.75 3.87 -9.27
CA GLU D 317 19.66 4.82 -9.09
C GLU D 317 19.73 5.61 -7.76
N LYS D 318 20.60 5.14 -6.86
CA LYS D 318 20.89 5.83 -5.61
C LYS D 318 21.82 7.00 -5.86
N ALA D 319 22.55 6.96 -6.97
CA ALA D 319 23.38 8.11 -7.36
C ALA D 319 22.60 9.07 -8.24
N ASP D 320 21.29 8.84 -8.33
CA ASP D 320 20.39 9.64 -9.17
C ASP D 320 20.65 9.48 -10.67
N ILE D 321 21.32 8.39 -11.05
CA ILE D 321 21.59 8.05 -12.45
C ILE D 321 20.34 7.44 -13.04
N ARG D 322 19.95 7.91 -14.23
CA ARG D 322 18.82 7.32 -14.94
C ARG D 322 19.23 6.09 -15.80
N VAL D 323 18.71 4.94 -15.41
CA VAL D 323 19.14 3.62 -15.94
C VAL D 323 17.99 2.83 -16.59
N ARG D 324 18.26 2.22 -17.74
CA ARG D 324 17.34 1.25 -18.32
C ARG D 324 18.13 -0.03 -18.61
N ILE D 325 17.61 -1.18 -18.18
CA ILE D 325 18.19 -2.46 -18.62
C ILE D 325 17.44 -2.86 -19.84
N ASP D 326 18.14 -3.02 -20.96
CA ASP D 326 17.45 -3.51 -22.16
C ASP D 326 17.50 -5.02 -22.12
N ASP D 327 16.48 -5.62 -21.53
CA ASP D 327 16.41 -7.07 -21.43
C ASP D 327 15.53 -7.71 -22.52
N ARG D 328 15.21 -6.96 -23.57
CA ARG D 328 14.35 -7.51 -24.62
C ARG D 328 14.92 -8.79 -25.26
N SER D 329 14.07 -9.82 -25.37
CA SER D 329 14.49 -11.10 -25.93
C SER D 329 14.73 -11.03 -27.46
N ASN D 330 15.49 -12.00 -27.96
CA ASN D 330 15.66 -12.25 -29.39
C ASN D 330 16.26 -11.08 -30.21
N TYR D 331 16.98 -10.19 -29.54
CA TYR D 331 17.90 -9.26 -30.23
C TYR D 331 19.32 -9.64 -29.82
N THR D 332 20.29 -9.44 -30.68
CA THR D 332 21.65 -9.64 -30.23
C THR D 332 22.15 -8.41 -29.42
N PRO D 333 23.21 -8.58 -28.61
CA PRO D 333 23.78 -7.44 -27.89
C PRO D 333 24.30 -6.43 -28.89
N GLY D 334 24.87 -6.93 -29.98
CA GLY D 334 25.31 -6.07 -31.06
C GLY D 334 24.22 -5.18 -31.62
N TRP D 335 23.02 -5.73 -31.76
CA TRP D 335 21.84 -5.01 -32.23
C TRP D 335 21.45 -3.92 -31.19
N LYS D 336 21.36 -4.32 -29.93
CA LYS D 336 21.13 -3.39 -28.83
C LYS D 336 22.16 -2.28 -28.77
N TYR D 337 23.45 -2.62 -28.90
CA TYR D 337 24.50 -1.60 -28.93
C TYR D 337 24.17 -0.54 -29.96
N ASN D 338 23.87 -0.97 -31.19
CA ASN D 338 23.58 -0.01 -32.24
C ASN D 338 22.30 0.79 -31.98
N HIS D 339 21.27 0.12 -31.52
CA HIS D 339 20.02 0.75 -31.17
C HIS D 339 20.25 1.93 -30.21
N TRP D 340 20.94 1.67 -29.09
CA TRP D 340 21.16 2.72 -28.09
C TRP D 340 22.11 3.80 -28.59
N GLU D 341 23.09 3.41 -29.41
CA GLU D 341 23.95 4.40 -30.04
C GLU D 341 23.19 5.36 -30.89
N VAL D 342 22.24 4.87 -31.69
CA VAL D 342 21.42 5.73 -32.54
C VAL D 342 20.57 6.67 -31.65
N LYS D 343 20.08 6.16 -30.54
CA LYS D 343 19.33 7.01 -29.61
C LYS D 343 20.22 8.08 -28.94
N GLY D 344 21.52 7.80 -28.81
CA GLY D 344 22.42 8.75 -28.24
C GLY D 344 22.58 8.68 -26.74
N VAL D 345 22.24 7.54 -26.15
CA VAL D 345 22.49 7.33 -24.72
C VAL D 345 23.98 7.56 -24.45
N PRO D 346 24.32 8.43 -23.46
CA PRO D 346 25.71 8.84 -23.29
C PRO D 346 26.65 7.70 -22.88
N LEU D 347 26.11 6.74 -22.14
CA LEU D 347 26.91 5.66 -21.62
C LEU D 347 26.25 4.28 -21.80
N ARG D 348 27.03 3.30 -22.27
CA ARG D 348 26.53 1.92 -22.37
C ARG D 348 27.32 1.05 -21.40
N LEU D 349 26.63 0.24 -20.61
CA LEU D 349 27.28 -0.67 -19.64
C LEU D 349 27.05 -2.15 -20.01
N GLU D 350 28.13 -2.86 -20.38
CA GLU D 350 28.02 -4.27 -20.81
C GLU D 350 28.29 -5.23 -19.68
N LEU D 351 27.39 -6.20 -19.53
CA LEU D 351 27.57 -7.23 -18.53
C LEU D 351 27.34 -8.62 -19.15
N GLY D 352 28.45 -9.38 -19.28
CA GLY D 352 28.39 -10.73 -19.78
C GLY D 352 28.95 -11.70 -18.75
N PRO D 353 29.02 -13.00 -19.11
CA PRO D 353 29.60 -14.01 -18.22
C PRO D 353 30.96 -13.66 -17.66
N LYS D 354 31.91 -13.33 -18.53
CA LYS D 354 33.28 -12.99 -18.14
C LYS D 354 33.29 -11.83 -17.13
N ASP D 355 32.40 -10.85 -17.34
CA ASP D 355 32.30 -9.70 -16.41
C ASP D 355 31.69 -10.10 -15.09
N LEU D 356 30.61 -10.87 -15.15
CA LEU D 356 29.98 -11.39 -13.92
C LEU D 356 30.98 -12.14 -13.05
N ALA D 357 31.89 -12.85 -13.70
CA ALA D 357 32.95 -13.63 -13.05
C ALA D 357 34.11 -12.77 -12.46
N LYS D 358 34.42 -11.64 -13.08
CA LYS D 358 35.54 -10.76 -12.64
C LYS D 358 35.15 -9.59 -11.70
N GLY D 359 33.85 -9.46 -11.41
CA GLY D 359 33.34 -8.34 -10.59
C GLY D 359 33.42 -6.95 -11.23
N THR D 360 33.39 -6.91 -12.57
CA THR D 360 33.53 -5.66 -13.32
C THR D 360 32.46 -5.53 -14.41
N ALA D 361 32.53 -4.43 -15.14
CA ALA D 361 31.63 -4.13 -16.25
C ALA D 361 32.45 -3.32 -17.24
N ARG D 362 32.14 -3.48 -18.53
CA ARG D 362 32.70 -2.61 -19.56
C ARG D 362 31.73 -1.45 -19.81
N VAL D 363 32.25 -0.23 -19.83
CA VAL D 363 31.40 0.93 -20.01
C VAL D 363 31.90 1.63 -21.23
N VAL D 364 31.02 1.92 -22.18
CA VAL D 364 31.45 2.62 -23.38
C VAL D 364 30.75 3.97 -23.48
N ARG D 365 31.53 5.03 -23.66
CA ARG D 365 30.97 6.35 -23.82
C ARG D 365 30.64 6.63 -25.27
N ARG D 366 29.46 7.21 -25.47
CA ARG D 366 28.90 7.40 -26.80
C ARG D 366 29.62 8.47 -27.62
N ASP D 367 30.10 9.52 -26.97
CA ASP D 367 30.67 10.63 -27.71
C ASP D 367 32.01 10.25 -28.34
N THR D 368 32.86 9.52 -27.62
CA THR D 368 34.19 9.14 -28.21
C THR D 368 34.33 7.67 -28.54
N GLY D 369 33.45 6.83 -27.99
CA GLY D 369 33.59 5.39 -28.15
C GLY D 369 34.59 4.76 -27.19
N GLU D 370 35.22 5.57 -26.33
CA GLU D 370 36.20 5.03 -25.37
C GLU D 370 35.54 4.05 -24.39
N ALA D 371 36.20 2.89 -24.20
CA ALA D 371 35.74 1.82 -23.31
C ALA D 371 36.50 1.80 -21.97
N TYR D 372 35.83 1.46 -20.87
CA TYR D 372 36.48 1.41 -19.56
C TYR D 372 36.10 0.15 -18.80
N GLN D 373 37.09 -0.53 -18.22
CA GLN D 373 36.82 -1.56 -17.21
C GLN D 373 36.66 -0.91 -15.86
N ILE D 374 35.55 -1.18 -15.21
CA ILE D 374 35.25 -0.55 -13.92
C ILE D 374 34.71 -1.61 -12.99
N SER D 375 35.26 -1.68 -11.77
CA SER D 375 34.78 -2.63 -10.78
C SER D 375 33.37 -2.23 -10.35
N TRP D 376 32.55 -3.18 -9.91
CA TRP D 376 31.20 -2.85 -9.50
C TRP D 376 31.13 -1.76 -8.42
N ALA D 377 32.04 -1.80 -7.44
CA ALA D 377 32.03 -0.84 -6.33
C ALA D 377 32.28 0.59 -6.82
N ASP D 378 33.15 0.72 -7.80
CA ASP D 378 33.49 2.00 -8.41
C ASP D 378 32.46 2.51 -9.44
N LEU D 379 31.37 1.78 -9.70
CA LEU D 379 30.52 2.17 -10.84
C LEU D 379 29.86 3.52 -10.62
N ALA D 380 29.16 3.68 -9.49
CA ALA D 380 28.42 4.92 -9.25
C ALA D 380 29.30 6.18 -9.32
N PRO D 381 30.45 6.21 -8.58
CA PRO D 381 31.26 7.43 -8.69
C PRO D 381 31.96 7.62 -10.05
N LYS D 382 32.28 6.54 -10.73
CA LYS D 382 33.00 6.71 -12.00
C LYS D 382 32.05 7.15 -13.15
N LEU D 383 30.84 6.61 -13.17
CA LEU D 383 29.83 7.03 -14.15
C LEU D 383 29.42 8.50 -13.96
N LEU D 384 29.38 9.00 -12.71
CA LEU D 384 29.08 10.42 -12.44
C LEU D 384 30.15 11.34 -12.99
N GLU D 385 31.39 10.95 -12.79
CA GLU D 385 32.56 11.60 -13.35
C GLU D 385 32.55 11.55 -14.88
N LEU D 386 32.28 10.39 -15.46
CA LEU D 386 32.28 10.27 -16.92
C LEU D 386 31.21 11.18 -17.56
N MET D 387 30.02 11.20 -16.96
CA MET D 387 28.93 12.04 -17.45
C MET D 387 29.27 13.52 -17.45
N GLU D 388 29.81 14.03 -16.32
CA GLU D 388 30.29 15.43 -16.27
C GLU D 388 31.32 15.64 -17.34
N GLY D 389 32.16 14.63 -17.57
CA GLY D 389 33.19 14.73 -18.60
C GLY D 389 32.61 14.78 -20.00
N ILE D 390 31.63 13.91 -20.27
CA ILE D 390 30.99 13.87 -21.59
C ILE D 390 30.27 15.21 -21.87
N GLN D 391 29.51 15.68 -20.86
CA GLN D 391 28.79 16.94 -20.90
C GLN D 391 29.72 18.11 -21.23
N ARG D 392 30.81 18.28 -20.49
CA ARG D 392 31.69 19.42 -20.72
C ARG D 392 32.36 19.31 -22.07
N SER D 393 32.81 18.11 -22.41
CA SER D 393 33.43 17.88 -23.71
C SER D 393 32.47 18.11 -24.91
N LEU D 394 31.19 17.71 -24.79
CA LEU D 394 30.24 18.04 -25.89
C LEU D 394 30.23 19.57 -26.11
N PHE D 395 30.14 20.30 -25.00
CA PHE D 395 30.11 21.77 -25.05
C PHE D 395 31.38 22.36 -25.67
N GLU D 396 32.54 22.01 -25.12
CA GLU D 396 33.83 22.57 -25.63
C GLU D 396 34.06 22.30 -27.13
N LYS D 397 33.82 21.08 -27.58
CA LYS D 397 34.04 20.81 -29.01
C LYS D 397 33.11 21.65 -29.84
N ALA D 398 31.90 21.86 -29.33
CA ALA D 398 30.89 22.65 -30.05
C ALA D 398 31.28 24.12 -30.10
N LYS D 399 31.80 24.64 -28.99
CA LYS D 399 32.26 26.02 -28.91
C LYS D 399 33.40 26.25 -29.90
N ALA D 400 34.37 25.34 -29.92
CA ALA D 400 35.48 25.42 -30.86
C ALA D 400 34.98 25.39 -32.30
N ARG D 401 34.01 24.51 -32.63
CA ARG D 401 33.48 24.49 -34.01
C ARG D 401 32.77 25.81 -34.38
N LEU D 402 32.16 26.45 -33.37
CA LEU D 402 31.46 27.72 -33.54
C LEU D 402 32.44 28.81 -33.98
N HIS D 403 33.47 29.04 -33.16
CA HIS D 403 34.51 30.00 -33.48
C HIS D 403 35.27 29.67 -34.77
N GLU D 404 35.37 28.39 -35.09
CA GLU D 404 35.95 27.98 -36.36
C GLU D 404 35.07 28.36 -37.57
N GLY D 405 33.80 28.68 -37.32
CA GLY D 405 32.84 28.96 -38.40
C GLY D 405 32.50 30.43 -38.60
N ILE D 406 33.16 31.31 -37.85
CA ILE D 406 33.01 32.76 -38.03
C ILE D 406 34.33 33.42 -38.51
N GLU D 407 34.29 34.03 -39.70
CA GLU D 407 35.42 34.81 -40.19
C GLU D 407 35.18 36.29 -39.99
N LYS D 408 36.04 36.94 -39.21
CA LYS D 408 36.15 38.39 -39.18
C LYS D 408 36.42 38.88 -40.61
N ILE D 409 35.74 39.93 -41.07
CA ILE D 409 36.00 40.45 -42.41
C ILE D 409 36.10 41.98 -42.47
N SER D 410 36.21 42.54 -43.68
CA SER D 410 36.44 43.99 -43.89
C SER D 410 35.64 44.59 -45.04
N THR D 411 35.44 43.82 -46.11
CA THR D 411 34.84 44.39 -47.31
C THR D 411 33.84 43.43 -47.97
N PHE D 412 32.89 43.98 -48.69
CA PHE D 412 31.80 43.15 -49.21
C PHE D 412 32.20 42.03 -50.18
N ASP D 413 33.39 42.15 -50.76
CA ASP D 413 33.90 41.15 -51.70
C ASP D 413 34.16 39.79 -51.03
N GLU D 414 34.39 39.79 -49.71
CA GLU D 414 34.65 38.56 -48.94
C GLU D 414 33.39 37.78 -48.47
N VAL D 415 32.21 38.27 -48.83
CA VAL D 415 30.96 37.65 -48.40
C VAL D 415 30.74 36.30 -49.08
N MET D 416 30.45 36.29 -50.38
CA MET D 416 30.16 35.04 -51.10
C MET D 416 31.19 33.93 -50.89
N PRO D 417 32.51 34.26 -50.95
CA PRO D 417 33.48 33.19 -50.66
C PRO D 417 33.20 32.48 -49.34
N ALA D 418 33.12 33.24 -48.25
CA ALA D 418 32.84 32.70 -46.91
C ALA D 418 31.50 31.97 -46.88
N LEU D 419 30.47 32.56 -47.47
CA LEU D 419 29.19 31.87 -47.57
C LEU D 419 29.37 30.47 -48.18
N ASN D 420 30.15 30.39 -49.28
CA ASN D 420 30.46 29.13 -49.96
C ASN D 420 31.30 28.16 -49.11
N ARG D 421 32.10 28.70 -48.17
CA ARG D 421 32.76 27.91 -47.14
C ARG D 421 31.81 27.53 -45.96
N LYS D 422 30.51 27.71 -46.16
CA LYS D 422 29.49 27.46 -45.12
C LYS D 422 29.96 28.04 -43.80
N HIS D 423 30.34 29.32 -43.85
CA HIS D 423 30.78 30.04 -42.66
C HIS D 423 29.94 31.30 -42.40
N LEU D 424 30.08 31.85 -41.21
CA LEU D 424 29.42 33.11 -40.84
C LEU D 424 30.45 34.23 -40.91
N VAL D 425 29.98 35.47 -40.88
CA VAL D 425 30.88 36.63 -40.99
C VAL D 425 30.64 37.72 -39.96
N LEU D 426 31.71 38.16 -39.31
CA LEU D 426 31.61 39.26 -38.34
C LEU D 426 32.23 40.53 -38.95
N ALA D 427 31.36 41.44 -39.38
CA ALA D 427 31.76 42.59 -40.18
C ALA D 427 31.42 43.91 -39.49
N PRO D 428 32.28 44.95 -39.64
CA PRO D 428 31.91 46.27 -39.09
C PRO D 428 30.79 46.88 -39.92
N TRP D 429 29.77 47.46 -39.27
CA TRP D 429 28.53 47.83 -39.97
C TRP D 429 27.98 49.20 -39.55
N CYS D 430 27.41 49.93 -40.49
CA CYS D 430 26.83 51.25 -40.16
C CYS D 430 25.46 51.16 -39.43
N GLU D 431 24.86 49.96 -39.48
CA GLU D 431 23.52 49.65 -38.91
C GLU D 431 22.36 50.42 -39.58
N ASP D 432 22.55 50.84 -40.83
CA ASP D 432 21.46 51.45 -41.56
C ASP D 432 20.44 50.37 -42.02
N PRO D 433 19.15 50.54 -41.67
CA PRO D 433 18.12 49.55 -42.08
C PRO D 433 18.07 49.22 -43.58
N GLU D 434 18.11 50.22 -44.46
CA GLU D 434 17.96 49.95 -45.91
C GLU D 434 19.16 49.13 -46.47
N SER D 435 20.33 49.26 -45.85
CA SER D 435 21.50 48.49 -46.30
C SER D 435 21.39 46.97 -46.12
N GLU D 436 20.86 46.53 -44.97
CA GLU D 436 20.59 45.11 -44.71
C GLU D 436 19.62 44.54 -45.77
N GLU D 437 18.57 45.32 -46.09
CA GLU D 437 17.60 44.90 -47.11
C GLU D 437 18.25 44.78 -48.50
N GLN D 438 19.30 45.57 -48.75
CA GLN D 438 20.09 45.48 -49.99
C GLN D 438 20.99 44.25 -50.01
N ILE D 439 21.72 44.03 -48.93
CA ILE D 439 22.57 42.84 -48.82
C ILE D 439 21.78 41.54 -48.95
N LYS D 440 20.67 41.44 -48.24
CA LYS D 440 19.81 40.26 -48.39
C LYS D 440 19.38 40.08 -49.85
N LYS D 441 19.01 41.16 -50.55
CA LYS D 441 18.64 41.10 -51.97
C LYS D 441 19.83 40.72 -52.87
N GLU D 442 20.99 41.33 -52.59
CA GLU D 442 22.23 41.08 -53.36
C GLU D 442 22.75 39.65 -53.25
N THR D 443 22.84 39.12 -52.03
CA THR D 443 23.37 37.77 -51.80
C THR D 443 22.40 36.71 -52.32
N GLN D 444 21.11 37.02 -52.29
CA GLN D 444 20.10 36.13 -52.87
C GLN D 444 20.33 35.96 -54.36
N LYS D 445 20.37 37.07 -55.12
CA LYS D 445 20.70 37.04 -56.55
C LYS D 445 22.04 36.31 -56.82
N LEU D 446 23.09 36.66 -56.06
CA LEU D 446 24.37 35.92 -56.11
C LEU D 446 24.22 34.52 -55.51
N GLY D 463 19.18 30.72 -49.20
CA GLY D 463 19.59 31.67 -50.26
C GLY D 463 20.34 32.91 -49.74
N ALA D 464 19.57 33.91 -49.26
CA ALA D 464 20.12 35.20 -48.82
C ALA D 464 20.89 35.17 -47.50
N MET D 465 21.82 36.09 -47.31
CA MET D 465 22.50 36.31 -46.03
C MET D 465 21.89 37.49 -45.28
N LYS D 466 21.65 37.33 -43.97
CA LYS D 466 21.10 38.44 -43.15
C LYS D 466 21.93 38.70 -41.90
N THR D 467 21.60 39.76 -41.14
CA THR D 467 22.17 39.89 -39.80
C THR D 467 21.62 38.77 -38.92
N LEU D 468 22.45 38.28 -38.01
CA LEU D 468 22.05 37.35 -36.98
C LEU D 468 21.90 38.11 -35.65
N CYS D 469 22.97 38.78 -35.23
CA CYS D 469 22.89 39.71 -34.14
C CYS D 469 24.07 40.68 -34.19
N ILE D 470 23.93 41.76 -33.45
CA ILE D 470 25.00 42.67 -33.12
C ILE D 470 25.47 42.20 -31.74
N PRO D 471 26.64 41.51 -31.66
CA PRO D 471 27.00 40.85 -30.39
C PRO D 471 27.19 41.79 -29.21
N PHE D 472 26.89 41.31 -28.02
CA PHE D 472 27.23 42.01 -26.79
C PHE D 472 28.75 42.14 -26.65
N ASP D 473 29.45 41.06 -26.97
CA ASP D 473 30.92 41.01 -26.94
C ASP D 473 31.49 41.66 -28.21
N GLN D 474 31.80 42.95 -28.10
CA GLN D 474 32.27 43.76 -29.24
C GLN D 474 33.82 43.85 -29.32
N PRO D 475 34.40 43.28 -30.40
CA PRO D 475 35.83 43.43 -30.69
C PRO D 475 36.20 44.91 -30.83
N PRO D 476 37.49 45.27 -30.60
CA PRO D 476 37.93 46.68 -30.76
C PRO D 476 37.57 47.24 -32.13
N MET D 477 36.93 48.41 -32.12
CA MET D 477 36.59 49.11 -33.36
C MET D 477 37.57 50.30 -33.55
N PRO D 478 38.64 50.10 -34.36
CA PRO D 478 39.57 51.21 -34.63
C PRO D 478 38.85 52.35 -35.36
N GLU D 479 38.94 53.56 -34.78
CA GLU D 479 38.32 54.76 -35.35
C GLU D 479 38.58 54.91 -36.86
N GLY D 480 37.55 55.30 -37.59
CA GLY D 480 37.65 55.52 -39.03
C GLY D 480 37.32 54.30 -39.87
N THR D 481 37.07 53.15 -39.21
CA THR D 481 36.66 51.93 -39.93
C THR D 481 35.39 52.22 -40.70
N LYS D 482 35.34 51.77 -41.97
CA LYS D 482 34.18 52.00 -42.81
C LYS D 482 33.26 50.76 -42.90
N CYS D 483 31.96 51.00 -42.93
CA CYS D 483 31.00 49.90 -43.13
C CYS D 483 31.41 49.05 -44.34
N PHE D 484 31.47 47.75 -44.11
CA PHE D 484 32.02 46.78 -45.03
C PHE D 484 31.27 46.73 -46.35
N TYR D 485 30.16 47.47 -46.42
CA TYR D 485 29.32 47.44 -47.60
C TYR D 485 28.98 48.79 -48.18
N THR D 486 28.71 49.77 -47.32
CA THR D 486 28.26 51.09 -47.78
C THR D 486 29.41 52.07 -47.91
N GLY D 487 30.53 51.81 -47.24
CA GLY D 487 31.64 52.74 -47.20
C GLY D 487 31.40 53.83 -46.17
N LYS D 488 30.16 53.96 -45.71
CA LYS D 488 29.84 54.90 -44.64
C LYS D 488 30.59 54.50 -43.34
N PRO D 489 30.61 55.38 -42.33
CA PRO D 489 31.44 55.02 -41.17
C PRO D 489 30.81 53.97 -40.24
N ALA D 490 31.49 52.82 -40.11
CA ALA D 490 31.00 51.71 -39.28
C ALA D 490 30.72 52.11 -37.82
N LYS D 491 29.66 51.54 -37.25
CA LYS D 491 29.31 51.73 -35.84
C LYS D 491 29.79 50.59 -34.93
N ARG D 492 29.40 49.35 -35.27
CA ARG D 492 29.65 48.18 -34.43
C ARG D 492 29.85 46.90 -35.27
N TRP D 493 30.50 45.90 -34.69
CA TRP D 493 30.67 44.62 -35.39
C TRP D 493 29.35 43.87 -35.40
N THR D 494 28.98 43.36 -36.57
CA THR D 494 27.73 42.66 -36.74
C THR D 494 27.99 41.30 -37.36
N LEU D 495 27.32 40.28 -36.81
CA LEU D 495 27.46 38.90 -37.24
C LEU D 495 26.37 38.56 -38.27
N TRP D 496 26.79 38.02 -39.42
CA TRP D 496 25.89 37.80 -40.56
C TRP D 496 26.01 36.36 -41.04
N GLY D 497 24.99 35.86 -41.72
CA GLY D 497 25.07 34.53 -42.30
C GLY D 497 23.80 34.17 -43.04
N ARG D 498 23.81 33.02 -43.71
CA ARG D 498 22.55 32.38 -44.08
C ARG D 498 21.92 31.91 -42.74
N SER D 499 20.61 31.80 -42.72
CA SER D 499 19.95 31.54 -41.45
C SER D 499 18.76 30.64 -41.63
N TYR D 500 18.27 30.17 -40.51
CA TYR D 500 17.02 29.45 -40.42
C TYR D 500 15.87 30.42 -40.23
#